data_7JJ1
#
_entry.id   7JJ1
#
_cell.length_a   157.682
_cell.length_b   164.755
_cell.length_c   187.683
_cell.angle_alpha   90.000
_cell.angle_beta   90.000
_cell.angle_gamma   90.000
#
_symmetry.space_group_name_H-M   'C 2 2 21'
#
loop_
_entity.id
_entity.type
_entity.pdbx_description
1 polymer 'Cytochrome P450 51'
2 non-polymer 'PROTOPORPHYRIN IX CONTAINING FE'
3 non-polymer CETYL-TRIMETHYL-AMMONIUM
4 non-polymer IMIDAZOLE
5 water water
#
_entity_poly.entity_id   1
_entity_poly.type   'polypeptide(L)'
_entity_poly.pdbx_seq_one_letter_code
;MSHPPSNTPPVKPGGLPLLGHILEFGKNPHAFLMALRHEFGDVAEFRMFHQRMVLLTGSQASEAFYRAPDEVLDQGPAYR
IMTPIFGRGVVFDARIERKNQQLQMLMPALRDKPMRTYSEIIVAEVEAMLRDWKDAGTIDLLELTKELTIYTSSHCLLGA
EFRHELNTEFAGIYRDLEMGIQPIAYVFPNLPLPVFKRRDQARVRLQELVTQIMERRARSQERSTNVFQMLIDASYDDGS
KLTPHEITGMLIATIFAGHHTSSGTTAWVLIELLRRPEYLRRVRAEIDALFETHGRVTFESLRQMPQLENVIKEVLRLHP
PLILLMRKVMKDFEVQGMRIEAGKFVCAAPSVTHRIPELFPNPELFDPDRYTPERAEDKDLYGWQAFGGGRHKCSGNAFA
MFQIKAIVCVLLRNYEFELAAAPESYRDDYRKMVVEPASPCLIRYRRRDA
;
_entity_poly.pdbx_strand_id   A,B,C
#
# COMPACT_ATOMS: atom_id res chain seq x y z
N SER A 6 -16.67 5.55 -32.05
CA SER A 6 -17.11 6.91 -32.30
C SER A 6 -16.34 7.90 -31.42
N ASN A 7 -17.07 8.77 -30.75
CA ASN A 7 -16.51 9.73 -29.80
C ASN A 7 -16.56 9.15 -28.40
N THR A 8 -15.39 8.93 -27.81
CA THR A 8 -15.32 8.33 -26.49
C THR A 8 -15.58 9.40 -25.43
N PRO A 9 -15.91 8.99 -24.19
CA PRO A 9 -16.16 9.98 -23.14
C PRO A 9 -14.88 10.65 -22.70
N PRO A 10 -14.97 11.84 -22.10
CA PRO A 10 -13.76 12.54 -21.65
C PRO A 10 -13.13 11.86 -20.44
N VAL A 11 -11.80 11.87 -20.41
CA VAL A 11 -11.00 11.17 -19.41
C VAL A 11 -10.33 12.18 -18.49
N LYS A 12 -10.46 11.95 -17.18
CA LYS A 12 -9.82 12.82 -16.21
C LYS A 12 -8.30 12.78 -16.41
N PRO A 13 -7.63 13.93 -16.52
CA PRO A 13 -6.28 13.94 -17.12
C PRO A 13 -5.17 13.37 -16.25
N GLY A 14 -5.13 13.65 -14.95
CA GLY A 14 -4.04 13.14 -14.14
C GLY A 14 -4.37 11.97 -13.25
N GLY A 15 -3.36 11.19 -12.86
CA GLY A 15 -3.58 10.07 -11.97
C GLY A 15 -2.28 9.39 -11.62
N LEU A 16 -2.37 8.45 -10.62
CA LEU A 16 -1.25 7.56 -10.38
C LEU A 16 -1.38 6.28 -11.21
N PRO A 17 -0.25 5.68 -11.61
CA PRO A 17 -0.30 4.51 -12.51
C PRO A 17 -1.05 3.30 -11.97
N LEU A 18 -0.66 2.82 -10.78
CA LEU A 18 -1.35 1.67 -10.21
C LEU A 18 -2.68 2.04 -9.58
N LEU A 19 -2.81 3.26 -9.05
CA LEU A 19 -3.97 3.65 -8.26
C LEU A 19 -5.00 4.46 -9.04
N GLY A 20 -4.62 5.08 -10.16
CA GLY A 20 -5.55 5.96 -10.83
C GLY A 20 -5.86 7.18 -9.98
N HIS A 21 -7.16 7.45 -9.80
CA HIS A 21 -7.62 8.59 -9.01
C HIS A 21 -8.09 8.18 -7.62
N ILE A 22 -7.65 7.02 -7.12
CA ILE A 22 -8.28 6.47 -5.92
C ILE A 22 -7.99 7.35 -4.71
N LEU A 23 -6.85 8.04 -4.69
CA LEU A 23 -6.51 8.88 -3.54
C LEU A 23 -7.42 10.11 -3.48
N GLU A 24 -7.55 10.80 -4.61
CA GLU A 24 -8.47 11.93 -4.71
C GLU A 24 -9.89 11.49 -4.41
N PHE A 25 -10.27 10.30 -4.87
CA PHE A 25 -11.59 9.77 -4.59
C PHE A 25 -11.77 9.52 -3.10
N GLY A 26 -10.76 8.93 -2.44
CA GLY A 26 -10.88 8.60 -1.04
C GLY A 26 -10.97 9.82 -0.15
N LYS A 27 -10.32 10.92 -0.54
CA LYS A 27 -10.36 12.13 0.28
C LYS A 27 -11.81 12.56 0.53
N ASN A 28 -12.57 12.79 -0.53
CA ASN A 28 -14.02 13.00 -0.43
C ASN A 28 -14.66 12.46 -1.71
N PRO A 29 -15.27 11.26 -1.65
CA PRO A 29 -15.87 10.70 -2.88
C PRO A 29 -16.94 11.57 -3.49
N HIS A 30 -17.81 12.15 -2.66
CA HIS A 30 -18.85 13.02 -3.18
C HIS A 30 -18.26 14.22 -3.90
N ALA A 31 -17.22 14.81 -3.32
CA ALA A 31 -16.56 15.94 -3.96
C ALA A 31 -15.91 15.54 -5.26
N PHE A 32 -15.26 14.36 -5.29
CA PHE A 32 -14.65 13.88 -6.52
C PHE A 32 -15.67 13.75 -7.64
N LEU A 33 -16.81 13.14 -7.35
CA LEU A 33 -17.81 12.91 -8.38
C LEU A 33 -18.45 14.22 -8.84
N MET A 34 -18.77 15.11 -7.88
CA MET A 34 -19.23 16.45 -8.20
C MET A 34 -18.25 17.14 -9.16
N ALA A 35 -16.96 17.04 -8.86
CA ALA A 35 -15.96 17.73 -9.67
C ALA A 35 -15.85 17.14 -11.07
N LEU A 36 -15.92 15.81 -11.19
CA LEU A 36 -15.93 15.22 -12.53
C LEU A 36 -17.12 15.72 -13.34
N ARG A 37 -18.30 15.74 -12.74
CA ARG A 37 -19.44 16.25 -13.51
C ARG A 37 -19.20 17.69 -13.92
N HIS A 38 -18.79 18.54 -12.97
CA HIS A 38 -18.58 19.96 -13.25
C HIS A 38 -17.56 20.18 -14.36
N GLU A 39 -16.52 19.35 -14.43
CA GLU A 39 -15.46 19.61 -15.41
C GLU A 39 -15.66 18.90 -16.74
N PHE A 40 -16.36 17.77 -16.76
CA PHE A 40 -16.43 16.97 -17.98
C PHE A 40 -17.85 16.69 -18.46
N GLY A 41 -18.83 16.54 -17.58
CA GLY A 41 -20.18 16.48 -18.08
C GLY A 41 -20.94 15.25 -17.61
N ASP A 42 -22.01 14.95 -18.34
CA ASP A 42 -22.93 13.87 -17.95
C ASP A 42 -22.27 12.50 -18.02
N VAL A 43 -21.33 12.33 -18.95
CA VAL A 43 -20.63 11.07 -19.16
C VAL A 43 -19.14 11.37 -19.03
N ALA A 44 -18.53 10.94 -17.92
CA ALA A 44 -17.14 11.33 -17.67
C ALA A 44 -16.34 10.19 -17.06
N GLU A 45 -15.13 9.98 -17.56
CA GLU A 45 -14.36 8.77 -17.24
C GLU A 45 -13.20 9.12 -16.31
N PHE A 46 -13.07 8.34 -15.23
CA PHE A 46 -11.93 8.37 -14.33
C PHE A 46 -11.41 6.95 -14.17
N ARG A 47 -10.38 6.78 -13.34
CA ARG A 47 -9.75 5.49 -13.13
C ARG A 47 -9.64 5.20 -11.64
N MET A 48 -10.07 4.00 -11.24
CA MET A 48 -9.81 3.48 -9.90
C MET A 48 -8.88 2.29 -10.07
N PHE A 49 -7.66 2.41 -9.53
CA PHE A 49 -6.62 1.41 -9.72
C PHE A 49 -6.39 1.25 -11.22
N HIS A 50 -6.55 0.05 -11.78
CA HIS A 50 -6.35 -0.19 -13.20
CA HIS A 50 -6.35 -0.14 -13.19
C HIS A 50 -7.65 -0.21 -13.97
N GLN A 51 -8.78 0.02 -13.31
CA GLN A 51 -10.09 -0.05 -13.94
C GLN A 51 -10.59 1.34 -14.30
N ARG A 52 -11.31 1.41 -15.41
CA ARG A 52 -11.82 2.67 -15.96
C ARG A 52 -13.33 2.75 -15.72
N MET A 53 -13.75 3.75 -14.95
CA MET A 53 -15.15 3.99 -14.62
C MET A 53 -15.67 5.22 -15.33
N VAL A 54 -16.90 5.12 -15.81
CA VAL A 54 -17.57 6.21 -16.50
C VAL A 54 -18.76 6.61 -15.63
N LEU A 55 -18.69 7.82 -15.09
CA LEU A 55 -19.77 8.37 -14.28
C LEU A 55 -20.85 8.89 -15.20
N LEU A 56 -22.07 8.41 -14.97
CA LEU A 56 -23.26 8.79 -15.72
C LEU A 56 -24.15 9.59 -14.79
N THR A 57 -24.29 10.88 -15.08
CA THR A 57 -25.05 11.79 -14.25
C THR A 57 -26.04 12.57 -15.11
N GLY A 58 -27.13 12.99 -14.50
CA GLY A 58 -28.22 13.59 -15.24
C GLY A 58 -29.29 12.56 -15.61
N SER A 59 -30.48 13.08 -15.92
CA SER A 59 -31.61 12.21 -16.19
C SER A 59 -31.34 11.29 -17.37
N GLN A 60 -30.74 11.83 -18.43
CA GLN A 60 -30.49 11.04 -19.65
C GLN A 60 -29.55 9.87 -19.37
N ALA A 61 -28.36 10.17 -18.84
CA ALA A 61 -27.39 9.13 -18.55
C ALA A 61 -27.90 8.16 -17.50
N SER A 62 -28.69 8.65 -16.53
CA SER A 62 -29.26 7.75 -15.52
C SER A 62 -30.28 6.80 -16.15
N GLU A 63 -31.08 7.31 -17.09
CA GLU A 63 -31.96 6.43 -17.85
C GLU A 63 -31.17 5.36 -18.57
N ALA A 64 -30.07 5.76 -19.22
CA ALA A 64 -29.21 4.79 -19.89
C ALA A 64 -28.72 3.72 -18.92
N PHE A 65 -28.25 4.14 -17.75
CA PHE A 65 -27.73 3.20 -16.75
C PHE A 65 -28.81 2.24 -16.27
N TYR A 66 -29.89 2.78 -15.67
CA TYR A 66 -30.89 1.93 -15.03
C TYR A 66 -31.65 1.09 -16.04
N ARG A 67 -31.89 1.61 -17.25
CA ARG A 67 -32.66 0.93 -18.27
C ARG A 67 -31.88 -0.15 -19.00
N ALA A 68 -30.57 -0.23 -18.78
CA ALA A 68 -29.75 -1.18 -19.52
C ALA A 68 -30.02 -2.60 -19.05
N PRO A 69 -30.01 -3.58 -19.96
CA PRO A 69 -30.27 -4.96 -19.56
C PRO A 69 -29.08 -5.59 -18.87
N ASP A 70 -29.36 -6.68 -18.14
CA ASP A 70 -28.30 -7.41 -17.43
C ASP A 70 -27.24 -7.95 -18.36
N GLU A 71 -27.62 -8.27 -19.59
CA GLU A 71 -26.66 -8.73 -20.59
C GLU A 71 -25.72 -7.61 -21.03
N VAL A 72 -26.09 -6.36 -20.79
CA VAL A 72 -25.24 -5.22 -21.12
C VAL A 72 -24.42 -4.78 -19.92
N LEU A 73 -25.04 -4.68 -18.74
CA LEU A 73 -24.39 -4.19 -17.54
C LEU A 73 -24.45 -5.27 -16.46
N ASP A 74 -23.28 -5.79 -16.08
CA ASP A 74 -23.17 -6.85 -15.09
C ASP A 74 -22.96 -6.29 -13.69
N GLN A 75 -23.81 -6.73 -12.76
CA GLN A 75 -23.72 -6.43 -11.34
C GLN A 75 -22.74 -7.29 -10.58
N GLY A 76 -22.14 -8.29 -11.22
CA GLY A 76 -21.33 -9.26 -10.52
C GLY A 76 -20.08 -8.72 -9.84
N PRO A 77 -19.17 -8.14 -10.63
CA PRO A 77 -17.85 -7.81 -10.07
C PRO A 77 -17.89 -6.81 -8.93
N ALA A 78 -18.83 -5.87 -8.95
CA ALA A 78 -18.91 -4.88 -7.87
C ALA A 78 -19.12 -5.54 -6.52
N TYR A 79 -19.76 -6.71 -6.48
CA TYR A 79 -20.05 -7.40 -5.24
C TYR A 79 -19.02 -8.47 -4.90
N ARG A 80 -17.85 -8.44 -5.54
CA ARG A 80 -16.89 -9.52 -5.34
C ARG A 80 -16.45 -9.63 -3.88
N ILE A 81 -16.32 -8.50 -3.17
CA ILE A 81 -15.90 -8.54 -1.77
C ILE A 81 -16.94 -9.24 -0.90
N MET A 82 -18.22 -9.17 -1.26
CA MET A 82 -19.26 -9.74 -0.43
C MET A 82 -19.45 -11.24 -0.68
N THR A 83 -18.82 -11.80 -1.71
CA THR A 83 -19.04 -13.21 -2.02
C THR A 83 -18.71 -14.15 -0.87
N PRO A 84 -17.60 -14.00 -0.13
CA PRO A 84 -17.38 -14.88 1.03
C PRO A 84 -18.45 -14.79 2.10
N ILE A 85 -19.23 -13.72 2.17
CA ILE A 85 -20.33 -13.62 3.13
C ILE A 85 -21.61 -14.17 2.56
N PHE A 86 -21.96 -13.76 1.35
CA PHE A 86 -23.20 -14.21 0.73
C PHE A 86 -23.16 -15.71 0.44
N GLY A 87 -22.11 -16.18 -0.21
CA GLY A 87 -22.00 -17.58 -0.55
C GLY A 87 -21.62 -17.78 -2.00
N ARG A 88 -21.21 -19.00 -2.35
CA ARG A 88 -20.62 -19.24 -3.66
C ARG A 88 -21.61 -18.93 -4.79
N GLY A 89 -22.75 -19.62 -4.80
CA GLY A 89 -23.68 -19.51 -5.91
C GLY A 89 -24.90 -18.64 -5.65
N VAL A 90 -24.86 -17.85 -4.57
CA VAL A 90 -25.96 -16.97 -4.22
C VAL A 90 -25.78 -15.65 -4.96
N VAL A 91 -26.88 -14.91 -5.05
CA VAL A 91 -27.02 -13.60 -5.69
C VAL A 91 -25.71 -12.91 -6.05
N PHE A 92 -25.64 -12.41 -7.28
CA PHE A 92 -24.52 -11.72 -7.90
C PHE A 92 -23.31 -12.58 -8.21
N ASP A 93 -23.12 -13.73 -7.56
CA ASP A 93 -22.07 -14.63 -8.01
C ASP A 93 -22.62 -15.81 -8.78
N ALA A 94 -23.93 -15.83 -9.02
CA ALA A 94 -24.58 -16.82 -9.86
C ALA A 94 -24.73 -16.25 -11.26
N ARG A 95 -25.10 -17.12 -12.21
CA ARG A 95 -25.38 -16.63 -13.55
C ARG A 95 -26.68 -15.84 -13.54
N ILE A 96 -26.84 -14.98 -14.55
CA ILE A 96 -27.88 -13.95 -14.56
C ILE A 96 -29.25 -14.55 -14.22
N GLU A 97 -29.59 -15.68 -14.85
CA GLU A 97 -30.90 -16.28 -14.65
C GLU A 97 -31.13 -16.65 -13.19
N ARG A 98 -30.20 -17.42 -12.61
CA ARG A 98 -30.37 -17.85 -11.22
C ARG A 98 -30.36 -16.67 -10.25
N LYS A 99 -29.45 -15.71 -10.48
CA LYS A 99 -29.43 -14.49 -9.69
C LYS A 99 -30.80 -13.83 -9.65
N ASN A 100 -31.34 -13.52 -10.83
CA ASN A 100 -32.61 -12.80 -10.89
C ASN A 100 -33.75 -13.62 -10.31
N GLN A 101 -33.73 -14.94 -10.48
CA GLN A 101 -34.77 -15.78 -9.87
C GLN A 101 -34.72 -15.69 -8.35
N GLN A 102 -33.51 -15.71 -7.77
CA GLN A 102 -33.39 -15.59 -6.31
C GLN A 102 -33.86 -14.21 -5.83
N LEU A 103 -33.48 -13.16 -6.55
CA LEU A 103 -33.90 -11.81 -6.17
C LEU A 103 -35.42 -11.68 -6.24
N GLN A 104 -36.03 -12.25 -7.27
CA GLN A 104 -37.48 -12.23 -7.38
C GLN A 104 -38.12 -13.00 -6.24
N MET A 105 -37.49 -14.10 -5.82
CA MET A 105 -37.96 -14.79 -4.62
C MET A 105 -37.94 -13.84 -3.42
N LEU A 106 -36.91 -12.99 -3.34
CA LEU A 106 -36.84 -12.03 -2.24
C LEU A 106 -37.98 -11.03 -2.28
N MET A 107 -38.38 -10.59 -3.48
CA MET A 107 -39.28 -9.44 -3.60
C MET A 107 -40.57 -9.52 -2.79
N PRO A 108 -41.39 -10.58 -2.86
CA PRO A 108 -42.71 -10.50 -2.20
C PRO A 108 -42.64 -10.31 -0.68
N ALA A 109 -41.72 -11.01 -0.02
CA ALA A 109 -41.62 -10.94 1.44
C ALA A 109 -41.28 -9.55 1.94
N LEU A 110 -40.94 -8.62 1.05
CA LEU A 110 -40.51 -7.29 1.44
C LEU A 110 -41.52 -6.23 1.02
N ARG A 111 -42.74 -6.63 0.71
CA ARG A 111 -43.72 -5.63 0.31
C ARG A 111 -45.13 -6.16 0.50
N ASP A 112 -46.07 -5.23 0.68
CA ASP A 112 -47.51 -5.46 0.70
C ASP A 112 -48.02 -6.13 1.97
N LYS A 113 -48.51 -7.37 1.84
CA LYS A 113 -49.19 -8.03 2.96
C LYS A 113 -48.32 -8.28 4.19
N PRO A 114 -47.10 -8.79 4.11
CA PRO A 114 -46.30 -8.98 5.34
C PRO A 114 -46.01 -7.70 6.12
N MET A 115 -46.15 -6.54 5.49
CA MET A 115 -45.81 -5.28 6.14
C MET A 115 -46.63 -5.05 7.41
N ARG A 116 -47.91 -5.44 7.40
CA ARG A 116 -48.75 -5.19 8.56
C ARG A 116 -48.27 -6.00 9.76
N THR A 117 -47.83 -7.24 9.54
CA THR A 117 -47.25 -8.01 10.65
C THR A 117 -45.90 -7.42 11.08
N TYR A 118 -45.12 -6.92 10.11
CA TYR A 118 -43.86 -6.26 10.45
C TYR A 118 -44.08 -5.03 11.34
N SER A 119 -45.19 -4.32 11.12
CA SER A 119 -45.46 -3.04 11.77
C SER A 119 -45.55 -3.19 13.28
N GLU A 120 -46.37 -4.14 13.75
CA GLU A 120 -46.55 -4.36 15.17
C GLU A 120 -45.22 -4.59 15.88
N ILE A 121 -44.37 -5.44 15.30
CA ILE A 121 -43.13 -5.76 15.98
C ILE A 121 -42.16 -4.59 15.93
N ILE A 122 -42.15 -3.82 14.85
CA ILE A 122 -41.27 -2.64 14.80
C ILE A 122 -41.65 -1.67 15.92
N VAL A 123 -42.94 -1.35 16.03
CA VAL A 123 -43.41 -0.45 17.07
C VAL A 123 -43.11 -1.04 18.45
N ALA A 124 -43.32 -2.34 18.62
CA ALA A 124 -43.09 -2.98 19.90
C ALA A 124 -41.62 -2.92 20.31
N GLU A 125 -40.71 -3.14 19.36
CA GLU A 125 -39.29 -3.07 19.66
C GLU A 125 -38.88 -1.67 20.10
N VAL A 126 -39.36 -0.64 19.37
CA VAL A 126 -39.00 0.72 19.76
C VAL A 126 -39.56 1.05 21.15
N GLU A 127 -40.81 0.69 21.40
CA GLU A 127 -41.41 0.89 22.71
C GLU A 127 -40.60 0.18 23.80
N ALA A 128 -40.22 -1.08 23.55
CA ALA A 128 -39.44 -1.83 24.53
C ALA A 128 -38.15 -1.11 24.87
N MET A 129 -37.43 -0.63 23.86
CA MET A 129 -36.20 0.11 24.14
C MET A 129 -36.50 1.38 24.94
N LEU A 130 -37.57 2.10 24.60
CA LEU A 130 -37.93 3.30 25.35
C LEU A 130 -38.24 3.00 26.82
N ARG A 131 -38.83 1.84 27.12
CA ARG A 131 -39.26 1.59 28.50
C ARG A 131 -38.10 1.51 29.48
N ASP A 132 -36.98 0.90 29.08
CA ASP A 132 -35.87 0.70 30.00
C ASP A 132 -34.84 1.82 29.99
N TRP A 133 -34.98 2.83 29.13
CA TRP A 133 -34.14 4.01 29.26
C TRP A 133 -34.46 4.79 30.53
N LYS A 134 -33.48 5.60 30.95
CA LYS A 134 -33.72 6.61 31.97
C LYS A 134 -34.52 7.76 31.37
N ASP A 135 -35.04 8.63 32.24
CA ASP A 135 -35.95 9.68 31.81
C ASP A 135 -35.31 10.65 30.83
N ALA A 136 -34.02 10.96 31.01
CA ALA A 136 -33.34 11.90 30.14
C ALA A 136 -31.87 11.53 30.05
N GLY A 137 -31.23 11.94 28.96
CA GLY A 137 -29.82 11.64 28.82
C GLY A 137 -29.29 12.06 27.47
N THR A 138 -28.03 11.66 27.22
CA THR A 138 -27.33 11.92 25.98
C THR A 138 -26.97 10.59 25.35
N ILE A 139 -27.35 10.41 24.09
CA ILE A 139 -27.06 9.19 23.35
C ILE A 139 -26.47 9.56 22.00
N ASP A 140 -25.95 8.54 21.32
CA ASP A 140 -25.52 8.68 19.93
C ASP A 140 -26.69 8.29 19.05
N LEU A 141 -27.11 9.21 18.17
CA LEU A 141 -28.34 8.97 17.42
C LEU A 141 -28.15 7.81 16.46
N LEU A 142 -27.02 7.79 15.76
CA LEU A 142 -26.74 6.72 14.81
C LEU A 142 -26.58 5.38 15.51
N GLU A 143 -25.94 5.35 16.68
CA GLU A 143 -25.83 4.12 17.45
C GLU A 143 -27.22 3.57 17.77
N LEU A 144 -28.13 4.46 18.20
CA LEU A 144 -29.50 4.07 18.49
C LEU A 144 -30.19 3.52 17.25
N THR A 145 -30.10 4.23 16.12
CA THR A 145 -30.81 3.79 14.93
C THR A 145 -30.25 2.50 14.39
N LYS A 146 -28.93 2.30 14.48
CA LYS A 146 -28.34 1.04 14.04
C LYS A 146 -28.85 -0.12 14.90
N GLU A 147 -28.88 0.07 16.22
CA GLU A 147 -29.41 -0.99 17.09
C GLU A 147 -30.88 -1.27 16.79
N LEU A 148 -31.69 -0.21 16.70
CA LEU A 148 -33.11 -0.38 16.43
C LEU A 148 -33.36 -1.08 15.10
N THR A 149 -32.70 -0.61 14.03
CA THR A 149 -32.96 -1.18 12.71
C THR A 149 -32.45 -2.62 12.62
N ILE A 150 -31.30 -2.92 13.23
CA ILE A 150 -30.85 -4.31 13.18
C ILE A 150 -31.81 -5.21 13.94
N TYR A 151 -32.25 -4.79 15.13
CA TYR A 151 -33.19 -5.60 15.89
C TYR A 151 -34.50 -5.80 15.12
N THR A 152 -35.09 -4.70 14.64
CA THR A 152 -36.40 -4.80 14.00
C THR A 152 -36.33 -5.55 12.68
N SER A 153 -35.28 -5.32 11.88
CA SER A 153 -35.18 -6.01 10.61
C SER A 153 -34.81 -7.48 10.80
N SER A 154 -33.99 -7.81 11.81
CA SER A 154 -33.73 -9.21 12.08
C SER A 154 -35.02 -9.91 12.51
N HIS A 155 -35.81 -9.27 13.37
CA HIS A 155 -37.05 -9.89 13.80
C HIS A 155 -37.99 -10.07 12.62
N CYS A 156 -38.20 -9.00 11.84
CA CYS A 156 -39.18 -9.00 10.75
C CYS A 156 -38.80 -9.98 9.66
N LEU A 157 -37.54 -9.95 9.24
CA LEU A 157 -37.12 -10.65 8.03
C LEU A 157 -36.56 -12.04 8.32
N LEU A 158 -35.83 -12.20 9.42
CA LEU A 158 -35.23 -13.47 9.77
C LEU A 158 -36.18 -14.30 10.64
N GLY A 159 -36.85 -13.69 11.61
CA GLY A 159 -37.76 -14.43 12.47
C GLY A 159 -37.53 -14.12 13.93
N ALA A 160 -38.51 -14.53 14.74
CA ALA A 160 -38.47 -14.27 16.18
C ALA A 160 -37.34 -15.05 16.86
N GLU A 161 -36.92 -16.17 16.27
CA GLU A 161 -35.85 -16.97 16.89
C GLU A 161 -34.57 -16.16 17.01
N PHE A 162 -34.29 -15.31 16.01
CA PHE A 162 -33.04 -14.56 15.99
C PHE A 162 -33.04 -13.40 16.96
N ARG A 163 -34.20 -12.77 17.19
CA ARG A 163 -34.28 -11.68 18.15
C ARG A 163 -34.38 -12.17 19.59
N HIS A 164 -34.75 -13.44 19.80
CA HIS A 164 -34.96 -13.94 21.16
C HIS A 164 -33.95 -15.00 21.58
N GLU A 165 -34.14 -16.24 21.12
CA GLU A 165 -33.32 -17.34 21.65
C GLU A 165 -31.87 -17.24 21.17
N LEU A 166 -31.66 -17.06 19.87
CA LEU A 166 -30.32 -17.02 19.30
C LEU A 166 -29.74 -15.60 19.23
N ASN A 167 -30.30 -14.65 19.96
CA ASN A 167 -29.90 -13.24 19.78
C ASN A 167 -28.41 -13.04 20.03
N THR A 168 -27.86 -13.62 21.11
CA THR A 168 -26.46 -13.42 21.44
C THR A 168 -25.54 -13.95 20.35
N GLU A 169 -25.73 -15.23 19.97
CA GLU A 169 -24.88 -15.82 18.94
C GLU A 169 -25.03 -15.08 17.61
N PHE A 170 -26.25 -14.65 17.28
CA PHE A 170 -26.42 -13.93 16.02
C PHE A 170 -25.75 -12.57 16.06
N ALA A 171 -25.82 -11.86 17.18
CA ALA A 171 -25.09 -10.61 17.31
C ALA A 171 -23.60 -10.82 17.06
N GLY A 172 -23.05 -11.88 17.65
CA GLY A 172 -21.65 -12.18 17.43
C GLY A 172 -21.35 -12.49 15.97
N ILE A 173 -22.17 -13.34 15.36
CA ILE A 173 -21.96 -13.75 13.97
C ILE A 173 -22.07 -12.55 13.04
N TYR A 174 -23.02 -11.65 13.32
CA TYR A 174 -23.19 -10.47 12.47
C TYR A 174 -22.00 -9.53 12.58
N ARG A 175 -21.51 -9.28 13.80
CA ARG A 175 -20.35 -8.39 13.88
C ARG A 175 -19.14 -9.03 13.21
N ASP A 176 -18.98 -10.35 13.31
CA ASP A 176 -17.85 -10.99 12.65
C ASP A 176 -17.96 -10.88 11.13
N LEU A 177 -19.16 -11.13 10.60
CA LEU A 177 -19.37 -11.00 9.16
C LEU A 177 -19.12 -9.58 8.69
N GLU A 178 -19.62 -8.59 9.44
CA GLU A 178 -19.44 -7.20 9.03
C GLU A 178 -17.98 -6.81 9.09
N MET A 179 -17.26 -7.25 10.13
CA MET A 179 -15.82 -7.01 10.20
C MET A 179 -15.09 -7.68 9.05
N GLY A 180 -15.70 -8.70 8.43
CA GLY A 180 -15.10 -9.32 7.26
C GLY A 180 -15.19 -8.52 5.98
N ILE A 181 -16.03 -7.48 5.96
CA ILE A 181 -16.22 -6.64 4.76
C ILE A 181 -15.15 -5.55 4.78
N GLN A 182 -13.95 -5.87 4.36
CA GLN A 182 -12.87 -4.87 4.42
C GLN A 182 -12.53 -4.41 3.02
N PRO A 183 -12.26 -3.11 2.82
CA PRO A 183 -11.86 -2.56 1.52
C PRO A 183 -10.57 -3.08 0.89
N ILE A 184 -9.56 -3.37 1.70
CA ILE A 184 -8.28 -3.92 1.20
C ILE A 184 -8.57 -5.02 0.19
N ALA A 185 -9.69 -5.70 0.32
CA ALA A 185 -9.97 -6.80 -0.60
C ALA A 185 -10.23 -6.32 -2.01
N TYR A 186 -10.60 -5.04 -2.18
CA TYR A 186 -10.64 -4.45 -3.52
C TYR A 186 -9.26 -4.47 -4.17
N VAL A 187 -8.21 -4.21 -3.39
CA VAL A 187 -6.86 -4.07 -3.91
C VAL A 187 -6.22 -5.44 -4.04
N PHE A 188 -6.02 -6.11 -2.89
CA PHE A 188 -5.51 -7.48 -2.85
C PHE A 188 -6.66 -8.40 -2.49
N PRO A 189 -7.39 -8.93 -3.47
CA PRO A 189 -8.30 -10.04 -3.17
C PRO A 189 -7.49 -11.25 -2.71
N ASN A 190 -8.20 -12.24 -2.17
CA ASN A 190 -7.62 -13.45 -1.60
C ASN A 190 -6.35 -13.17 -0.77
N LEU A 191 -6.36 -12.08 0.01
CA LEU A 191 -5.33 -11.93 1.03
C LEU A 191 -5.79 -12.60 2.32
N PRO A 192 -4.95 -13.44 2.94
CA PRO A 192 -5.36 -14.07 4.22
C PRO A 192 -5.34 -13.05 5.35
N LEU A 193 -6.48 -12.92 6.04
CA LEU A 193 -6.63 -12.01 7.17
C LEU A 193 -7.37 -12.72 8.30
N PRO A 194 -6.95 -12.50 9.55
CA PRO A 194 -7.67 -13.10 10.68
C PRO A 194 -9.15 -12.73 10.74
N VAL A 195 -9.48 -11.48 10.39
CA VAL A 195 -10.88 -11.07 10.35
C VAL A 195 -11.62 -11.89 9.30
N PHE A 196 -10.93 -12.26 8.22
CA PHE A 196 -11.55 -13.10 7.19
C PHE A 196 -11.79 -14.51 7.71
N LYS A 197 -10.83 -15.05 8.47
CA LYS A 197 -11.05 -16.35 9.09
C LYS A 197 -12.28 -16.34 9.99
N ARG A 198 -12.44 -15.29 10.79
CA ARG A 198 -13.58 -15.26 11.70
C ARG A 198 -14.88 -15.03 10.95
N ARG A 199 -14.84 -14.27 9.85
CA ARG A 199 -16.01 -14.10 9.00
C ARG A 199 -16.47 -15.44 8.42
N ASP A 200 -15.53 -16.20 7.86
CA ASP A 200 -15.87 -17.49 7.28
C ASP A 200 -16.47 -18.43 8.31
N GLN A 201 -15.86 -18.48 9.50
CA GLN A 201 -16.41 -19.32 10.57
C GLN A 201 -17.81 -18.86 10.96
N ALA A 202 -18.04 -17.54 10.99
CA ALA A 202 -19.36 -17.02 11.30
C ALA A 202 -20.39 -17.47 10.28
N ARG A 203 -20.01 -17.45 8.99
CA ARG A 203 -20.95 -17.89 7.95
C ARG A 203 -21.28 -19.37 8.11
N VAL A 204 -20.27 -20.20 8.42
CA VAL A 204 -20.54 -21.62 8.67
C VAL A 204 -21.55 -21.78 9.81
N ARG A 205 -21.34 -21.06 10.91
CA ARG A 205 -22.24 -21.21 12.05
C ARG A 205 -23.64 -20.72 11.73
N LEU A 206 -23.76 -19.64 10.95
CA LEU A 206 -25.08 -19.13 10.61
C LEU A 206 -25.81 -20.11 9.70
N GLN A 207 -25.09 -20.77 8.80
CA GLN A 207 -25.73 -21.80 7.98
C GLN A 207 -26.22 -22.96 8.84
N GLU A 208 -25.43 -23.34 9.86
CA GLU A 208 -25.88 -24.37 10.78
C GLU A 208 -27.18 -23.95 11.49
N LEU A 209 -27.23 -22.69 11.93
CA LEU A 209 -28.44 -22.21 12.60
C LEU A 209 -29.64 -22.21 11.68
N VAL A 210 -29.45 -21.78 10.43
CA VAL A 210 -30.52 -21.80 9.44
C VAL A 210 -31.03 -23.22 9.22
N THR A 211 -30.12 -24.19 9.11
CA THR A 211 -30.53 -25.57 8.93
C THR A 211 -31.38 -26.07 10.11
N GLN A 212 -30.90 -25.80 11.32
CA GLN A 212 -31.64 -26.21 12.51
C GLN A 212 -33.04 -25.60 12.53
N ILE A 213 -33.14 -24.29 12.27
CA ILE A 213 -34.43 -23.63 12.32
C ILE A 213 -35.36 -24.16 11.24
N MET A 214 -34.81 -24.48 10.05
CA MET A 214 -35.63 -25.09 9.01
C MET A 214 -36.23 -26.42 9.48
N GLU A 215 -35.39 -27.27 10.10
CA GLU A 215 -35.89 -28.55 10.58
C GLU A 215 -37.00 -28.37 11.63
N ARG A 216 -36.78 -27.44 12.57
CA ARG A 216 -37.78 -27.24 13.62
C ARG A 216 -39.07 -26.65 13.06
N ARG A 217 -38.95 -25.79 12.05
CA ARG A 217 -40.14 -25.19 11.44
C ARG A 217 -40.89 -26.22 10.61
N ALA A 218 -40.16 -27.21 10.07
CA ALA A 218 -40.84 -28.33 9.42
C ALA A 218 -41.63 -29.13 10.46
N ARG A 219 -41.08 -29.29 11.66
CA ARG A 219 -41.85 -29.94 12.72
C ARG A 219 -43.12 -29.16 13.03
N SER A 220 -43.01 -27.86 13.27
CA SER A 220 -44.22 -27.08 13.58
C SER A 220 -45.07 -26.87 12.33
N SER A 224 -45.16 -18.62 10.32
CA SER A 224 -44.75 -17.26 10.66
C SER A 224 -44.48 -16.45 9.40
N THR A 225 -44.73 -15.14 9.48
CA THR A 225 -44.54 -14.23 8.36
C THR A 225 -43.14 -13.62 8.42
N ASN A 226 -42.26 -14.05 7.52
CA ASN A 226 -40.89 -13.55 7.47
C ASN A 226 -40.18 -14.08 6.24
N VAL A 227 -39.14 -13.34 5.82
CA VAL A 227 -38.37 -13.69 4.63
C VAL A 227 -37.78 -15.09 4.76
N PHE A 228 -37.39 -15.49 5.97
CA PHE A 228 -36.87 -16.83 6.18
C PHE A 228 -37.87 -17.86 5.68
N GLN A 229 -39.13 -17.74 6.12
CA GLN A 229 -40.14 -18.71 5.73
C GLN A 229 -40.49 -18.59 4.26
N MET A 230 -40.56 -17.37 3.74
CA MET A 230 -40.86 -17.21 2.32
C MET A 230 -39.80 -17.88 1.45
N LEU A 231 -38.54 -17.91 1.91
CA LEU A 231 -37.52 -18.65 1.17
C LEU A 231 -37.63 -20.16 1.39
N ILE A 232 -38.10 -20.60 2.57
CA ILE A 232 -38.35 -22.03 2.75
C ILE A 232 -39.42 -22.51 1.80
N ASP A 233 -40.49 -21.73 1.64
CA ASP A 233 -41.64 -22.12 0.85
C ASP A 233 -41.48 -21.79 -0.63
N ALA A 234 -40.39 -21.11 -1.00
CA ALA A 234 -40.19 -20.74 -2.39
C ALA A 234 -39.52 -21.86 -3.16
N SER A 235 -39.73 -21.87 -4.47
CA SER A 235 -39.18 -22.89 -5.37
C SER A 235 -38.80 -22.23 -6.68
N TYR A 236 -37.87 -22.85 -7.39
CA TYR A 236 -37.39 -22.32 -8.66
C TYR A 236 -38.45 -22.56 -9.74
N ASP A 237 -38.12 -22.23 -10.99
CA ASP A 237 -38.99 -22.62 -12.10
C ASP A 237 -39.04 -24.15 -12.20
N ASP A 238 -37.91 -24.79 -11.97
CA ASP A 238 -37.90 -26.22 -11.67
C ASP A 238 -38.40 -26.42 -10.24
N GLY A 239 -38.89 -27.62 -9.96
CA GLY A 239 -39.35 -27.90 -8.62
C GLY A 239 -38.27 -27.87 -7.55
N SER A 240 -37.03 -27.61 -7.92
CA SER A 240 -35.93 -27.59 -6.95
C SER A 240 -36.16 -26.51 -5.91
N LYS A 241 -35.81 -26.84 -4.67
CA LYS A 241 -35.97 -25.97 -3.52
C LYS A 241 -34.62 -25.34 -3.18
N LEU A 242 -34.65 -24.26 -2.41
CA LEU A 242 -33.42 -23.57 -2.06
C LEU A 242 -32.66 -24.35 -1.00
N THR A 243 -31.34 -24.47 -1.19
CA THR A 243 -30.48 -25.13 -0.23
C THR A 243 -30.32 -24.26 1.02
N PRO A 244 -29.93 -24.85 2.14
CA PRO A 244 -29.63 -24.02 3.32
C PRO A 244 -28.51 -23.02 3.07
N HIS A 245 -27.52 -23.38 2.26
CA HIS A 245 -26.49 -22.43 1.84
C HIS A 245 -27.10 -21.22 1.15
N GLU A 246 -27.97 -21.47 0.16
CA GLU A 246 -28.58 -20.37 -0.58
C GLU A 246 -29.47 -19.52 0.34
N ILE A 247 -30.24 -20.16 1.22
CA ILE A 247 -31.14 -19.42 2.09
C ILE A 247 -30.36 -18.54 3.07
N THR A 248 -29.34 -19.12 3.73
CA THR A 248 -28.53 -18.31 4.64
C THR A 248 -27.88 -17.15 3.90
N GLY A 249 -27.37 -17.39 2.70
CA GLY A 249 -26.75 -16.30 1.95
C GLY A 249 -27.71 -15.18 1.61
N MET A 250 -28.88 -15.54 1.08
CA MET A 250 -29.84 -14.52 0.66
C MET A 250 -30.35 -13.73 1.87
N LEU A 251 -30.57 -14.43 2.99
CA LEU A 251 -31.04 -13.75 4.19
C LEU A 251 -30.00 -12.76 4.72
N ILE A 252 -28.74 -13.21 4.80
CA ILE A 252 -27.72 -12.30 5.31
C ILE A 252 -27.51 -11.14 4.34
N ALA A 253 -27.74 -11.37 3.05
CA ALA A 253 -27.64 -10.28 2.08
C ALA A 253 -28.73 -9.24 2.31
N THR A 254 -29.95 -9.67 2.59
CA THR A 254 -31.01 -8.71 2.86
C THR A 254 -30.76 -7.94 4.17
N ILE A 255 -30.33 -8.66 5.21
CA ILE A 255 -30.02 -8.03 6.49
C ILE A 255 -28.95 -6.96 6.32
N PHE A 256 -27.88 -7.28 5.59
CA PHE A 256 -26.83 -6.30 5.35
C PHE A 256 -27.33 -5.15 4.48
N ALA A 257 -28.16 -5.45 3.50
CA ALA A 257 -28.66 -4.41 2.60
C ALA A 257 -29.44 -3.35 3.35
N GLY A 258 -30.23 -3.74 4.35
CA GLY A 258 -31.11 -2.73 4.92
C GLY A 258 -30.62 -2.02 6.17
N HIS A 259 -29.56 -2.55 6.79
CA HIS A 259 -29.17 -2.11 8.13
C HIS A 259 -28.65 -0.68 8.10
N HIS A 260 -27.48 -0.45 7.51
CA HIS A 260 -26.87 0.88 7.58
C HIS A 260 -27.65 1.89 6.73
N THR A 261 -28.20 1.47 5.59
CA THR A 261 -29.01 2.38 4.79
C THR A 261 -30.18 2.93 5.59
N SER A 262 -31.02 2.02 6.13
CA SER A 262 -32.19 2.48 6.86
C SER A 262 -31.80 3.25 8.11
N SER A 263 -30.77 2.78 8.83
CA SER A 263 -30.34 3.46 10.05
C SER A 263 -29.87 4.88 9.75
N GLY A 264 -29.02 5.04 8.74
CA GLY A 264 -28.53 6.35 8.38
C GLY A 264 -29.65 7.30 7.97
N THR A 265 -30.62 6.79 7.21
CA THR A 265 -31.69 7.69 6.75
C THR A 265 -32.62 8.06 7.90
N THR A 266 -32.89 7.14 8.82
CA THR A 266 -33.66 7.50 10.03
C THR A 266 -32.93 8.57 10.83
N ALA A 267 -31.63 8.35 11.06
CA ALA A 267 -30.81 9.33 11.77
C ALA A 267 -30.89 10.69 11.12
N TRP A 268 -30.76 10.73 9.79
CA TRP A 268 -30.77 11.99 9.07
C TRP A 268 -32.13 12.66 9.13
N VAL A 269 -33.21 11.87 9.10
CA VAL A 269 -34.55 12.42 9.27
C VAL A 269 -34.64 13.15 10.60
N LEU A 270 -34.21 12.49 11.68
CA LEU A 270 -34.28 13.12 13.00
C LEU A 270 -33.40 14.36 13.07
N ILE A 271 -32.18 14.29 12.52
CA ILE A 271 -31.27 15.42 12.58
C ILE A 271 -31.84 16.61 11.83
N GLU A 272 -32.35 16.39 10.62
CA GLU A 272 -32.88 17.50 9.82
C GLU A 272 -34.12 18.10 10.47
N LEU A 273 -34.98 17.26 11.06
CA LEU A 273 -36.16 17.78 11.74
C LEU A 273 -35.76 18.65 12.92
N LEU A 274 -34.82 18.16 13.75
CA LEU A 274 -34.35 18.96 14.88
C LEU A 274 -33.64 20.24 14.43
N ARG A 275 -32.96 20.19 13.28
CA ARG A 275 -32.34 21.39 12.72
C ARG A 275 -33.38 22.42 12.32
N ARG A 276 -34.49 21.96 11.73
CA ARG A 276 -35.50 22.86 11.17
C ARG A 276 -36.81 22.75 11.93
N PRO A 277 -37.05 23.61 12.92
CA PRO A 277 -38.26 23.49 13.74
C PRO A 277 -39.55 23.64 12.96
N GLU A 278 -39.52 24.28 11.79
CA GLU A 278 -40.70 24.35 10.93
C GLU A 278 -41.23 22.97 10.65
N TYR A 279 -40.40 22.17 9.98
CA TYR A 279 -40.75 20.82 9.59
C TYR A 279 -40.89 19.92 10.80
N LEU A 280 -40.14 20.17 11.87
CA LEU A 280 -40.38 19.38 13.08
C LEU A 280 -41.79 19.60 13.60
N ARG A 281 -42.27 20.85 13.57
CA ARG A 281 -43.64 21.13 14.00
C ARG A 281 -44.65 20.48 13.07
N ARG A 282 -44.43 20.57 11.75
CA ARG A 282 -45.33 19.90 10.81
C ARG A 282 -45.41 18.40 11.07
N VAL A 283 -44.26 17.76 11.21
CA VAL A 283 -44.22 16.30 11.37
C VAL A 283 -44.81 15.88 12.70
N ARG A 284 -44.50 16.61 13.79
CA ARG A 284 -45.11 16.27 15.07
C ARG A 284 -46.60 16.52 15.05
N ALA A 285 -47.07 17.53 14.29
CA ALA A 285 -48.50 17.71 14.12
C ALA A 285 -49.12 16.52 13.43
N GLU A 286 -48.47 16.02 12.38
CA GLU A 286 -48.97 14.83 11.70
C GLU A 286 -49.01 13.63 12.64
N ILE A 287 -47.98 13.48 13.48
CA ILE A 287 -47.92 12.34 14.40
C ILE A 287 -49.02 12.43 15.44
N ASP A 288 -49.20 13.62 16.01
CA ASP A 288 -50.21 13.80 17.05
C ASP A 288 -51.62 13.71 16.50
N ALA A 289 -51.82 14.13 15.24
CA ALA A 289 -53.13 13.98 14.61
C ALA A 289 -53.41 12.51 14.31
N LEU A 290 -52.43 11.78 13.77
CA LEU A 290 -52.61 10.36 13.51
C LEU A 290 -52.80 9.56 14.79
N PHE A 291 -52.22 10.00 15.90
CA PHE A 291 -52.38 9.26 17.15
C PHE A 291 -53.77 9.46 17.72
N GLU A 292 -54.41 10.58 17.41
CA GLU A 292 -55.79 10.83 17.83
C GLU A 292 -56.79 10.09 16.94
N THR A 293 -56.72 10.31 15.62
CA THR A 293 -57.70 9.69 14.74
C THR A 293 -57.56 8.17 14.73
N HIS A 294 -56.34 7.67 14.55
CA HIS A 294 -56.05 6.24 14.65
C HIS A 294 -55.24 6.03 15.93
N GLY A 295 -55.89 5.52 16.97
CA GLY A 295 -55.18 5.26 18.21
C GLY A 295 -53.99 4.34 17.97
N ARG A 296 -52.89 4.63 18.69
CA ARG A 296 -51.64 3.87 18.56
C ARG A 296 -50.98 4.11 17.21
N VAL A 297 -49.74 3.65 17.05
CA VAL A 297 -49.04 3.85 15.78
C VAL A 297 -49.69 3.00 14.70
N THR A 298 -49.78 1.68 14.91
CA THR A 298 -50.46 0.78 13.99
C THR A 298 -50.02 0.97 12.54
N PHE A 299 -50.81 0.45 11.61
CA PHE A 299 -50.56 0.68 10.19
C PHE A 299 -51.01 2.08 9.75
N GLU A 300 -51.35 2.96 10.69
CA GLU A 300 -51.66 4.35 10.36
C GLU A 300 -50.48 5.04 9.70
N SER A 301 -49.26 4.58 10.03
CA SER A 301 -48.07 5.10 9.35
C SER A 301 -48.15 4.83 7.85
N LEU A 302 -48.49 3.59 7.48
CA LEU A 302 -48.59 3.22 6.08
C LEU A 302 -49.77 3.91 5.40
N ARG A 303 -49.55 5.11 4.87
CA ARG A 303 -50.58 5.81 4.13
C ARG A 303 -50.59 7.31 4.41
N GLN A 304 -51.35 7.72 5.42
CA GLN A 304 -51.59 9.14 5.68
C GLN A 304 -50.47 9.77 6.51
N MET A 305 -49.25 9.68 5.98
CA MET A 305 -48.12 10.40 6.56
C MET A 305 -47.46 11.32 5.53
N PRO A 306 -48.20 12.15 4.78
CA PRO A 306 -47.56 12.81 3.62
C PRO A 306 -46.38 13.69 3.98
N GLN A 307 -46.45 14.40 5.12
CA GLN A 307 -45.39 15.34 5.46
C GLN A 307 -44.11 14.61 5.85
N LEU A 308 -44.21 13.58 6.70
CA LEU A 308 -43.05 12.79 7.05
C LEU A 308 -42.52 12.04 5.83
N GLU A 309 -43.42 11.60 4.94
CA GLU A 309 -43.00 10.94 3.70
C GLU A 309 -42.10 11.86 2.88
N ASN A 310 -42.55 13.10 2.66
CA ASN A 310 -41.75 14.04 1.87
C ASN A 310 -40.48 14.45 2.60
N VAL A 311 -40.51 14.53 3.93
CA VAL A 311 -39.30 14.78 4.69
C VAL A 311 -38.27 13.68 4.42
N ILE A 312 -38.71 12.41 4.47
CA ILE A 312 -37.81 11.30 4.19
C ILE A 312 -37.31 11.37 2.75
N LYS A 313 -38.17 11.79 1.82
CA LYS A 313 -37.76 11.88 0.42
C LYS A 313 -36.67 12.92 0.22
N GLU A 314 -36.81 14.08 0.86
CA GLU A 314 -35.79 15.12 0.72
C GLU A 314 -34.52 14.75 1.48
N VAL A 315 -34.66 14.04 2.62
CA VAL A 315 -33.51 13.47 3.31
C VAL A 315 -32.74 12.54 2.38
N LEU A 316 -33.46 11.69 1.64
CA LEU A 316 -32.78 10.78 0.72
C LEU A 316 -32.18 11.52 -0.46
N ARG A 317 -32.79 12.65 -0.87
CA ARG A 317 -32.19 13.43 -1.94
C ARG A 317 -30.85 14.01 -1.51
N LEU A 318 -30.81 14.63 -0.33
CA LEU A 318 -29.59 15.32 0.09
C LEU A 318 -28.57 14.42 0.79
N HIS A 319 -28.98 13.26 1.30
CA HIS A 319 -28.08 12.30 1.94
C HIS A 319 -28.39 10.89 1.46
N PRO A 320 -28.24 10.61 0.17
CA PRO A 320 -28.45 9.23 -0.31
C PRO A 320 -27.36 8.32 0.22
N PRO A 321 -27.73 7.25 0.91
CA PRO A 321 -26.69 6.40 1.55
C PRO A 321 -25.83 5.64 0.57
N LEU A 322 -26.35 5.29 -0.61
CA LEU A 322 -25.56 4.63 -1.64
C LEU A 322 -25.18 5.68 -2.68
N ILE A 323 -23.89 6.02 -2.73
CA ILE A 323 -23.40 7.12 -3.55
C ILE A 323 -22.81 6.68 -4.88
N LEU A 324 -22.41 5.41 -5.01
CA LEU A 324 -21.85 4.92 -6.26
C LEU A 324 -22.44 3.55 -6.58
N LEU A 325 -23.13 3.46 -7.71
CA LEU A 325 -23.70 2.21 -8.22
C LEU A 325 -22.88 1.78 -9.43
N MET A 326 -22.11 0.70 -9.29
CA MET A 326 -21.14 0.30 -10.30
C MET A 326 -21.59 -0.97 -11.00
N ARG A 327 -21.39 -1.01 -12.32
CA ARG A 327 -21.67 -2.20 -13.12
C ARG A 327 -20.67 -2.27 -14.27
N LYS A 328 -20.20 -3.48 -14.58
CA LYS A 328 -19.26 -3.63 -15.68
C LYS A 328 -20.00 -3.70 -17.02
N VAL A 329 -19.38 -3.11 -18.04
CA VAL A 329 -19.98 -3.02 -19.37
C VAL A 329 -19.62 -4.30 -20.12
N MET A 330 -20.62 -5.14 -20.37
CA MET A 330 -20.41 -6.43 -21.03
C MET A 330 -20.45 -6.32 -22.56
N LYS A 331 -21.29 -5.45 -23.08
CA LYS A 331 -21.40 -5.19 -24.51
C LYS A 331 -21.28 -3.69 -24.71
N ASP A 332 -20.71 -3.28 -25.85
CA ASP A 332 -20.52 -1.85 -26.11
C ASP A 332 -21.83 -1.12 -25.88
N PHE A 333 -21.77 -0.06 -25.08
CA PHE A 333 -22.94 0.69 -24.68
C PHE A 333 -22.74 2.12 -25.15
N GLU A 334 -23.81 2.80 -25.54
CA GLU A 334 -23.67 4.18 -26.01
C GLU A 334 -24.59 5.09 -25.21
N VAL A 335 -24.02 6.17 -24.68
CA VAL A 335 -24.76 7.19 -23.94
C VAL A 335 -24.42 8.55 -24.55
N GLN A 336 -25.45 9.28 -24.98
CA GLN A 336 -25.31 10.66 -25.43
C GLN A 336 -24.27 10.79 -26.54
N GLY A 337 -24.37 9.89 -27.52
CA GLY A 337 -23.45 9.95 -28.64
C GLY A 337 -22.06 9.44 -28.34
N MET A 338 -21.80 9.03 -27.10
CA MET A 338 -20.48 8.60 -26.67
C MET A 338 -20.46 7.11 -26.41
N ARG A 339 -19.40 6.45 -26.86
CA ARG A 339 -19.30 4.99 -26.76
C ARG A 339 -18.52 4.61 -25.51
N ILE A 340 -19.11 3.73 -24.71
CA ILE A 340 -18.48 3.12 -23.56
C ILE A 340 -18.15 1.69 -23.95
N GLU A 341 -16.86 1.41 -24.09
CA GLU A 341 -16.36 0.14 -24.57
C GLU A 341 -16.46 -0.93 -23.50
N ALA A 342 -16.67 -2.17 -23.94
CA ALA A 342 -16.74 -3.29 -23.01
C ALA A 342 -15.41 -3.44 -22.28
N GLY A 343 -15.50 -3.81 -21.00
CA GLY A 343 -14.35 -3.85 -20.13
C GLY A 343 -14.25 -2.64 -19.23
N LYS A 344 -14.88 -1.54 -19.60
CA LYS A 344 -15.05 -0.40 -18.73
C LYS A 344 -16.21 -0.65 -17.77
N PHE A 345 -16.23 0.12 -16.69
CA PHE A 345 -17.33 0.13 -15.73
C PHE A 345 -18.12 1.41 -15.89
N VAL A 346 -19.40 1.36 -15.55
CA VAL A 346 -20.23 2.56 -15.49
C VAL A 346 -20.72 2.71 -14.06
N CYS A 347 -21.01 3.96 -13.68
CA CYS A 347 -21.39 4.29 -12.32
C CYS A 347 -22.51 5.30 -12.34
N ALA A 348 -23.44 5.13 -11.40
CA ALA A 348 -24.49 6.10 -11.13
C ALA A 348 -24.19 6.75 -9.78
N ALA A 349 -24.32 8.07 -9.72
CA ALA A 349 -24.03 8.84 -8.52
C ALA A 349 -25.29 9.61 -8.09
N PRO A 350 -26.10 9.03 -7.20
CA PRO A 350 -27.29 9.76 -6.73
C PRO A 350 -26.97 11.08 -6.05
N SER A 351 -25.88 11.14 -5.28
CA SER A 351 -25.51 12.38 -4.62
C SER A 351 -25.24 13.49 -5.63
N VAL A 352 -24.71 13.15 -6.80
CA VAL A 352 -24.40 14.16 -7.81
C VAL A 352 -25.64 14.53 -8.61
N THR A 353 -26.38 13.52 -9.08
CA THR A 353 -27.56 13.82 -9.89
C THR A 353 -28.62 14.57 -9.08
N HIS A 354 -28.72 14.28 -7.77
CA HIS A 354 -29.69 14.97 -6.92
C HIS A 354 -29.37 16.45 -6.76
N ARG A 355 -28.16 16.88 -7.07
CA ARG A 355 -27.74 18.25 -6.87
C ARG A 355 -27.59 19.01 -8.19
N ILE A 356 -28.22 18.50 -9.25
CA ILE A 356 -28.27 19.16 -10.55
C ILE A 356 -29.34 20.24 -10.50
N PRO A 357 -29.01 21.50 -10.76
CA PRO A 357 -30.02 22.56 -10.61
C PRO A 357 -31.17 22.46 -11.59
N GLU A 358 -30.90 22.00 -12.82
CA GLU A 358 -31.97 21.79 -13.79
C GLU A 358 -33.01 20.80 -13.27
N LEU A 359 -32.56 19.73 -12.61
CA LEU A 359 -33.49 18.74 -12.09
C LEU A 359 -34.10 19.16 -10.75
N PHE A 360 -33.36 19.88 -9.92
CA PHE A 360 -33.82 20.28 -8.59
C PHE A 360 -33.44 21.73 -8.33
N PRO A 361 -34.38 22.66 -8.51
CA PRO A 361 -34.05 24.08 -8.32
C PRO A 361 -33.55 24.37 -6.91
N ASN A 362 -32.50 25.20 -6.84
CA ASN A 362 -31.81 25.51 -5.59
C ASN A 362 -31.40 24.21 -4.91
N PRO A 363 -30.48 23.45 -5.50
CA PRO A 363 -30.32 22.04 -5.08
C PRO A 363 -29.86 21.86 -3.65
N GLU A 364 -29.07 22.78 -3.10
CA GLU A 364 -28.53 22.59 -1.76
C GLU A 364 -29.50 22.96 -0.65
N LEU A 365 -30.71 23.42 -1.00
CA LEU A 365 -31.74 23.77 -0.02
C LEU A 365 -32.59 22.56 0.33
N PHE A 366 -33.00 22.50 1.60
CA PHE A 366 -33.82 21.40 2.13
C PHE A 366 -35.27 21.87 2.25
N ASP A 367 -36.09 21.57 1.24
CA ASP A 367 -37.54 21.80 1.34
C ASP A 367 -38.28 20.53 0.93
N PRO A 368 -38.82 19.77 1.88
CA PRO A 368 -39.60 18.57 1.52
C PRO A 368 -40.80 18.85 0.62
N ASP A 369 -41.29 20.10 0.57
CA ASP A 369 -42.39 20.40 -0.34
C ASP A 369 -41.97 20.39 -1.83
N ARG A 370 -40.74 19.99 -2.15
CA ARG A 370 -40.40 19.67 -3.54
C ARG A 370 -41.26 18.53 -4.07
N TYR A 371 -41.71 17.65 -3.20
CA TYR A 371 -42.40 16.43 -3.58
C TYR A 371 -43.90 16.53 -3.40
N THR A 372 -44.42 17.75 -3.23
CA THR A 372 -45.87 17.94 -3.25
C THR A 372 -46.41 17.58 -4.63
N PRO A 373 -47.67 17.16 -4.71
CA PRO A 373 -48.26 16.85 -6.03
C PRO A 373 -48.15 18.01 -7.01
N GLU A 374 -48.07 19.24 -6.50
CA GLU A 374 -48.05 20.41 -7.38
C GLU A 374 -46.71 20.55 -8.10
N ARG A 375 -45.60 20.16 -7.46
CA ARG A 375 -44.27 20.37 -8.01
C ARG A 375 -43.67 19.10 -8.61
N ALA A 376 -43.82 17.96 -7.94
CA ALA A 376 -43.51 16.62 -8.47
C ALA A 376 -42.12 16.56 -9.12
N GLU A 377 -41.09 16.79 -8.31
CA GLU A 377 -39.73 16.65 -8.79
C GLU A 377 -39.21 15.22 -8.73
N ASP A 378 -39.87 14.33 -7.98
CA ASP A 378 -39.53 12.90 -7.99
C ASP A 378 -40.20 12.15 -9.15
N LYS A 379 -40.72 12.88 -10.13
CA LYS A 379 -41.45 12.30 -11.27
C LYS A 379 -40.55 11.64 -12.30
N ASP A 380 -39.32 12.13 -12.48
CA ASP A 380 -38.46 11.66 -13.58
C ASP A 380 -38.15 10.17 -13.48
N LEU A 381 -38.07 9.61 -12.27
CA LEU A 381 -37.63 8.23 -12.02
C LEU A 381 -36.16 8.03 -12.35
N TYR A 382 -35.55 8.96 -13.09
CA TYR A 382 -34.14 8.90 -13.41
C TYR A 382 -33.42 10.17 -12.98
N GLY A 383 -34.08 11.01 -12.20
CA GLY A 383 -33.43 12.11 -11.50
C GLY A 383 -33.28 11.75 -10.04
N TRP A 384 -34.37 11.80 -9.28
CA TRP A 384 -34.37 11.34 -7.90
C TRP A 384 -34.20 9.83 -7.93
N GLN A 385 -33.03 9.35 -7.57
CA GLN A 385 -32.63 7.97 -7.81
C GLN A 385 -32.10 7.31 -6.54
N ALA A 386 -32.61 7.75 -5.38
CA ALA A 386 -32.07 7.27 -4.10
C ALA A 386 -32.29 5.78 -3.91
N PHE A 387 -33.37 5.23 -4.44
CA PHE A 387 -33.63 3.80 -4.37
C PHE A 387 -33.24 3.08 -5.66
N GLY A 388 -32.46 3.73 -6.52
CA GLY A 388 -32.08 3.13 -7.78
C GLY A 388 -33.21 3.23 -8.80
N GLY A 389 -33.18 2.32 -9.76
CA GLY A 389 -34.20 2.28 -10.79
C GLY A 389 -34.00 1.08 -11.69
N GLY A 390 -34.99 0.84 -12.54
CA GLY A 390 -34.87 -0.24 -13.50
C GLY A 390 -35.24 -1.59 -12.90
N ARG A 391 -34.71 -2.63 -13.54
CA ARG A 391 -34.93 -4.00 -13.08
C ARG A 391 -34.39 -4.21 -11.67
N HIS A 392 -33.31 -3.51 -11.33
CA HIS A 392 -32.62 -3.71 -10.07
C HIS A 392 -32.86 -2.57 -9.09
N LYS A 393 -34.00 -1.92 -9.21
CA LYS A 393 -34.44 -0.96 -8.21
C LYS A 393 -34.65 -1.67 -6.87
N CYS A 394 -34.59 -0.88 -5.79
CA CYS A 394 -34.77 -1.40 -4.44
C CYS A 394 -36.03 -2.23 -4.27
N SER A 395 -35.85 -3.50 -3.90
CA SER A 395 -36.96 -4.34 -3.49
C SER A 395 -37.36 -4.10 -2.03
N GLY A 396 -36.48 -3.49 -1.24
CA GLY A 396 -36.77 -3.20 0.15
C GLY A 396 -37.28 -1.78 0.32
N ASN A 397 -37.83 -1.24 -0.77
CA ASN A 397 -38.31 0.14 -0.80
C ASN A 397 -39.36 0.40 0.28
N ALA A 398 -40.46 -0.36 0.24
CA ALA A 398 -41.56 -0.13 1.17
C ALA A 398 -41.16 -0.47 2.61
N PHE A 399 -40.40 -1.55 2.78
CA PHE A 399 -40.00 -1.94 4.13
C PHE A 399 -39.10 -0.88 4.75
N ALA A 400 -38.14 -0.36 4.00
CA ALA A 400 -37.28 0.70 4.51
C ALA A 400 -38.08 1.95 4.85
N MET A 401 -38.95 2.39 3.92
CA MET A 401 -39.76 3.57 4.18
C MET A 401 -40.59 3.40 5.44
N PHE A 402 -41.21 2.24 5.60
CA PHE A 402 -42.06 2.00 6.75
C PHE A 402 -41.25 1.94 8.04
N GLN A 403 -40.10 1.26 8.01
CA GLN A 403 -39.24 1.20 9.19
C GLN A 403 -38.85 2.60 9.65
N ILE A 404 -38.37 3.42 8.72
CA ILE A 404 -37.99 4.79 9.06
C ILE A 404 -39.17 5.55 9.65
N LYS A 405 -40.27 5.58 8.91
CA LYS A 405 -41.45 6.34 9.30
C LYS A 405 -42.00 5.88 10.65
N ALA A 406 -41.94 4.58 10.93
CA ALA A 406 -42.44 4.07 12.21
C ALA A 406 -41.50 4.40 13.36
N ILE A 407 -40.19 4.18 13.16
CA ILE A 407 -39.21 4.48 14.20
C ILE A 407 -39.26 5.95 14.58
N VAL A 408 -39.37 6.82 13.58
CA VAL A 408 -39.44 8.25 13.86
C VAL A 408 -40.72 8.59 14.62
N CYS A 409 -41.83 7.92 14.28
CA CYS A 409 -43.09 8.20 14.94
C CYS A 409 -43.04 7.86 16.43
N VAL A 410 -42.60 6.65 16.76
CA VAL A 410 -42.61 6.21 18.16
C VAL A 410 -41.65 7.07 18.99
N LEU A 411 -40.45 7.32 18.46
CA LEU A 411 -39.48 8.14 19.18
C LEU A 411 -40.01 9.56 19.39
N LEU A 412 -40.49 10.19 18.32
CA LEU A 412 -40.96 11.57 18.43
C LEU A 412 -42.19 11.69 19.31
N ARG A 413 -43.05 10.66 19.32
CA ARG A 413 -44.22 10.68 20.19
C ARG A 413 -43.83 10.52 21.67
N ASN A 414 -42.90 9.62 21.96
CA ASN A 414 -42.62 9.31 23.36
C ASN A 414 -41.56 10.22 23.99
N TYR A 415 -40.68 10.82 23.19
CA TYR A 415 -39.59 11.63 23.70
C TYR A 415 -39.49 12.92 22.91
N GLU A 416 -38.89 13.93 23.55
CA GLU A 416 -38.52 15.17 22.90
C GLU A 416 -37.00 15.25 22.85
N PHE A 417 -36.47 15.74 21.72
CA PHE A 417 -35.04 15.69 21.46
C PHE A 417 -34.46 17.09 21.29
N GLU A 418 -33.18 17.22 21.67
CA GLU A 418 -32.40 18.43 21.42
C GLU A 418 -31.05 18.03 20.83
N LEU A 419 -30.63 18.75 19.79
CA LEU A 419 -29.31 18.53 19.21
C LEU A 419 -28.21 18.92 20.20
N ALA A 420 -27.31 17.97 20.47
CA ALA A 420 -26.27 18.16 21.47
C ALA A 420 -25.05 18.88 20.94
N ALA A 421 -25.00 19.20 19.64
CA ALA A 421 -23.89 19.94 19.05
C ALA A 421 -24.46 21.02 18.16
N ALA A 422 -23.57 21.72 17.45
CA ALA A 422 -24.01 22.78 16.56
C ALA A 422 -24.86 22.18 15.44
N PRO A 423 -25.97 22.85 15.06
CA PRO A 423 -26.79 22.32 13.96
C PRO A 423 -26.01 22.11 12.67
N GLU A 424 -24.97 22.90 12.43
CA GLU A 424 -24.16 22.77 11.23
C GLU A 424 -23.06 21.73 11.36
N SER A 425 -22.85 21.17 12.56
CA SER A 425 -21.79 20.20 12.77
C SER A 425 -22.12 18.83 12.20
N TYR A 426 -23.41 18.53 12.03
CA TYR A 426 -23.84 17.22 11.55
C TYR A 426 -23.63 17.15 10.04
N ARG A 427 -22.73 16.27 9.60
CA ARG A 427 -22.38 16.16 8.19
C ARG A 427 -22.28 14.69 7.80
N ASP A 428 -22.17 14.45 6.51
CA ASP A 428 -22.04 13.09 5.99
C ASP A 428 -20.60 12.63 6.04
N ASP A 429 -20.39 11.35 6.33
CA ASP A 429 -19.08 10.72 6.20
C ASP A 429 -19.10 9.90 4.91
N TYR A 430 -18.65 10.52 3.82
CA TYR A 430 -18.64 9.86 2.52
C TYR A 430 -17.55 8.81 2.43
N ARG A 431 -16.63 8.77 3.38
CA ARG A 431 -15.57 7.76 3.41
C ARG A 431 -16.06 6.41 3.90
N LYS A 432 -17.31 6.32 4.35
CA LYS A 432 -17.89 5.06 4.80
C LYS A 432 -18.49 4.34 3.60
N MET A 433 -18.46 3.00 3.64
CA MET A 433 -18.91 2.23 2.49
C MET A 433 -20.38 2.49 2.19
N VAL A 434 -21.21 2.49 3.23
CA VAL A 434 -22.57 3.01 3.16
C VAL A 434 -22.57 4.33 3.91
N VAL A 435 -22.87 5.41 3.20
CA VAL A 435 -22.72 6.75 3.78
C VAL A 435 -23.75 6.91 4.91
N GLU A 436 -23.25 7.37 6.05
CA GLU A 436 -24.03 7.55 7.28
C GLU A 436 -23.68 8.91 7.85
N PRO A 437 -24.46 9.39 8.82
CA PRO A 437 -24.06 10.60 9.54
C PRO A 437 -22.68 10.45 10.17
N ALA A 438 -22.08 11.59 10.49
CA ALA A 438 -20.71 11.67 10.98
C ALA A 438 -20.56 11.01 12.35
N SER A 439 -19.31 10.70 12.69
CA SER A 439 -19.00 9.83 13.83
C SER A 439 -19.55 10.30 15.17
N PRO A 440 -19.46 11.59 15.56
CA PRO A 440 -19.95 11.97 16.90
C PRO A 440 -21.46 11.83 17.05
N CYS A 441 -22.21 12.49 16.17
CA CYS A 441 -23.67 12.52 16.11
C CYS A 441 -24.33 12.19 17.46
N LEU A 442 -24.41 13.19 18.33
CA LEU A 442 -24.96 13.04 19.66
C LEU A 442 -26.25 13.84 19.80
N ILE A 443 -27.17 13.31 20.60
CA ILE A 443 -28.47 13.92 20.82
C ILE A 443 -28.80 13.82 22.31
N ARG A 444 -29.74 14.64 22.75
CA ARG A 444 -30.27 14.57 24.10
C ARG A 444 -31.76 14.30 24.05
N TYR A 445 -32.23 13.53 25.02
CA TYR A 445 -33.64 13.20 25.09
C TYR A 445 -34.17 13.45 26.49
N ARG A 446 -35.45 13.82 26.53
CA ARG A 446 -36.26 13.85 27.72
C ARG A 446 -37.64 13.35 27.32
N ARG A 447 -38.31 12.64 28.23
CA ARG A 447 -39.61 12.06 27.92
C ARG A 447 -40.70 13.11 27.98
N ARG A 448 -41.68 12.99 27.09
CA ARG A 448 -42.79 13.94 27.01
C ARG A 448 -43.75 13.73 28.17
N PRO B 5 32.51 9.83 10.48
CA PRO B 5 33.13 10.79 9.56
C PRO B 5 33.00 10.36 8.10
N SER B 6 32.12 11.01 7.35
CA SER B 6 31.87 10.65 5.96
C SER B 6 31.13 11.78 5.28
N ASN B 7 31.02 11.69 3.96
CA ASN B 7 30.28 12.64 3.14
C ASN B 7 29.35 11.87 2.22
N THR B 8 28.04 12.05 2.42
CA THR B 8 27.01 11.25 1.80
C THR B 8 26.04 12.14 1.00
N PRO B 9 25.36 11.58 0.01
CA PRO B 9 24.52 12.41 -0.86
C PRO B 9 23.38 13.07 -0.09
N PRO B 10 22.90 14.22 -0.55
CA PRO B 10 21.73 14.84 0.08
C PRO B 10 20.50 13.96 -0.07
N VAL B 11 19.71 13.89 1.00
CA VAL B 11 18.49 13.09 1.03
C VAL B 11 17.30 14.04 1.02
N LYS B 12 16.42 13.86 0.04
CA LYS B 12 15.21 14.67 -0.02
C LYS B 12 14.33 14.40 1.19
N PRO B 13 13.75 15.43 1.80
CA PRO B 13 12.80 15.20 2.89
C PRO B 13 11.39 15.00 2.39
N GLY B 14 10.44 14.81 3.30
CA GLY B 14 9.05 14.67 2.95
C GLY B 14 8.60 13.27 2.62
N GLY B 15 9.45 12.26 2.83
CA GLY B 15 9.05 10.90 2.57
C GLY B 15 7.90 10.44 3.43
N LEU B 16 6.89 9.83 2.82
CA LEU B 16 5.86 9.18 3.59
C LEU B 16 6.47 8.01 4.35
N PRO B 17 5.98 7.71 5.57
CA PRO B 17 6.72 6.81 6.47
C PRO B 17 7.03 5.44 5.89
N LEU B 18 6.10 4.82 5.16
CA LEU B 18 6.36 3.50 4.58
C LEU B 18 6.55 3.53 3.06
N LEU B 19 6.23 4.64 2.40
CA LEU B 19 6.21 4.69 0.95
C LEU B 19 7.40 5.44 0.35
N GLY B 20 8.15 6.18 1.14
CA GLY B 20 9.21 7.01 0.58
C GLY B 20 8.62 8.14 -0.22
N HIS B 21 9.13 8.34 -1.43
CA HIS B 21 8.66 9.39 -2.33
C HIS B 21 7.86 8.81 -3.49
N ILE B 22 7.36 7.58 -3.35
CA ILE B 22 6.88 6.84 -4.50
C ILE B 22 5.62 7.47 -5.08
N LEU B 23 4.80 8.13 -4.25
CA LEU B 23 3.58 8.76 -4.75
C LEU B 23 3.89 9.94 -5.67
N GLU B 24 4.69 10.89 -5.18
CA GLU B 24 5.06 12.04 -6.00
C GLU B 24 5.80 11.60 -7.25
N PHE B 25 6.76 10.68 -7.09
CA PHE B 25 7.49 10.17 -8.24
C PHE B 25 6.56 9.56 -9.27
N GLY B 26 5.65 8.69 -8.83
CA GLY B 26 4.73 8.06 -9.76
C GLY B 26 3.75 9.04 -10.39
N LYS B 27 3.40 10.11 -9.67
CA LYS B 27 2.56 11.14 -10.26
C LYS B 27 3.26 11.78 -11.45
N ASN B 28 4.56 12.09 -11.30
CA ASN B 28 5.28 12.55 -12.49
C ASN B 28 6.77 12.34 -12.31
N PRO B 29 7.34 11.22 -12.79
CA PRO B 29 8.76 10.96 -12.56
C PRO B 29 9.68 12.02 -13.15
N HIS B 30 9.33 12.60 -14.30
CA HIS B 30 10.18 13.65 -14.87
C HIS B 30 10.20 14.88 -13.98
N ALA B 31 9.02 15.40 -13.61
CA ALA B 31 8.98 16.58 -12.75
C ALA B 31 9.66 16.30 -11.41
N PHE B 32 9.46 15.09 -10.86
CA PHE B 32 10.09 14.74 -9.61
C PHE B 32 11.61 14.78 -9.70
N LEU B 33 12.18 14.10 -10.70
CA LEU B 33 13.63 14.08 -10.86
C LEU B 33 14.17 15.47 -11.14
N MET B 34 13.43 16.28 -11.90
CA MET B 34 13.87 17.64 -12.20
C MET B 34 13.92 18.48 -10.95
N ALA B 35 12.88 18.41 -10.10
CA ALA B 35 12.89 19.17 -8.86
C ALA B 35 13.97 18.67 -7.91
N LEU B 36 14.21 17.37 -7.90
CA LEU B 36 15.29 16.81 -7.08
C LEU B 36 16.62 17.41 -7.47
N ARG B 37 16.94 17.40 -8.78
CA ARG B 37 18.17 18.02 -9.23
C ARG B 37 18.20 19.50 -8.89
N HIS B 38 17.08 20.20 -9.09
CA HIS B 38 17.04 21.64 -8.82
C HIS B 38 17.40 21.94 -7.36
N GLU B 39 16.87 21.15 -6.44
CA GLU B 39 17.07 21.47 -5.02
C GLU B 39 18.40 20.96 -4.48
N PHE B 40 18.94 19.84 -4.99
CA PHE B 40 20.11 19.25 -4.35
C PHE B 40 21.32 19.02 -5.24
N GLY B 41 21.25 19.35 -6.52
CA GLY B 41 22.43 19.25 -7.36
C GLY B 41 22.55 17.97 -8.17
N ASP B 42 23.78 17.60 -8.50
CA ASP B 42 24.02 16.50 -9.41
C ASP B 42 23.73 15.16 -8.76
N VAL B 43 24.14 14.97 -7.51
CA VAL B 43 23.94 13.73 -6.77
C VAL B 43 22.90 14.00 -5.70
N ALA B 44 21.77 13.28 -5.77
CA ALA B 44 20.70 13.52 -4.81
C ALA B 44 19.95 12.23 -4.53
N GLU B 45 19.59 12.01 -3.27
CA GLU B 45 18.95 10.77 -2.85
C GLU B 45 17.48 10.98 -2.55
N PHE B 46 16.66 10.04 -3.01
CA PHE B 46 15.25 9.90 -2.67
C PHE B 46 15.00 8.44 -2.30
N ARG B 47 13.79 8.13 -1.87
CA ARG B 47 13.50 6.77 -1.42
C ARG B 47 12.23 6.25 -2.09
N MET B 48 12.32 5.04 -2.62
CA MET B 48 11.19 4.32 -3.20
C MET B 48 10.89 3.15 -2.26
N PHE B 49 9.81 3.29 -1.48
CA PHE B 49 9.54 2.37 -0.37
C PHE B 49 10.76 2.30 0.55
N HIS B 50 11.31 1.12 0.74
CA HIS B 50 12.49 0.96 1.58
C HIS B 50 13.79 1.18 0.83
N GLN B 51 13.75 1.24 -0.50
CA GLN B 51 14.97 1.31 -1.30
C GLN B 51 15.47 2.74 -1.40
N ARG B 52 16.78 2.91 -1.25
CA ARG B 52 17.45 4.20 -1.31
C ARG B 52 18.02 4.43 -2.70
N MET B 53 17.62 5.53 -3.34
CA MET B 53 17.82 5.78 -4.76
C MET B 53 18.63 7.06 -4.89
N VAL B 54 19.65 7.06 -5.73
CA VAL B 54 20.55 8.20 -5.87
C VAL B 54 20.57 8.63 -7.34
N LEU B 55 19.89 9.73 -7.64
CA LEU B 55 19.93 10.32 -8.96
C LEU B 55 21.27 11.00 -9.21
N LEU B 56 21.90 10.68 -10.33
CA LEU B 56 23.16 11.23 -10.79
C LEU B 56 22.89 11.95 -12.11
N THR B 57 22.89 13.28 -12.09
CA THR B 57 22.68 14.06 -13.30
C THR B 57 23.91 14.92 -13.56
N GLY B 58 23.99 15.44 -14.78
CA GLY B 58 25.14 16.19 -15.22
C GLY B 58 26.19 15.32 -15.86
N SER B 59 27.17 15.99 -16.48
CA SER B 59 28.17 15.28 -17.27
C SER B 59 29.03 14.37 -16.40
N GLN B 60 29.56 14.90 -15.30
CA GLN B 60 30.50 14.14 -14.48
C GLN B 60 29.83 12.95 -13.81
N ALA B 61 28.68 13.19 -13.17
CA ALA B 61 27.95 12.10 -12.52
C ALA B 61 27.48 11.06 -13.54
N SER B 62 27.01 11.52 -14.71
CA SER B 62 26.59 10.58 -15.74
C SER B 62 27.76 9.75 -16.24
N GLU B 63 28.94 10.35 -16.34
CA GLU B 63 30.13 9.58 -16.70
C GLU B 63 30.42 8.51 -15.68
N ALA B 64 30.36 8.86 -14.38
CA ALA B 64 30.54 7.85 -13.34
C ALA B 64 29.55 6.70 -13.54
N PHE B 65 28.27 7.04 -13.68
CA PHE B 65 27.21 6.06 -13.89
C PHE B 65 27.52 5.12 -15.05
N TYR B 66 27.88 5.67 -16.20
CA TYR B 66 27.98 4.86 -17.41
C TYR B 66 29.31 4.11 -17.50
N ARG B 67 30.39 4.64 -16.92
CA ARG B 67 31.69 4.01 -17.02
C ARG B 67 32.04 3.10 -15.85
N ALA B 68 31.21 3.06 -14.80
CA ALA B 68 31.50 2.16 -13.70
C ALA B 68 31.41 0.70 -14.15
N PRO B 69 32.29 -0.17 -13.68
CA PRO B 69 32.25 -1.58 -14.07
C PRO B 69 31.05 -2.29 -13.45
N ASP B 70 30.84 -3.53 -13.91
CA ASP B 70 29.75 -4.34 -13.41
C ASP B 70 30.00 -4.82 -11.98
N GLU B 71 31.26 -4.89 -11.56
CA GLU B 71 31.57 -5.30 -10.19
C GLU B 71 31.23 -4.21 -9.18
N VAL B 72 31.09 -2.97 -9.63
CA VAL B 72 30.77 -1.85 -8.76
C VAL B 72 29.28 -1.54 -8.77
N LEU B 73 28.67 -1.48 -9.95
CA LEU B 73 27.24 -1.28 -10.07
C LEU B 73 26.68 -2.14 -11.19
N ASP B 74 25.57 -2.82 -10.90
CA ASP B 74 25.04 -3.92 -11.68
C ASP B 74 23.57 -3.64 -11.99
N GLN B 75 23.17 -3.85 -13.26
CA GLN B 75 21.83 -3.52 -13.69
C GLN B 75 20.81 -4.62 -13.44
N GLY B 76 21.26 -5.83 -13.11
CA GLY B 76 20.40 -6.96 -12.87
C GLY B 76 19.37 -6.71 -11.79
N PRO B 77 19.83 -6.46 -10.56
CA PRO B 77 18.88 -6.17 -9.46
C PRO B 77 18.00 -4.96 -9.72
N ALA B 78 18.48 -3.99 -10.50
CA ALA B 78 17.69 -2.79 -10.76
C ALA B 78 16.54 -3.08 -11.72
N TYR B 79 16.78 -3.87 -12.76
CA TYR B 79 15.74 -4.15 -13.74
C TYR B 79 14.93 -5.39 -13.41
N ARG B 80 14.68 -5.60 -12.11
CA ARG B 80 13.80 -6.69 -11.67
C ARG B 80 12.40 -6.53 -12.26
N ILE B 81 11.99 -5.29 -12.54
CA ILE B 81 10.70 -4.99 -13.17
C ILE B 81 10.43 -5.88 -14.38
N MET B 82 11.48 -6.24 -15.11
CA MET B 82 11.32 -6.96 -16.37
C MET B 82 11.39 -8.48 -16.22
N THR B 83 11.75 -9.00 -15.05
CA THR B 83 11.92 -10.45 -14.96
C THR B 83 10.59 -11.20 -15.08
N PRO B 84 9.47 -10.69 -14.53
CA PRO B 84 8.19 -11.38 -14.79
C PRO B 84 7.72 -11.27 -16.23
N ILE B 85 8.16 -10.25 -16.97
CA ILE B 85 7.75 -10.11 -18.36
C ILE B 85 8.60 -11.00 -19.26
N PHE B 86 9.92 -10.93 -19.11
CA PHE B 86 10.82 -11.71 -19.93
C PHE B 86 10.85 -13.18 -19.50
N GLY B 87 11.19 -13.43 -18.25
CA GLY B 87 11.34 -14.76 -17.71
C GLY B 87 12.41 -14.78 -16.65
N ARG B 88 12.38 -15.82 -15.80
CA ARG B 88 13.35 -15.92 -14.71
C ARG B 88 14.76 -16.12 -15.24
N GLY B 89 14.93 -16.84 -16.34
CA GLY B 89 16.25 -17.09 -16.85
C GLY B 89 16.75 -16.11 -17.89
N VAL B 90 16.06 -14.99 -18.09
CA VAL B 90 16.23 -14.17 -19.28
C VAL B 90 17.00 -12.90 -18.92
N VAL B 91 17.98 -12.57 -19.77
CA VAL B 91 18.72 -11.31 -19.80
C VAL B 91 19.15 -10.91 -18.38
N PHE B 92 18.46 -9.91 -17.80
CA PHE B 92 18.94 -9.32 -16.55
C PHE B 92 18.86 -10.26 -15.35
N ASP B 93 18.19 -11.40 -15.49
CA ASP B 93 18.16 -12.39 -14.42
C ASP B 93 19.07 -13.58 -14.74
N ALA B 94 20.12 -13.36 -15.53
CA ALA B 94 21.00 -14.46 -15.94
C ALA B 94 22.29 -14.50 -15.12
N ARG B 95 23.28 -13.68 -15.52
CA ARG B 95 24.58 -13.49 -14.86
C ARG B 95 25.58 -12.95 -15.87
N ILE B 96 26.51 -13.81 -16.28
CA ILE B 96 27.35 -13.56 -17.45
C ILE B 96 26.88 -14.35 -18.67
N GLU B 97 26.03 -15.35 -18.48
CA GLU B 97 25.34 -15.99 -19.58
C GLU B 97 24.26 -15.07 -20.17
N ARG B 98 23.97 -13.95 -19.50
CA ARG B 98 23.21 -12.88 -20.13
C ARG B 98 23.92 -12.41 -21.39
N LYS B 99 25.23 -12.13 -21.29
CA LYS B 99 25.97 -11.60 -22.42
C LYS B 99 25.97 -12.58 -23.60
N ASN B 100 26.01 -13.88 -23.30
CA ASN B 100 25.77 -14.89 -24.32
C ASN B 100 24.41 -14.71 -24.95
N GLN B 101 23.37 -14.54 -24.12
CA GLN B 101 22.01 -14.40 -24.65
C GLN B 101 21.89 -13.19 -25.57
N GLN B 102 22.52 -12.08 -25.19
CA GLN B 102 22.47 -10.88 -26.01
C GLN B 102 23.16 -11.11 -27.35
N LEU B 103 24.39 -11.64 -27.31
CA LEU B 103 25.12 -11.93 -28.54
C LEU B 103 24.41 -12.97 -29.41
N GLN B 104 23.64 -13.87 -28.80
CA GLN B 104 23.05 -14.99 -29.55
C GLN B 104 22.27 -14.50 -30.76
N MET B 105 21.32 -13.63 -30.55
CA MET B 105 20.53 -13.13 -31.66
C MET B 105 20.55 -11.62 -31.77
N LEU B 106 20.65 -10.90 -30.64
CA LEU B 106 20.53 -9.44 -30.70
C LEU B 106 21.55 -8.84 -31.64
N MET B 107 22.77 -9.37 -31.66
CA MET B 107 23.84 -8.72 -32.39
C MET B 107 23.93 -9.13 -33.86
N PRO B 108 23.90 -10.42 -34.21
CA PRO B 108 24.03 -10.78 -35.63
C PRO B 108 22.93 -10.19 -36.50
N ALA B 109 21.72 -10.04 -35.96
CA ALA B 109 20.62 -9.46 -36.73
C ALA B 109 20.80 -7.96 -36.96
N LEU B 110 21.80 -7.34 -36.35
CA LEU B 110 22.02 -5.90 -36.49
C LEU B 110 23.19 -5.57 -37.41
N ARG B 111 23.77 -6.57 -38.06
CA ARG B 111 24.92 -6.34 -38.92
C ARG B 111 24.46 -5.81 -40.28
N ASP B 112 25.43 -5.39 -41.09
CA ASP B 112 25.13 -4.67 -42.32
C ASP B 112 24.41 -5.57 -43.33
N LYS B 113 24.93 -6.78 -43.55
CA LYS B 113 24.28 -7.70 -44.48
C LYS B 113 22.84 -8.00 -44.09
N PRO B 114 22.50 -8.28 -42.82
CA PRO B 114 21.08 -8.41 -42.48
C PRO B 114 20.29 -7.12 -42.67
N MET B 115 20.86 -5.97 -42.29
CA MET B 115 20.10 -4.73 -42.34
C MET B 115 19.86 -4.22 -43.76
N ARG B 116 20.66 -4.68 -44.73
CA ARG B 116 20.40 -4.31 -46.12
C ARG B 116 19.15 -4.96 -46.67
N THR B 117 18.60 -5.96 -45.96
CA THR B 117 17.35 -6.61 -46.33
C THR B 117 16.13 -5.97 -45.69
N TYR B 118 16.32 -5.20 -44.60
CA TYR B 118 15.20 -4.73 -43.80
C TYR B 118 14.45 -3.58 -44.47
N SER B 119 15.13 -2.83 -45.35
CA SER B 119 14.50 -1.66 -45.96
C SER B 119 13.27 -2.04 -46.77
N GLU B 120 13.39 -3.10 -47.57
CA GLU B 120 12.26 -3.57 -48.38
C GLU B 120 11.09 -3.99 -47.50
N ILE B 121 11.38 -4.69 -46.40
CA ILE B 121 10.35 -5.09 -45.44
C ILE B 121 9.62 -3.86 -44.90
N ILE B 122 10.39 -2.86 -44.47
CA ILE B 122 9.79 -1.68 -43.84
C ILE B 122 8.93 -0.92 -44.84
N VAL B 123 9.43 -0.76 -46.06
CA VAL B 123 8.63 -0.14 -47.12
C VAL B 123 7.33 -0.89 -47.31
N ALA B 124 7.41 -2.22 -47.38
CA ALA B 124 6.22 -3.03 -47.61
C ALA B 124 5.21 -2.86 -46.48
N GLU B 125 5.68 -2.83 -45.23
CA GLU B 125 4.77 -2.71 -44.10
C GLU B 125 4.06 -1.36 -44.09
N VAL B 126 4.84 -0.28 -44.27
CA VAL B 126 4.24 1.05 -44.30
C VAL B 126 3.24 1.17 -45.43
N GLU B 127 3.59 0.64 -46.61
CA GLU B 127 2.67 0.76 -47.74
C GLU B 127 1.42 -0.09 -47.54
N ALA B 128 1.57 -1.26 -46.89
CA ALA B 128 0.43 -2.08 -46.58
C ALA B 128 -0.56 -1.33 -45.70
N MET B 129 -0.06 -0.60 -44.70
CA MET B 129 -1.03 0.19 -43.92
C MET B 129 -1.51 1.44 -44.65
N LEU B 130 -0.71 1.99 -45.57
CA LEU B 130 -1.19 3.15 -46.32
C LEU B 130 -2.33 2.79 -47.26
N ARG B 131 -2.35 1.55 -47.76
CA ARG B 131 -3.41 1.13 -48.67
C ARG B 131 -4.80 1.27 -48.02
N ASP B 132 -4.94 0.83 -46.78
CA ASP B 132 -6.24 0.91 -46.11
C ASP B 132 -6.70 2.35 -45.94
N TRP B 133 -5.78 3.28 -45.75
CA TRP B 133 -6.12 4.68 -45.61
C TRP B 133 -6.89 5.18 -46.83
N LYS B 134 -7.76 6.16 -46.59
CA LYS B 134 -8.49 6.82 -47.67
C LYS B 134 -7.61 7.92 -48.26
N ASP B 135 -8.17 8.72 -49.17
CA ASP B 135 -7.40 9.80 -49.77
C ASP B 135 -7.09 10.89 -48.75
N ALA B 136 -7.95 11.07 -47.75
CA ALA B 136 -7.73 12.04 -46.69
C ALA B 136 -8.57 11.63 -45.48
N GLY B 137 -8.31 12.27 -44.37
CA GLY B 137 -9.04 12.00 -43.15
C GLY B 137 -8.15 12.24 -41.93
N THR B 138 -8.43 11.49 -40.87
CA THR B 138 -7.69 11.63 -39.62
C THR B 138 -7.45 10.26 -39.02
N ILE B 139 -6.29 10.13 -38.36
CA ILE B 139 -5.87 8.89 -37.71
C ILE B 139 -5.41 9.25 -36.30
N ASP B 140 -4.82 8.29 -35.60
CA ASP B 140 -4.03 8.58 -34.41
C ASP B 140 -2.59 8.23 -34.71
N LEU B 141 -1.72 9.24 -34.67
CA LEU B 141 -0.35 9.07 -35.13
C LEU B 141 0.35 8.02 -34.28
N LEU B 142 0.06 8.01 -32.98
CA LEU B 142 0.76 7.11 -32.06
C LEU B 142 0.28 5.66 -32.23
N GLU B 143 -1.02 5.44 -32.45
CA GLU B 143 -1.49 4.10 -32.77
C GLU B 143 -0.84 3.59 -34.05
N LEU B 144 -0.85 4.43 -35.09
CA LEU B 144 -0.10 4.16 -36.31
C LEU B 144 1.31 3.68 -36.03
N THR B 145 2.08 4.48 -35.30
CA THR B 145 3.49 4.18 -35.13
C THR B 145 3.70 2.97 -34.23
N LYS B 146 2.83 2.76 -33.24
CA LYS B 146 2.94 1.55 -32.42
C LYS B 146 2.81 0.30 -33.29
N GLU B 147 1.77 0.23 -34.11
CA GLU B 147 1.62 -1.03 -34.85
C GLU B 147 2.57 -1.13 -36.04
N LEU B 148 2.94 -0.02 -36.68
CA LEU B 148 4.05 -0.07 -37.64
C LEU B 148 5.35 -0.54 -37.01
N THR B 149 5.69 -0.05 -35.83
CA THR B 149 6.97 -0.45 -35.24
C THR B 149 6.93 -1.90 -34.78
N ILE B 150 5.79 -2.38 -34.28
CA ILE B 150 5.66 -3.82 -34.02
C ILE B 150 5.92 -4.61 -35.30
N TYR B 151 5.23 -4.25 -36.39
CA TYR B 151 5.35 -4.99 -37.63
C TYR B 151 6.78 -4.95 -38.16
N THR B 152 7.37 -3.77 -38.22
CA THR B 152 8.70 -3.61 -38.81
C THR B 152 9.76 -4.30 -37.95
N SER B 153 9.67 -4.16 -36.62
CA SER B 153 10.65 -4.82 -35.76
C SER B 153 10.54 -6.33 -35.85
N SER B 154 9.32 -6.87 -35.77
CA SER B 154 9.16 -8.32 -35.80
C SER B 154 9.57 -8.89 -37.15
N HIS B 155 9.06 -8.31 -38.24
CA HIS B 155 9.37 -8.80 -39.58
C HIS B 155 10.87 -8.79 -39.85
N CYS B 156 11.58 -7.76 -39.40
CA CYS B 156 13.01 -7.66 -39.63
C CYS B 156 13.80 -8.47 -38.61
N LEU B 157 13.64 -8.17 -37.32
CA LEU B 157 14.49 -8.75 -36.29
C LEU B 157 14.16 -10.22 -36.06
N LEU B 158 12.89 -10.60 -36.21
CA LEU B 158 12.48 -11.97 -35.98
C LEU B 158 12.36 -12.72 -37.30
N GLY B 159 11.41 -12.32 -38.12
CA GLY B 159 11.23 -12.94 -39.42
C GLY B 159 9.81 -12.82 -39.89
N ALA B 160 9.61 -13.13 -41.17
CA ALA B 160 8.26 -13.14 -41.72
C ALA B 160 7.39 -14.18 -41.02
N GLU B 161 7.97 -15.34 -40.73
CA GLU B 161 7.26 -16.39 -40.00
C GLU B 161 6.65 -15.86 -38.72
N PHE B 162 7.44 -15.15 -37.91
CA PHE B 162 6.89 -14.61 -36.67
C PHE B 162 5.96 -13.43 -36.93
N ARG B 163 6.31 -12.53 -37.87
CA ARG B 163 5.46 -11.37 -38.10
C ARG B 163 4.03 -11.80 -38.41
N HIS B 164 3.88 -12.88 -39.17
CA HIS B 164 2.54 -13.41 -39.36
C HIS B 164 2.19 -14.36 -38.23
N GLU B 165 0.95 -14.24 -37.75
CA GLU B 165 0.36 -14.89 -36.57
C GLU B 165 0.35 -13.96 -35.35
N LEU B 166 0.06 -12.66 -35.55
CA LEU B 166 -0.39 -11.83 -34.44
C LEU B 166 -1.73 -12.32 -33.90
N ASN B 167 -2.73 -12.43 -34.77
CA ASN B 167 -4.02 -13.06 -34.45
C ASN B 167 -4.78 -12.35 -33.34
N THR B 168 -4.40 -11.11 -33.00
CA THR B 168 -5.06 -10.30 -31.98
C THR B 168 -4.92 -10.87 -30.57
N GLU B 169 -4.89 -12.21 -30.44
CA GLU B 169 -4.53 -12.82 -29.17
C GLU B 169 -3.17 -12.32 -28.68
N PHE B 170 -2.17 -12.37 -29.56
CA PHE B 170 -0.85 -11.86 -29.22
C PHE B 170 -0.93 -10.39 -28.80
N ALA B 171 -1.83 -9.62 -29.44
CA ALA B 171 -1.94 -8.19 -29.13
C ALA B 171 -2.48 -7.97 -27.72
N GLY B 172 -3.56 -8.68 -27.37
CA GLY B 172 -4.08 -8.57 -26.01
C GLY B 172 -3.08 -9.03 -24.97
N ILE B 173 -2.38 -10.14 -25.26
CA ILE B 173 -1.31 -10.58 -24.36
C ILE B 173 -0.27 -9.49 -24.21
N TYR B 174 0.05 -8.80 -25.31
CA TYR B 174 1.02 -7.72 -25.27
C TYR B 174 0.59 -6.60 -24.34
N ARG B 175 -0.69 -6.21 -24.43
CA ARG B 175 -1.19 -5.19 -23.52
C ARG B 175 -1.03 -5.61 -22.07
N ASP B 176 -1.49 -6.82 -21.74
CA ASP B 176 -1.38 -7.30 -20.36
C ASP B 176 0.08 -7.35 -19.90
N LEU B 177 1.00 -7.71 -20.80
CA LEU B 177 2.42 -7.75 -20.43
C LEU B 177 2.97 -6.35 -20.16
N GLU B 178 2.73 -5.41 -21.08
CA GLU B 178 3.31 -4.08 -20.89
C GLU B 178 2.74 -3.39 -19.66
N MET B 179 1.55 -3.81 -19.20
CA MET B 179 1.01 -3.17 -18.02
C MET B 179 1.81 -3.46 -16.76
N GLY B 180 2.76 -4.40 -16.81
CA GLY B 180 3.70 -4.66 -15.74
C GLY B 180 4.87 -3.70 -15.68
N ILE B 181 4.91 -2.73 -16.59
CA ILE B 181 5.90 -1.65 -16.54
C ILE B 181 5.24 -0.51 -15.77
N GLN B 182 5.38 -0.55 -14.45
CA GLN B 182 4.79 0.42 -13.55
C GLN B 182 5.78 0.75 -12.46
N PRO B 183 5.64 1.88 -11.78
CA PRO B 183 6.66 2.29 -10.80
C PRO B 183 6.79 1.35 -9.60
N ILE B 184 5.71 0.72 -9.15
CA ILE B 184 5.84 -0.23 -8.04
C ILE B 184 6.74 -1.39 -8.44
N ALA B 185 6.64 -1.83 -9.69
CA ALA B 185 7.41 -2.96 -10.16
C ALA B 185 8.91 -2.70 -10.21
N TYR B 186 9.35 -1.46 -9.98
CA TYR B 186 10.77 -1.21 -9.74
C TYR B 186 11.23 -1.83 -8.43
N VAL B 187 10.33 -1.99 -7.46
CA VAL B 187 10.69 -2.41 -6.11
C VAL B 187 10.03 -3.76 -5.76
N PHE B 188 8.74 -3.91 -6.05
CA PHE B 188 7.99 -5.13 -5.73
C PHE B 188 7.36 -5.70 -6.99
N PRO B 189 8.17 -6.23 -7.92
CA PRO B 189 7.60 -6.70 -9.19
C PRO B 189 6.66 -7.88 -9.06
N ASN B 190 6.64 -8.57 -7.92
CA ASN B 190 5.85 -9.79 -7.77
C ASN B 190 4.79 -9.69 -6.66
N LEU B 191 4.25 -8.50 -6.42
CA LEU B 191 3.13 -8.39 -5.50
C LEU B 191 1.92 -9.17 -6.03
N PRO B 192 1.11 -9.72 -5.14
CA PRO B 192 -0.11 -10.41 -5.57
C PRO B 192 -1.18 -9.45 -6.08
N LEU B 193 -0.82 -8.57 -6.99
CA LEU B 193 -1.78 -7.63 -7.55
C LEU B 193 -2.49 -8.27 -8.74
N PRO B 194 -3.77 -7.97 -8.95
CA PRO B 194 -4.47 -8.55 -10.11
C PRO B 194 -3.82 -8.20 -11.43
N VAL B 195 -3.29 -6.98 -11.51
CA VAL B 195 -2.62 -6.52 -12.72
C VAL B 195 -1.40 -7.40 -13.00
N PHE B 196 -0.57 -7.60 -11.98
CA PHE B 196 0.64 -8.39 -12.15
C PHE B 196 0.30 -9.85 -12.40
N LYS B 197 -0.82 -10.32 -11.86
CA LYS B 197 -1.27 -11.69 -12.13
C LYS B 197 -1.65 -11.86 -13.59
N ARG B 198 -2.41 -10.90 -14.14
CA ARG B 198 -2.71 -10.94 -15.58
C ARG B 198 -1.43 -10.92 -16.40
N ARG B 199 -0.46 -10.10 -16.01
CA ARG B 199 0.84 -10.09 -16.68
C ARG B 199 1.49 -11.47 -16.71
N ASP B 200 1.53 -12.14 -15.55
CA ASP B 200 2.17 -13.44 -15.47
C ASP B 200 1.45 -14.47 -16.33
N GLN B 201 0.11 -14.48 -16.26
CA GLN B 201 -0.67 -15.39 -17.10
C GLN B 201 -0.42 -15.12 -18.58
N ALA B 202 -0.29 -13.85 -18.95
CA ALA B 202 -0.06 -13.51 -20.36
C ALA B 202 1.27 -14.08 -20.84
N ARG B 203 2.32 -14.00 -20.00
CA ARG B 203 3.56 -14.65 -20.38
C ARG B 203 3.37 -16.15 -20.56
N VAL B 204 2.61 -16.79 -19.66
CA VAL B 204 2.38 -18.22 -19.80
C VAL B 204 1.68 -18.52 -21.14
N ARG B 205 0.72 -17.68 -21.52
CA ARG B 205 0.01 -17.88 -22.79
C ARG B 205 0.96 -17.76 -23.98
N LEU B 206 1.83 -16.74 -23.98
CA LEU B 206 2.81 -16.67 -25.06
C LEU B 206 3.73 -17.87 -25.09
N GLN B 207 4.13 -18.39 -23.93
CA GLN B 207 5.04 -19.53 -23.96
C GLN B 207 4.33 -20.75 -24.55
N GLU B 208 3.06 -20.95 -24.20
CA GLU B 208 2.28 -22.00 -24.84
C GLU B 208 2.26 -21.83 -26.36
N LEU B 209 1.88 -20.64 -26.82
CA LEU B 209 1.79 -20.38 -28.26
C LEU B 209 3.13 -20.61 -28.95
N VAL B 210 4.23 -20.24 -28.29
CA VAL B 210 5.54 -20.32 -28.94
C VAL B 210 6.01 -21.78 -29.00
N THR B 211 5.77 -22.55 -27.94
CA THR B 211 6.04 -23.99 -28.02
C THR B 211 5.28 -24.61 -29.19
N GLN B 212 4.00 -24.27 -29.33
CA GLN B 212 3.22 -24.82 -30.44
C GLN B 212 3.80 -24.41 -31.79
N ILE B 213 4.15 -23.13 -31.93
CA ILE B 213 4.72 -22.65 -33.20
C ILE B 213 6.05 -23.32 -33.48
N MET B 214 6.83 -23.62 -32.45
CA MET B 214 8.08 -24.34 -32.64
C MET B 214 7.85 -25.74 -33.18
N GLU B 215 6.74 -26.38 -32.76
CA GLU B 215 6.43 -27.71 -33.24
C GLU B 215 6.11 -27.70 -34.73
N ARG B 216 5.67 -26.56 -35.26
CA ARG B 216 5.41 -26.44 -36.69
C ARG B 216 6.72 -26.56 -37.47
N GLN B 229 12.65 -17.83 -35.23
CA GLN B 229 13.96 -17.22 -35.11
C GLN B 229 15.08 -18.24 -34.93
N MET B 230 16.30 -17.81 -35.29
CA MET B 230 17.50 -18.61 -35.08
C MET B 230 17.62 -19.11 -33.65
N LEU B 231 16.97 -18.44 -32.69
CA LEU B 231 17.00 -18.88 -31.30
C LEU B 231 16.54 -20.32 -31.14
N ILE B 232 15.68 -20.80 -32.04
CA ILE B 232 15.15 -22.15 -32.05
C ILE B 232 16.25 -23.17 -31.76
N ASP B 233 17.40 -23.02 -32.41
CA ASP B 233 18.58 -23.81 -32.09
C ASP B 233 19.79 -22.89 -32.07
N ALA B 234 20.31 -22.64 -30.88
CA ALA B 234 21.60 -22.01 -30.68
C ALA B 234 22.24 -22.66 -29.47
N SER B 235 23.55 -22.61 -29.41
CA SER B 235 24.32 -23.33 -28.39
C SER B 235 24.89 -22.32 -27.41
N TYR B 236 24.54 -22.45 -26.14
CA TYR B 236 25.33 -21.81 -25.10
C TYR B 236 26.74 -22.40 -25.18
N ASP B 237 27.73 -21.72 -24.59
CA ASP B 237 29.11 -22.21 -24.69
C ASP B 237 29.26 -23.59 -24.09
N ASP B 238 28.57 -23.87 -22.99
CA ASP B 238 28.42 -25.19 -22.43
C ASP B 238 27.52 -26.11 -23.28
N GLY B 239 27.03 -25.65 -24.42
CA GLY B 239 26.31 -26.52 -25.34
C GLY B 239 24.85 -26.78 -25.01
N SER B 240 24.28 -26.10 -24.03
CA SER B 240 22.88 -26.27 -23.74
C SER B 240 22.02 -25.65 -24.84
N LYS B 241 20.82 -26.17 -24.98
CA LYS B 241 19.83 -25.64 -25.89
C LYS B 241 18.81 -24.82 -25.13
N LEU B 242 18.20 -23.85 -25.82
CA LEU B 242 17.29 -22.94 -25.16
C LEU B 242 15.98 -23.61 -24.79
N THR B 243 15.56 -23.39 -23.55
CA THR B 243 14.25 -23.79 -23.08
C THR B 243 13.18 -23.00 -23.82
N PRO B 244 12.01 -23.59 -24.08
CA PRO B 244 10.90 -22.79 -24.61
C PRO B 244 10.66 -21.52 -23.81
N HIS B 245 10.78 -21.61 -22.48
CA HIS B 245 10.79 -20.45 -21.61
C HIS B 245 11.75 -19.37 -22.12
N GLU B 246 13.02 -19.73 -22.29
CA GLU B 246 14.03 -18.75 -22.66
C GLU B 246 13.79 -18.21 -24.07
N ILE B 247 13.29 -19.06 -24.97
CA ILE B 247 12.98 -18.61 -26.32
C ILE B 247 11.90 -17.54 -26.29
N THR B 248 10.78 -17.82 -25.61
CA THR B 248 9.73 -16.82 -25.49
C THR B 248 10.24 -15.55 -24.81
N GLY B 249 11.09 -15.71 -23.80
CA GLY B 249 11.61 -14.54 -23.10
C GLY B 249 12.41 -13.63 -24.01
N MET B 250 13.36 -14.20 -24.75
CA MET B 250 14.16 -13.38 -25.64
C MET B 250 13.34 -12.83 -26.81
N LEU B 251 12.30 -13.56 -27.24
CA LEU B 251 11.41 -13.01 -28.26
C LEU B 251 10.69 -11.76 -27.75
N ILE B 252 10.09 -11.86 -26.56
CA ILE B 252 9.45 -10.70 -25.95
C ILE B 252 10.45 -9.57 -25.76
N ALA B 253 11.70 -9.92 -25.42
CA ALA B 253 12.71 -8.90 -25.21
C ALA B 253 13.03 -8.14 -26.49
N THR B 254 13.23 -8.86 -27.60
CA THR B 254 13.49 -8.18 -28.87
C THR B 254 12.30 -7.33 -29.29
N ILE B 255 11.07 -7.82 -29.08
CA ILE B 255 9.91 -7.03 -29.44
C ILE B 255 9.89 -5.73 -28.64
N PHE B 256 10.03 -5.82 -27.32
CA PHE B 256 9.98 -4.64 -26.48
CA PHE B 256 9.99 -4.64 -26.46
C PHE B 256 11.08 -3.65 -26.86
N ALA B 257 12.32 -4.14 -27.02
CA ALA B 257 13.44 -3.31 -27.43
C ALA B 257 13.16 -2.62 -28.76
N GLY B 258 13.02 -3.39 -29.84
CA GLY B 258 12.81 -2.83 -31.15
C GLY B 258 11.45 -2.18 -31.37
N HIS B 259 10.63 -2.07 -30.32
CA HIS B 259 9.32 -1.46 -30.52
C HIS B 259 9.02 -0.27 -29.63
N HIS B 260 9.07 -0.43 -28.30
CA HIS B 260 8.48 0.59 -27.42
C HIS B 260 9.14 1.95 -27.54
N THR B 261 10.45 1.99 -27.81
CA THR B 261 11.13 3.28 -27.91
C THR B 261 10.91 3.91 -29.28
N SER B 262 11.01 3.09 -30.33
CA SER B 262 10.94 3.58 -31.69
C SER B 262 9.59 4.22 -32.00
N SER B 263 8.49 3.62 -31.53
CA SER B 263 7.17 4.15 -31.86
C SER B 263 6.97 5.55 -31.29
N GLY B 264 7.26 5.72 -30.00
CA GLY B 264 7.18 7.04 -29.40
C GLY B 264 8.04 8.06 -30.13
N THR B 265 9.31 7.73 -30.37
CA THR B 265 10.16 8.76 -30.94
C THR B 265 9.89 9.03 -32.42
N THR B 266 9.37 8.07 -33.19
CA THR B 266 8.99 8.37 -34.56
C THR B 266 7.72 9.22 -34.60
N ALA B 267 6.79 8.96 -33.68
CA ALA B 267 5.67 9.87 -33.49
C ALA B 267 6.15 11.28 -33.25
N TRP B 268 7.14 11.43 -32.35
CA TRP B 268 7.63 12.75 -32.02
C TRP B 268 8.36 13.40 -33.18
N VAL B 269 9.06 12.61 -34.01
CA VAL B 269 9.66 13.16 -35.22
C VAL B 269 8.58 13.81 -36.09
N LEU B 270 7.51 13.06 -36.39
CA LEU B 270 6.46 13.62 -37.24
C LEU B 270 5.87 14.89 -36.62
N ILE B 271 5.62 14.88 -35.30
CA ILE B 271 4.96 16.02 -34.67
C ILE B 271 5.88 17.25 -34.71
N GLU B 272 7.12 17.10 -34.26
CA GLU B 272 8.04 18.24 -34.23
C GLU B 272 8.33 18.76 -35.63
N LEU B 273 8.23 17.90 -36.65
CA LEU B 273 8.32 18.42 -38.02
C LEU B 273 7.09 19.25 -38.38
N LEU B 274 5.90 18.76 -38.03
CA LEU B 274 4.69 19.52 -38.36
C LEU B 274 4.64 20.85 -37.61
N ARG B 275 5.29 20.95 -36.46
CA ARG B 275 5.28 22.21 -35.71
C ARG B 275 6.30 23.21 -36.22
N ARG B 276 7.24 22.79 -37.08
CA ARG B 276 8.30 23.67 -37.58
C ARG B 276 8.44 23.48 -39.09
N PRO B 277 7.78 24.35 -39.86
CA PRO B 277 7.82 24.19 -41.33
C PRO B 277 9.21 24.30 -41.93
N GLU B 278 10.12 25.03 -41.29
CA GLU B 278 11.49 25.11 -41.80
C GLU B 278 12.13 23.73 -41.85
N TYR B 279 12.06 22.99 -40.74
CA TYR B 279 12.69 21.67 -40.73
C TYR B 279 11.87 20.64 -41.47
N LEU B 280 10.54 20.78 -41.51
CA LEU B 280 9.77 19.90 -42.39
C LEU B 280 10.19 20.10 -43.84
N ARG B 281 10.43 21.35 -44.25
CA ARG B 281 10.88 21.62 -45.61
C ARG B 281 12.25 21.02 -45.87
N ARG B 282 13.18 21.17 -44.92
CA ARG B 282 14.53 20.63 -45.10
C ARG B 282 14.52 19.10 -45.20
N VAL B 283 13.81 18.45 -44.27
CA VAL B 283 13.73 16.99 -44.27
C VAL B 283 12.99 16.49 -45.50
N ARG B 284 11.92 17.19 -45.89
CA ARG B 284 11.18 16.85 -47.10
C ARG B 284 12.08 16.93 -48.32
N ALA B 285 12.97 17.93 -48.35
CA ALA B 285 13.93 18.05 -49.45
C ALA B 285 14.85 16.85 -49.48
N GLU B 286 15.38 16.43 -48.33
CA GLU B 286 16.21 15.22 -48.32
C GLU B 286 15.46 14.01 -48.84
N ILE B 287 14.23 13.81 -48.35
CA ILE B 287 13.46 12.63 -48.74
C ILE B 287 13.21 12.63 -50.24
N ASP B 288 12.84 13.80 -50.78
CA ASP B 288 12.60 13.92 -52.21
C ASP B 288 13.87 13.64 -53.01
N ALA B 289 15.01 14.17 -52.56
CA ALA B 289 16.27 13.91 -53.26
C ALA B 289 16.66 12.45 -53.18
N LEU B 290 16.40 11.80 -52.05
CA LEU B 290 16.64 10.37 -51.91
C LEU B 290 15.88 9.60 -52.98
N PHE B 291 14.57 9.84 -53.08
CA PHE B 291 13.78 9.14 -54.09
C PHE B 291 14.11 9.59 -55.52
N GLU B 292 14.65 10.79 -55.70
CA GLU B 292 15.05 11.24 -57.03
C GLU B 292 16.29 10.49 -57.50
N THR B 293 17.35 10.50 -56.71
CA THR B 293 18.61 9.90 -57.12
C THR B 293 18.56 8.37 -57.00
N HIS B 294 18.31 7.86 -55.79
CA HIS B 294 18.10 6.43 -55.67
C HIS B 294 16.65 6.10 -56.03
N GLY B 295 16.42 4.86 -56.44
CA GLY B 295 15.08 4.46 -56.81
C GLY B 295 14.14 4.39 -55.61
N ARG B 296 14.60 3.83 -54.50
CA ARG B 296 13.71 3.53 -53.39
C ARG B 296 14.49 3.66 -52.09
N VAL B 297 13.93 3.12 -51.00
CA VAL B 297 14.55 3.18 -49.69
C VAL B 297 15.39 1.91 -49.51
N THR B 298 16.71 2.07 -49.54
CA THR B 298 17.66 1.00 -49.28
C THR B 298 18.62 1.44 -48.20
N PHE B 299 19.24 0.46 -47.54
CA PHE B 299 20.19 0.77 -46.46
C PHE B 299 21.22 1.80 -46.89
N GLU B 300 21.72 1.69 -48.11
CA GLU B 300 22.63 2.70 -48.64
C GLU B 300 21.89 3.99 -48.97
N SER B 301 20.66 3.86 -49.47
CA SER B 301 19.89 5.03 -49.92
C SER B 301 19.75 6.07 -48.82
N LEU B 302 19.44 5.65 -47.60
CA LEU B 302 19.21 6.57 -46.50
C LEU B 302 20.36 6.59 -45.51
N ARG B 303 21.57 6.25 -45.97
CA ARG B 303 22.74 6.29 -45.10
C ARG B 303 23.17 7.71 -44.77
N GLN B 304 22.93 8.66 -45.66
CA GLN B 304 23.43 10.02 -45.52
C GLN B 304 22.25 10.99 -45.58
N MET B 305 21.49 11.08 -44.48
CA MET B 305 20.40 12.05 -44.34
C MET B 305 20.70 12.90 -43.12
N PRO B 306 21.60 13.89 -43.24
CA PRO B 306 21.97 14.68 -42.06
C PRO B 306 20.83 15.49 -41.47
N GLN B 307 19.99 16.12 -42.29
CA GLN B 307 18.87 16.89 -41.75
C GLN B 307 17.96 16.00 -40.91
N LEU B 308 17.60 14.82 -41.43
CA LEU B 308 16.63 13.99 -40.74
C LEU B 308 17.26 13.34 -39.50
N GLU B 309 18.53 12.94 -39.57
CA GLU B 309 19.17 12.41 -38.36
C GLU B 309 19.31 13.48 -37.28
N ASN B 310 19.61 14.73 -37.66
CA ASN B 310 19.70 15.76 -36.64
C ASN B 310 18.34 16.05 -36.03
N VAL B 311 17.28 16.02 -36.85
CA VAL B 311 15.93 16.14 -36.30
C VAL B 311 15.65 15.01 -35.32
N ILE B 312 16.04 13.78 -35.67
CA ILE B 312 15.80 12.65 -34.77
C ILE B 312 16.60 12.80 -33.49
N LYS B 313 17.87 13.22 -33.59
CA LYS B 313 18.68 13.41 -32.40
C LYS B 313 18.07 14.44 -31.46
N GLU B 314 17.55 15.54 -32.02
CA GLU B 314 16.93 16.55 -31.17
C GLU B 314 15.64 16.03 -30.54
N VAL B 315 14.86 15.26 -31.31
CA VAL B 315 13.70 14.57 -30.75
C VAL B 315 14.11 13.68 -29.59
N LEU B 316 15.22 12.96 -29.74
CA LEU B 316 15.68 12.08 -28.66
C LEU B 316 16.17 12.87 -27.47
N ARG B 317 16.72 14.05 -27.71
CA ARG B 317 17.19 14.89 -26.61
C ARG B 317 16.03 15.41 -25.77
N LEU B 318 15.01 15.99 -26.40
CA LEU B 318 13.89 16.53 -25.63
C LEU B 318 12.86 15.47 -25.25
N HIS B 319 12.82 14.34 -25.96
CA HIS B 319 11.87 13.26 -25.70
C HIS B 319 12.59 11.92 -25.60
N PRO B 320 13.53 11.77 -24.66
CA PRO B 320 14.13 10.45 -24.45
C PRO B 320 13.09 9.49 -23.90
N PRO B 321 12.80 8.41 -24.61
CA PRO B 321 11.70 7.52 -24.17
C PRO B 321 11.99 6.79 -22.88
N LEU B 322 13.26 6.60 -22.50
CA LEU B 322 13.62 5.96 -21.24
C LEU B 322 14.18 7.03 -20.31
N ILE B 323 13.49 7.27 -19.19
CA ILE B 323 13.83 8.37 -18.31
C ILE B 323 14.67 7.92 -17.12
N LEU B 324 14.46 6.70 -16.63
CA LEU B 324 15.28 6.14 -15.55
C LEU B 324 16.11 4.97 -16.05
N LEU B 325 17.40 5.23 -16.24
CA LEU B 325 18.39 4.17 -16.26
C LEU B 325 18.83 3.96 -14.81
N MET B 326 19.10 2.72 -14.42
CA MET B 326 19.47 2.54 -13.02
C MET B 326 20.21 1.23 -12.79
N ARG B 327 20.96 1.20 -11.69
CA ARG B 327 21.74 0.05 -11.27
C ARG B 327 21.67 -0.06 -9.75
N LYS B 328 22.20 -1.18 -9.24
CA LYS B 328 22.42 -1.40 -7.83
C LYS B 328 23.91 -1.34 -7.52
N VAL B 329 24.26 -0.77 -6.38
CA VAL B 329 25.65 -0.59 -5.98
C VAL B 329 26.14 -1.85 -5.28
N MET B 330 27.15 -2.50 -5.86
CA MET B 330 27.74 -3.70 -5.28
C MET B 330 28.93 -3.39 -4.39
N LYS B 331 29.66 -2.31 -4.68
CA LYS B 331 30.79 -1.85 -3.89
C LYS B 331 30.70 -0.34 -3.76
N ASP B 332 30.97 0.17 -2.55
CA ASP B 332 30.89 1.61 -2.30
C ASP B 332 31.69 2.37 -3.34
N PHE B 333 31.08 3.37 -3.97
CA PHE B 333 31.91 4.22 -4.82
C PHE B 333 31.67 5.68 -4.45
N GLU B 334 32.41 6.56 -5.13
CA GLU B 334 32.39 7.98 -4.81
C GLU B 334 32.13 8.77 -6.09
N VAL B 335 31.14 9.66 -6.02
CA VAL B 335 30.83 10.60 -7.11
C VAL B 335 30.88 12.00 -6.55
N GLN B 336 31.76 12.83 -7.11
CA GLN B 336 31.84 14.25 -6.78
C GLN B 336 32.01 14.46 -5.27
N GLY B 337 32.87 13.64 -4.66
CA GLY B 337 33.17 13.74 -3.26
C GLY B 337 32.16 13.12 -2.32
N MET B 338 31.11 12.50 -2.85
CA MET B 338 30.07 11.89 -2.02
C MET B 338 30.13 10.37 -2.15
N ARG B 339 29.93 9.67 -1.03
CA ARG B 339 30.05 8.22 -0.98
C ARG B 339 28.66 7.60 -1.16
N ILE B 340 28.45 6.96 -2.30
CA ILE B 340 27.27 6.14 -2.52
C ILE B 340 27.60 4.75 -2.00
N GLU B 341 26.94 4.38 -0.90
CA GLU B 341 27.19 3.13 -0.21
C GLU B 341 26.60 1.96 -0.98
N ALA B 342 27.23 0.79 -0.84
CA ALA B 342 26.67 -0.42 -1.41
C ALA B 342 25.33 -0.74 -0.76
N GLY B 343 24.45 -1.37 -1.54
CA GLY B 343 23.08 -1.58 -1.13
C GLY B 343 22.11 -0.53 -1.61
N LYS B 344 22.60 0.68 -1.90
CA LYS B 344 21.79 1.71 -2.54
C LYS B 344 21.69 1.43 -4.04
N PHE B 345 20.85 2.22 -4.70
CA PHE B 345 20.69 2.17 -6.14
C PHE B 345 21.06 3.52 -6.74
N VAL B 346 21.49 3.52 -7.99
CA VAL B 346 21.89 4.74 -8.68
C VAL B 346 21.06 4.89 -9.96
N CYS B 347 20.80 6.15 -10.32
CA CYS B 347 19.86 6.52 -11.37
C CYS B 347 20.53 7.49 -12.33
N ALA B 348 20.23 7.34 -13.61
CA ALA B 348 20.56 8.30 -14.64
C ALA B 348 19.28 8.75 -15.31
N ALA B 349 19.09 10.06 -15.42
CA ALA B 349 17.87 10.65 -15.98
C ALA B 349 18.25 11.43 -17.25
N PRO B 350 18.14 10.81 -18.42
CA PRO B 350 18.39 11.54 -19.66
C PRO B 350 17.50 12.77 -19.81
N SER B 351 16.23 12.66 -19.45
CA SER B 351 15.31 13.80 -19.58
C SER B 351 15.78 14.98 -18.76
N VAL B 352 16.39 14.72 -17.59
CA VAL B 352 16.81 15.81 -16.72
C VAL B 352 18.17 16.35 -17.14
N THR B 353 19.11 15.47 -17.51
CA THR B 353 20.42 15.94 -17.93
C THR B 353 20.36 16.71 -19.25
N HIS B 354 19.44 16.33 -20.14
CA HIS B 354 19.34 16.96 -21.45
C HIS B 354 18.90 18.41 -21.38
N ARG B 355 18.42 18.89 -20.22
CA ARG B 355 17.94 20.25 -20.08
C ARG B 355 18.87 21.10 -19.22
N ILE B 356 20.13 20.69 -19.08
CA ILE B 356 21.13 21.49 -18.39
C ILE B 356 21.65 22.55 -19.33
N PRO B 357 21.42 23.84 -19.04
CA PRO B 357 21.90 24.89 -19.96
C PRO B 357 23.41 24.88 -20.15
N GLU B 358 24.15 24.47 -19.13
CA GLU B 358 25.61 24.36 -19.24
C GLU B 358 26.03 23.34 -20.29
N LEU B 359 25.16 22.37 -20.60
CA LEU B 359 25.42 21.38 -21.64
C LEU B 359 24.67 21.68 -22.94
N PHE B 360 23.59 22.45 -22.88
CA PHE B 360 22.73 22.69 -24.05
C PHE B 360 22.24 24.12 -23.97
N PRO B 361 22.91 25.05 -24.66
CA PRO B 361 22.51 26.46 -24.60
C PRO B 361 21.07 26.64 -25.05
N ASN B 362 20.31 27.39 -24.25
CA ASN B 362 18.86 27.52 -24.40
C ASN B 362 18.27 26.12 -24.45
N PRO B 363 18.26 25.40 -23.33
CA PRO B 363 18.03 23.94 -23.39
C PRO B 363 16.63 23.54 -23.77
N GLU B 364 15.63 24.39 -23.58
CA GLU B 364 14.26 23.98 -23.84
C GLU B 364 13.87 24.15 -25.30
N LEU B 365 14.73 24.76 -26.12
CA LEU B 365 14.45 24.99 -27.52
C LEU B 365 14.77 23.74 -28.35
N PHE B 366 13.91 23.48 -29.34
CA PHE B 366 14.13 22.39 -30.30
C PHE B 366 14.95 22.94 -31.46
N ASP B 367 16.24 22.61 -31.47
CA ASP B 367 17.17 23.13 -32.47
C ASP B 367 18.09 22.01 -32.94
N PRO B 368 17.66 21.21 -33.93
CA PRO B 368 18.51 20.11 -34.39
C PRO B 368 19.89 20.55 -34.87
N ASP B 369 20.05 21.82 -35.25
CA ASP B 369 21.34 22.31 -35.69
C ASP B 369 22.42 22.16 -34.62
N ARG B 370 22.03 21.88 -33.36
CA ARG B 370 23.00 21.53 -32.33
C ARG B 370 23.98 20.47 -32.80
N TYR B 371 23.55 19.57 -33.69
CA TYR B 371 24.37 18.45 -34.08
C TYR B 371 25.09 18.68 -35.40
N THR B 372 25.14 19.91 -35.87
CA THR B 372 26.05 20.25 -36.96
C THR B 372 27.49 20.01 -36.53
N PRO B 373 28.39 19.67 -37.46
CA PRO B 373 29.76 19.33 -37.05
C PRO B 373 30.46 20.43 -36.27
N GLU B 374 30.17 21.69 -36.59
CA GLU B 374 30.75 22.80 -35.83
C GLU B 374 30.17 22.89 -34.41
N ARG B 375 28.83 22.81 -34.25
CA ARG B 375 28.30 22.95 -32.90
C ARG B 375 28.51 21.69 -32.06
N ALA B 376 28.21 20.51 -32.63
CA ALA B 376 28.51 19.22 -32.03
C ALA B 376 28.29 19.16 -30.52
N GLU B 377 27.04 19.16 -30.09
CA GLU B 377 26.72 19.02 -28.68
C GLU B 377 26.65 17.54 -28.28
N ASP B 378 26.92 16.64 -29.22
CA ASP B 378 27.09 15.21 -28.97
C ASP B 378 28.44 14.88 -28.38
N LYS B 379 29.41 15.80 -28.48
CA LYS B 379 30.80 15.48 -28.17
C LYS B 379 31.01 15.11 -26.71
N ASP B 380 30.20 15.68 -25.81
CA ASP B 380 30.38 15.46 -24.39
C ASP B 380 30.26 13.99 -23.99
N LEU B 381 29.82 13.11 -24.91
CA LEU B 381 29.81 11.67 -24.71
C LEU B 381 28.87 11.24 -23.58
N TYR B 382 28.78 12.03 -22.52
CA TYR B 382 27.98 11.68 -21.35
C TYR B 382 26.99 12.79 -20.99
N GLY B 383 26.73 13.70 -21.92
CA GLY B 383 25.65 14.66 -21.77
C GLY B 383 24.41 14.18 -22.48
N TRP B 384 24.40 14.29 -23.81
CA TRP B 384 23.39 13.62 -24.62
C TRP B 384 23.47 12.12 -24.39
N GLN B 385 22.40 11.52 -23.87
CA GLN B 385 22.47 10.14 -23.42
C GLN B 385 21.13 9.43 -23.59
N ALA B 386 20.41 9.73 -24.67
CA ALA B 386 19.16 9.01 -24.92
C ALA B 386 19.41 7.53 -25.15
N PHE B 387 20.62 7.16 -25.58
CA PHE B 387 20.99 5.77 -25.81
C PHE B 387 21.88 5.22 -24.70
N GLY B 388 21.82 5.80 -23.50
CA GLY B 388 22.69 5.36 -22.43
C GLY B 388 24.15 5.67 -22.73
N GLY B 389 25.04 4.82 -22.21
CA GLY B 389 26.45 5.01 -22.44
C GLY B 389 27.25 3.94 -21.71
N GLY B 390 28.57 4.03 -21.88
CA GLY B 390 29.45 3.06 -21.27
C GLY B 390 29.40 1.71 -21.97
N ARG B 391 29.77 0.67 -21.22
CA ARG B 391 29.76 -0.68 -21.79
C ARG B 391 28.34 -1.14 -22.10
N HIS B 392 27.36 -0.71 -21.31
CA HIS B 392 25.98 -1.10 -21.51
C HIS B 392 25.21 -0.11 -22.37
N LYS B 393 25.90 0.64 -23.22
CA LYS B 393 25.22 1.47 -24.22
C LYS B 393 24.32 0.61 -25.10
N CYS B 394 23.22 1.22 -25.56
CA CYS B 394 22.34 0.59 -26.54
C CYS B 394 23.11 0.04 -27.72
N SER B 395 22.94 -1.25 -27.97
CA SER B 395 23.54 -1.91 -29.12
C SER B 395 22.60 -1.99 -30.31
N GLY B 396 21.35 -1.54 -30.18
CA GLY B 396 20.41 -1.48 -31.27
C GLY B 396 20.08 -0.11 -31.78
N ASN B 397 20.84 0.93 -31.39
CA ASN B 397 20.52 2.29 -31.79
C ASN B 397 20.67 2.49 -33.29
N ALA B 398 21.61 1.78 -33.92
CA ALA B 398 21.73 1.84 -35.37
C ALA B 398 20.44 1.41 -36.05
N PHE B 399 19.92 0.23 -35.66
CA PHE B 399 18.65 -0.22 -36.20
C PHE B 399 17.52 0.73 -35.84
N ALA B 400 17.57 1.33 -34.64
CA ALA B 400 16.51 2.26 -34.26
C ALA B 400 16.46 3.46 -35.21
N MET B 401 17.63 4.09 -35.44
CA MET B 401 17.71 5.19 -36.38
C MET B 401 17.26 4.76 -37.77
N PHE B 402 17.71 3.59 -38.21
CA PHE B 402 17.35 3.10 -39.54
C PHE B 402 15.85 2.92 -39.68
N GLN B 403 15.22 2.30 -38.68
CA GLN B 403 13.78 2.06 -38.70
C GLN B 403 13.01 3.37 -38.73
N ILE B 404 13.37 4.30 -37.85
CA ILE B 404 12.67 5.58 -37.79
C ILE B 404 12.80 6.31 -39.12
N LYS B 405 14.02 6.37 -39.65
CA LYS B 405 14.26 7.08 -40.90
C LYS B 405 13.48 6.45 -42.04
N ALA B 406 13.45 5.11 -42.13
CA ALA B 406 12.75 4.45 -43.22
C ALA B 406 11.24 4.70 -43.14
N ILE B 407 10.67 4.60 -41.93
CA ILE B 407 9.25 4.85 -41.77
C ILE B 407 8.92 6.28 -42.16
N VAL B 408 9.70 7.25 -41.68
CA VAL B 408 9.42 8.65 -41.98
C VAL B 408 9.56 8.92 -43.48
N CYS B 409 10.56 8.31 -44.12
CA CYS B 409 10.72 8.47 -45.58
C CYS B 409 9.49 7.97 -46.32
N VAL B 410 9.18 6.67 -46.14
CA VAL B 410 8.07 6.07 -46.88
C VAL B 410 6.77 6.81 -46.57
N LEU B 411 6.66 7.38 -45.38
CA LEU B 411 5.40 7.94 -44.93
C LEU B 411 5.22 9.40 -45.37
N LEU B 412 6.30 10.17 -45.45
CA LEU B 412 6.25 11.54 -45.92
C LEU B 412 6.41 11.69 -47.42
N ARG B 413 6.83 10.64 -48.14
CA ARG B 413 7.02 10.79 -49.58
C ARG B 413 5.68 10.92 -50.30
N ASN B 414 4.71 10.07 -49.98
CA ASN B 414 3.44 10.02 -50.71
C ASN B 414 2.25 10.43 -49.83
N TYR B 415 2.48 11.25 -48.81
CA TYR B 415 1.39 11.79 -48.01
C TYR B 415 1.83 13.09 -47.37
N GLU B 416 0.85 13.94 -47.09
CA GLU B 416 1.05 15.23 -46.46
C GLU B 416 0.21 15.29 -45.20
N PHE B 417 0.68 16.04 -44.20
CA PHE B 417 0.04 16.01 -42.90
C PHE B 417 -0.12 17.40 -42.30
N GLU B 418 -1.12 17.53 -41.44
CA GLU B 418 -1.31 18.68 -40.56
C GLU B 418 -1.64 18.17 -39.17
N LEU B 419 -1.27 18.96 -38.16
CA LEU B 419 -1.69 18.67 -36.79
C LEU B 419 -3.17 18.97 -36.64
N ALA B 420 -3.94 17.96 -36.23
CA ALA B 420 -5.38 18.15 -36.11
C ALA B 420 -5.73 19.12 -34.99
N ALA B 421 -4.92 19.17 -33.93
CA ALA B 421 -5.20 20.01 -32.77
C ALA B 421 -4.27 21.22 -32.76
N ALA B 422 -4.30 21.96 -31.67
CA ALA B 422 -3.41 23.10 -31.52
C ALA B 422 -1.97 22.61 -31.36
N PRO B 423 -1.00 23.29 -31.98
CA PRO B 423 0.39 22.81 -31.91
C PRO B 423 0.92 22.67 -30.49
N GLU B 424 0.55 23.59 -29.59
CA GLU B 424 1.01 23.52 -28.21
C GLU B 424 0.36 22.38 -27.43
N SER B 425 -0.72 21.78 -27.96
CA SER B 425 -1.46 20.75 -27.24
C SER B 425 -0.74 19.40 -27.21
N TYR B 426 0.28 19.22 -28.04
CA TYR B 426 1.02 17.97 -28.11
C TYR B 426 2.14 17.97 -27.08
N ARG B 427 2.10 17.02 -26.14
CA ARG B 427 3.09 16.97 -25.09
C ARG B 427 3.30 15.53 -24.64
N ASP B 428 4.43 15.30 -23.98
CA ASP B 428 4.74 13.99 -23.43
C ASP B 428 3.76 13.64 -22.31
N ASP B 429 3.49 12.35 -22.16
CA ASP B 429 2.70 11.84 -21.05
C ASP B 429 3.67 11.10 -20.12
N TYR B 430 4.14 11.81 -19.09
CA TYR B 430 5.22 11.30 -18.26
C TYR B 430 4.76 10.21 -17.30
N ARG B 431 3.45 10.00 -17.14
CA ARG B 431 2.93 8.98 -16.25
C ARG B 431 3.37 7.57 -16.63
N LYS B 432 3.93 7.39 -17.81
CA LYS B 432 4.45 6.10 -18.25
C LYS B 432 5.93 6.01 -17.94
N MET B 433 6.43 4.78 -17.88
CA MET B 433 7.87 4.60 -17.71
C MET B 433 8.61 4.75 -19.04
N VAL B 434 8.00 4.28 -20.12
CA VAL B 434 8.46 4.56 -21.48
C VAL B 434 7.62 5.74 -21.97
N VAL B 435 8.23 6.93 -22.00
CA VAL B 435 7.47 8.14 -22.27
C VAL B 435 7.05 8.18 -23.74
N GLU B 436 5.77 8.42 -23.96
CA GLU B 436 5.19 8.55 -25.29
C GLU B 436 4.54 9.92 -25.37
N PRO B 437 4.17 10.40 -26.56
CA PRO B 437 3.31 11.60 -26.62
C PRO B 437 1.96 11.37 -25.97
N ALA B 438 1.09 12.38 -26.00
CA ALA B 438 -0.13 12.37 -25.21
C ALA B 438 -1.09 11.28 -25.69
N SER B 439 -2.20 11.15 -24.97
CA SER B 439 -3.18 10.10 -25.28
C SER B 439 -3.80 10.24 -26.66
N PRO B 440 -4.33 11.41 -27.05
CA PRO B 440 -4.90 11.53 -28.39
C PRO B 440 -4.07 12.41 -29.32
N CYS B 441 -3.08 11.83 -29.99
CA CYS B 441 -2.27 12.63 -30.92
C CYS B 441 -3.14 13.18 -32.04
N LEU B 442 -3.70 12.29 -32.88
CA LEU B 442 -4.63 12.68 -33.93
C LEU B 442 -4.04 13.69 -34.90
N ILE B 443 -3.65 13.23 -36.09
CA ILE B 443 -3.19 14.13 -37.15
C ILE B 443 -4.05 13.91 -38.38
N ARG B 444 -4.13 14.93 -39.21
CA ARG B 444 -4.83 14.81 -40.48
C ARG B 444 -3.83 14.63 -41.61
N TYR B 445 -4.30 13.99 -42.68
CA TYR B 445 -3.44 13.49 -43.74
C TYR B 445 -4.15 13.57 -45.08
N ARG B 446 -3.33 13.55 -46.14
CA ARG B 446 -3.82 13.72 -47.51
C ARG B 446 -2.84 13.03 -48.46
N ARG B 447 -3.37 12.38 -49.48
CA ARG B 447 -2.50 11.76 -50.48
C ARG B 447 -1.80 12.81 -51.31
N ARG B 448 -0.58 12.49 -51.73
CA ARG B 448 0.25 13.38 -52.54
C ARG B 448 0.63 12.69 -53.85
N ASP B 449 0.88 13.50 -54.87
CA ASP B 449 1.32 13.01 -56.16
C ASP B 449 2.74 13.48 -56.46
N ALA B 450 3.42 12.73 -57.32
CA ALA B 450 4.77 13.07 -57.75
C ALA B 450 5.15 12.24 -58.98
N ASN C 7 -19.42 -0.64 28.35
CA ASN C 7 -18.77 0.65 28.18
C ASN C 7 -17.38 0.47 27.57
N THR C 8 -17.24 0.83 26.29
CA THR C 8 -16.03 0.67 25.50
C THR C 8 -15.10 1.87 25.65
N PRO C 9 -13.83 1.72 25.27
CA PRO C 9 -12.91 2.87 25.31
C PRO C 9 -13.23 3.87 24.21
N PRO C 10 -12.83 5.13 24.38
CA PRO C 10 -13.06 6.12 23.33
C PRO C 10 -12.12 5.94 22.16
N VAL C 11 -12.64 6.18 20.95
CA VAL C 11 -11.90 5.95 19.72
C VAL C 11 -11.58 7.30 19.08
N LYS C 12 -10.31 7.49 18.72
CA LYS C 12 -9.90 8.72 18.06
C LYS C 12 -10.57 8.84 16.69
N PRO C 13 -11.32 9.90 16.43
CA PRO C 13 -12.07 10.00 15.17
C PRO C 13 -11.17 10.47 14.03
N GLY C 14 -11.63 10.21 12.81
CA GLY C 14 -10.95 10.71 11.63
C GLY C 14 -9.83 9.88 11.02
N GLY C 15 -10.07 8.60 10.78
CA GLY C 15 -9.08 7.80 10.09
C GLY C 15 -9.18 8.01 8.58
N LEU C 16 -8.16 7.58 7.90
CA LEU C 16 -8.30 7.50 6.45
C LEU C 16 -8.79 6.11 6.06
N PRO C 17 -9.54 6.00 4.96
CA PRO C 17 -10.07 4.69 4.58
C PRO C 17 -8.95 3.69 4.36
N LEU C 18 -9.16 2.47 4.82
CA LEU C 18 -8.22 1.36 4.63
C LEU C 18 -6.95 1.54 5.47
N LEU C 19 -6.53 2.78 5.71
CA LEU C 19 -5.27 3.06 6.37
C LEU C 19 -5.39 3.39 7.84
N GLY C 20 -6.58 3.80 8.30
CA GLY C 20 -6.73 4.25 9.68
C GLY C 20 -5.91 5.52 9.93
N HIS C 21 -5.18 5.51 11.04
CA HIS C 21 -4.32 6.62 11.44
C HIS C 21 -2.85 6.36 11.16
N ILE C 22 -2.55 5.44 10.24
CA ILE C 22 -1.19 4.90 10.15
C ILE C 22 -0.19 5.93 9.66
N LEU C 23 -0.57 6.84 8.78
CA LEU C 23 0.39 7.82 8.28
C LEU C 23 0.73 8.85 9.36
N GLU C 24 -0.29 9.38 10.03
CA GLU C 24 -0.06 10.29 11.15
C GLU C 24 0.77 9.62 12.24
N PHE C 25 0.52 8.34 12.49
CA PHE C 25 1.32 7.61 13.46
C PHE C 25 2.77 7.46 12.99
N GLY C 26 2.96 7.10 11.72
CA GLY C 26 4.29 6.85 11.20
C GLY C 26 5.18 8.07 11.15
N LYS C 27 4.61 9.24 10.89
CA LYS C 27 5.43 10.45 10.84
C LYS C 27 6.18 10.66 12.15
N ASN C 28 5.46 10.66 13.27
CA ASN C 28 6.08 10.63 14.60
C ASN C 28 5.22 9.78 15.52
N PRO C 29 5.60 8.52 15.75
CA PRO C 29 4.80 7.67 16.65
C PRO C 29 4.75 8.19 18.07
N HIS C 30 5.89 8.67 18.59
CA HIS C 30 5.89 9.17 19.97
C HIS C 30 4.97 10.36 20.13
N ALA C 31 5.01 11.31 19.18
CA ALA C 31 4.13 12.47 19.26
C ALA C 31 2.67 12.05 19.11
N PHE C 32 2.40 11.13 18.18
CA PHE C 32 1.03 10.64 17.99
C PHE C 32 0.49 10.04 19.28
N LEU C 33 1.29 9.21 19.94
CA LEU C 33 0.83 8.54 21.16
C LEU C 33 0.69 9.51 22.32
N MET C 34 1.66 10.42 22.50
CA MET C 34 1.54 11.48 23.50
C MET C 34 0.24 12.26 23.31
N ALA C 35 -0.06 12.66 22.07
CA ALA C 35 -1.25 13.47 21.82
C ALA C 35 -2.53 12.67 22.04
N LEU C 36 -2.51 11.39 21.63
CA LEU C 36 -3.66 10.53 21.87
C LEU C 36 -3.95 10.41 23.36
N ARG C 37 -2.92 10.22 24.18
CA ARG C 37 -3.13 10.21 25.63
C ARG C 37 -3.66 11.55 26.11
N HIS C 38 -3.02 12.65 25.67
CA HIS C 38 -3.40 13.98 26.13
C HIS C 38 -4.87 14.26 25.87
N GLU C 39 -5.41 13.73 24.77
CA GLU C 39 -6.81 14.04 24.46
C GLU C 39 -7.78 13.01 25.01
N PHE C 40 -7.36 11.76 25.23
CA PHE C 40 -8.34 10.73 25.57
C PHE C 40 -8.10 10.02 26.89
N GLY C 41 -6.85 9.73 27.28
CA GLY C 41 -6.67 9.23 28.62
C GLY C 41 -5.90 7.93 28.66
N ASP C 42 -6.05 7.21 29.79
CA ASP C 42 -5.27 6.01 30.05
C ASP C 42 -5.61 4.87 29.09
N VAL C 43 -6.86 4.77 28.66
CA VAL C 43 -7.30 3.72 27.74
C VAL C 43 -7.92 4.40 26.53
N ALA C 44 -7.21 4.40 25.41
CA ALA C 44 -7.71 5.14 24.26
C ALA C 44 -7.37 4.44 22.96
N GLU C 45 -8.34 4.40 22.04
CA GLU C 45 -8.26 3.56 20.86
C GLU C 45 -8.03 4.39 19.59
N PHE C 46 -7.08 3.95 18.77
CA PHE C 46 -6.86 4.46 17.43
C PHE C 46 -6.87 3.28 16.46
N ARG C 47 -6.59 3.53 15.18
CA ARG C 47 -6.63 2.47 14.18
C ARG C 47 -5.36 2.45 13.37
N MET C 48 -4.79 1.25 13.21
CA MET C 48 -3.70 1.00 12.28
C MET C 48 -4.27 0.13 11.16
N PHE C 49 -4.34 0.71 9.96
CA PHE C 49 -5.01 0.09 8.81
C PHE C 49 -6.45 -0.17 9.23
N HIS C 50 -6.93 -1.41 9.16
CA HIS C 50 -8.28 -1.76 9.58
C HIS C 50 -8.33 -2.29 11.00
N GLN C 51 -7.18 -2.42 11.66
CA GLN C 51 -7.12 -2.99 13.00
C GLN C 51 -7.27 -1.88 14.05
N ARG C 52 -7.92 -2.22 15.15
CA ARG C 52 -8.20 -1.26 16.21
C ARG C 52 -7.22 -1.50 17.35
N MET C 53 -6.43 -0.47 17.65
CA MET C 53 -5.36 -0.54 18.63
C MET C 53 -5.80 0.23 19.86
N VAL C 54 -5.56 -0.31 21.04
CA VAL C 54 -5.92 0.35 22.29
C VAL C 54 -4.64 0.66 23.05
N LEU C 55 -4.32 1.94 23.18
CA LEU C 55 -3.16 2.41 23.92
C LEU C 55 -3.50 2.50 25.40
N LEU C 56 -2.69 1.82 26.23
CA LEU C 56 -2.81 1.83 27.68
C LEU C 56 -1.61 2.55 28.27
N THR C 57 -1.84 3.70 28.88
CA THR C 57 -0.80 4.51 29.48
C THR C 57 -1.21 4.87 30.90
N GLY C 58 -0.23 5.09 31.76
CA GLY C 58 -0.50 5.27 33.17
C GLY C 58 -0.31 3.99 33.96
N SER C 59 -0.15 4.16 35.27
CA SER C 59 0.20 3.04 36.15
C SER C 59 -0.88 1.97 36.15
N GLN C 60 -2.14 2.35 36.27
CA GLN C 60 -3.22 1.37 36.39
C GLN C 60 -3.36 0.52 35.13
N ALA C 61 -3.57 1.17 33.99
CA ALA C 61 -3.73 0.45 32.73
C ALA C 61 -2.46 -0.33 32.37
N SER C 62 -1.29 0.21 32.71
CA SER C 62 -0.05 -0.51 32.45
C SER C 62 0.05 -1.77 33.28
N GLU C 63 -0.37 -1.71 34.55
CA GLU C 63 -0.44 -2.91 35.36
C GLU C 63 -1.37 -3.93 34.73
N ALA C 64 -2.55 -3.49 34.31
CA ALA C 64 -3.48 -4.40 33.64
C ALA C 64 -2.83 -5.09 32.45
N PHE C 65 -2.17 -4.30 31.58
CA PHE C 65 -1.53 -4.84 30.40
C PHE C 65 -0.47 -5.87 30.77
N TYR C 66 0.52 -5.46 31.56
CA TYR C 66 1.64 -6.35 31.84
C TYR C 66 1.20 -7.56 32.66
N ARG C 67 0.11 -7.46 33.40
CA ARG C 67 -0.30 -8.51 34.32
C ARG C 67 -1.27 -9.50 33.68
N ALA C 68 -1.85 -9.15 32.53
CA ALA C 68 -2.77 -10.07 31.86
C ALA C 68 -2.05 -11.36 31.46
N PRO C 69 -2.72 -12.51 31.55
CA PRO C 69 -2.09 -13.79 31.19
C PRO C 69 -1.99 -14.01 29.68
N ASP C 70 -1.15 -14.99 29.31
CA ASP C 70 -0.93 -15.32 27.90
C ASP C 70 -2.20 -15.76 27.20
N GLU C 71 -3.14 -16.39 27.93
CA GLU C 71 -4.37 -16.82 27.31
C GLU C 71 -5.24 -15.65 26.88
N VAL C 72 -5.02 -14.48 27.46
CA VAL C 72 -5.78 -13.28 27.14
C VAL C 72 -5.07 -12.41 26.12
N LEU C 73 -3.75 -12.23 26.26
CA LEU C 73 -2.97 -11.35 25.38
C LEU C 73 -1.93 -12.16 24.62
N ASP C 74 -2.10 -12.24 23.31
CA ASP C 74 -1.19 -12.97 22.44
C ASP C 74 -0.19 -11.97 21.87
N GLN C 75 1.09 -12.18 22.19
CA GLN C 75 2.17 -11.36 21.62
C GLN C 75 2.64 -11.89 20.27
N GLY C 76 1.99 -12.91 19.73
CA GLY C 76 2.39 -13.55 18.49
C GLY C 76 2.40 -12.64 17.27
N PRO C 77 1.27 -11.99 16.95
CA PRO C 77 1.23 -11.23 15.69
C PRO C 77 2.19 -10.05 15.64
N ALA C 78 2.52 -9.44 16.77
CA ALA C 78 3.47 -8.33 16.74
C ALA C 78 4.83 -8.74 16.19
N TYR C 79 5.20 -10.00 16.37
CA TYR C 79 6.47 -10.55 15.91
C TYR C 79 6.34 -11.25 14.57
N ARG C 80 5.24 -10.99 13.84
CA ARG C 80 4.98 -11.68 12.58
C ARG C 80 6.11 -11.46 11.58
N ILE C 81 6.69 -10.25 11.58
CA ILE C 81 7.78 -9.92 10.68
C ILE C 81 9.01 -10.76 10.96
N MET C 82 9.22 -11.14 12.22
CA MET C 82 10.45 -11.82 12.60
C MET C 82 10.40 -13.32 12.33
N THR C 83 9.23 -13.87 12.04
CA THR C 83 9.11 -15.32 11.88
C THR C 83 10.04 -15.88 10.82
N PRO C 84 10.21 -15.28 9.65
CA PRO C 84 11.19 -15.83 8.69
C PRO C 84 12.62 -15.86 9.21
N ILE C 85 12.97 -15.03 10.18
CA ILE C 85 14.32 -15.03 10.74
C ILE C 85 14.43 -15.99 11.93
N PHE C 86 13.47 -15.91 12.84
CA PHE C 86 13.50 -16.74 14.04
C PHE C 86 13.32 -18.20 13.67
N GLY C 87 12.31 -18.51 12.87
CA GLY C 87 12.06 -19.88 12.47
C GLY C 87 10.62 -20.21 12.76
N ARG C 88 10.06 -21.19 12.06
CA ARG C 88 8.72 -21.63 12.41
C ARG C 88 8.77 -22.42 13.71
N GLY C 89 7.78 -22.19 14.56
CA GLY C 89 7.72 -22.80 15.87
C GLY C 89 8.78 -22.35 16.85
N VAL C 90 9.54 -21.31 16.54
CA VAL C 90 10.51 -20.75 17.49
C VAL C 90 9.83 -19.60 18.22
N VAL C 91 10.20 -19.43 19.50
CA VAL C 91 9.67 -18.41 20.40
C VAL C 91 8.20 -18.01 20.13
N PHE C 92 7.94 -16.82 19.61
CA PHE C 92 6.58 -16.29 19.44
C PHE C 92 5.75 -16.99 18.38
N ASP C 93 6.34 -17.84 17.54
CA ASP C 93 5.52 -18.64 16.64
C ASP C 93 5.21 -19.99 17.24
N ALA C 94 5.57 -20.19 18.50
CA ALA C 94 5.25 -21.42 19.22
C ALA C 94 3.95 -21.29 19.98
N ARG C 95 3.43 -22.46 20.34
CA ARG C 95 2.32 -22.59 21.28
C ARG C 95 2.70 -21.92 22.59
N ILE C 96 1.69 -21.54 23.38
CA ILE C 96 1.97 -20.87 24.66
C ILE C 96 2.98 -21.67 25.48
N GLU C 97 2.75 -22.98 25.59
CA GLU C 97 3.58 -23.83 26.44
C GLU C 97 5.03 -23.83 25.98
N ARG C 98 5.27 -24.22 24.71
CA ARG C 98 6.64 -24.33 24.22
C ARG C 98 7.32 -22.96 24.13
N LYS C 99 6.57 -21.92 23.76
CA LYS C 99 7.09 -20.56 23.82
C LYS C 99 7.68 -20.26 25.18
N ASN C 100 6.85 -20.39 26.22
CA ASN C 100 7.31 -20.04 27.55
C ASN C 100 8.44 -20.94 28.01
N GLN C 101 8.45 -22.21 27.60
CA GLN C 101 9.56 -23.10 27.95
C GLN C 101 10.87 -22.61 27.35
N GLN C 102 10.83 -22.14 26.09
CA GLN C 102 12.05 -21.62 25.46
C GLN C 102 12.53 -20.36 26.18
N LEU C 103 11.60 -19.48 26.54
CA LEU C 103 12.01 -18.27 27.27
C LEU C 103 12.63 -18.65 28.62
N GLN C 104 12.03 -19.62 29.32
CA GLN C 104 12.58 -20.07 30.59
C GLN C 104 13.99 -20.63 30.41
N MET C 105 14.22 -21.36 29.32
CA MET C 105 15.56 -21.81 29.02
C MET C 105 16.51 -20.63 28.83
N LEU C 106 16.04 -19.56 28.20
CA LEU C 106 16.90 -18.40 27.99
C LEU C 106 17.32 -17.74 29.31
N MET C 107 16.40 -17.63 30.29
CA MET C 107 16.70 -16.79 31.45
C MET C 107 18.02 -17.08 32.17
N PRO C 108 18.29 -18.32 32.62
CA PRO C 108 19.54 -18.53 33.39
C PRO C 108 20.80 -18.24 32.58
N ALA C 109 20.75 -18.42 31.27
CA ALA C 109 21.92 -18.22 30.41
C ALA C 109 22.45 -16.80 30.45
N LEU C 110 21.74 -15.87 31.08
CA LEU C 110 22.12 -14.47 31.06
C LEU C 110 21.55 -13.72 32.27
N ARG C 111 21.79 -14.25 33.47
CA ARG C 111 21.27 -13.64 34.69
C ARG C 111 22.25 -13.69 35.85
N ASP C 112 22.51 -14.89 36.39
CA ASP C 112 23.32 -15.07 37.59
C ASP C 112 24.35 -16.16 37.36
N LYS C 113 25.64 -15.82 37.51
CA LYS C 113 26.89 -16.59 37.40
C LYS C 113 27.61 -16.45 36.06
N PRO C 114 26.95 -16.62 34.89
CA PRO C 114 27.66 -16.32 33.64
C PRO C 114 28.08 -14.87 33.53
N MET C 115 27.50 -13.99 34.36
CA MET C 115 27.83 -12.57 34.31
C MET C 115 29.31 -12.31 34.52
N ARG C 116 29.98 -13.12 35.34
CA ARG C 116 31.40 -12.87 35.61
C ARG C 116 32.22 -13.02 34.33
N THR C 117 31.96 -14.09 33.58
CA THR C 117 32.65 -14.30 32.31
C THR C 117 32.20 -13.30 31.27
N TYR C 118 30.89 -12.98 31.24
CA TYR C 118 30.42 -11.98 30.28
C TYR C 118 31.10 -10.64 30.51
N SER C 119 31.28 -10.26 31.78
CA SER C 119 31.92 -8.99 32.12
C SER C 119 33.37 -9.00 31.66
N GLU C 120 34.08 -10.10 31.95
CA GLU C 120 35.44 -10.22 31.48
C GLU C 120 35.52 -10.00 29.97
N ILE C 121 34.58 -10.61 29.22
CA ILE C 121 34.64 -10.53 27.76
C ILE C 121 34.31 -9.12 27.27
N ILE C 122 33.30 -8.47 27.87
CA ILE C 122 32.93 -7.13 27.43
C ILE C 122 34.07 -6.15 27.67
N VAL C 123 34.63 -6.17 28.88
CA VAL C 123 35.74 -5.27 29.19
C VAL C 123 36.92 -5.54 28.25
N ALA C 124 37.22 -6.82 27.99
CA ALA C 124 38.34 -7.14 27.11
C ALA C 124 38.10 -6.63 25.69
N GLU C 125 36.87 -6.76 25.19
CA GLU C 125 36.55 -6.27 23.85
C GLU C 125 36.77 -4.76 23.77
N VAL C 126 36.28 -4.03 24.76
CA VAL C 126 36.44 -2.58 24.74
C VAL C 126 37.93 -2.21 24.81
N GLU C 127 38.69 -2.88 25.70
CA GLU C 127 40.13 -2.65 25.79
C GLU C 127 40.78 -2.81 24.42
N ALA C 128 40.49 -3.93 23.76
CA ALA C 128 41.10 -4.24 22.47
C ALA C 128 40.77 -3.19 21.43
N MET C 129 39.49 -2.81 21.32
CA MET C 129 39.15 -1.80 20.31
C MET C 129 39.83 -0.47 20.59
N LEU C 130 39.89 -0.05 21.86
CA LEU C 130 40.58 1.20 22.19
C LEU C 130 42.06 1.17 21.82
N ARG C 131 42.74 0.04 21.97
CA ARG C 131 44.18 0.07 21.68
C ARG C 131 44.45 0.36 20.20
N ASP C 132 43.57 -0.06 19.30
CA ASP C 132 43.78 0.16 17.87
C ASP C 132 43.26 1.51 17.39
N TRP C 133 42.61 2.29 18.26
CA TRP C 133 42.21 3.65 17.94
C TRP C 133 43.46 4.55 17.82
N LYS C 134 43.35 5.62 17.05
CA LYS C 134 44.35 6.66 17.09
C LYS C 134 44.23 7.41 18.42
N ASP C 135 45.25 8.20 18.86
CA ASP C 135 45.08 8.92 20.16
C ASP C 135 43.89 9.88 20.09
N ALA C 136 43.60 10.45 18.91
CA ALA C 136 42.48 11.41 18.86
C ALA C 136 41.86 11.37 17.48
N GLY C 137 40.58 11.69 17.41
CA GLY C 137 39.86 11.70 16.15
C GLY C 137 38.39 11.97 16.42
N THR C 138 37.61 11.90 15.34
CA THR C 138 36.16 12.09 15.38
C THR C 138 35.48 10.85 14.82
N ILE C 139 34.52 10.31 15.56
CA ILE C 139 33.79 9.13 15.13
C ILE C 139 32.29 9.36 15.24
N ASP C 140 31.54 8.40 14.71
CA ASP C 140 30.08 8.34 14.86
C ASP C 140 29.76 7.54 16.11
N LEU C 141 29.00 8.15 17.03
CA LEU C 141 28.83 7.51 18.34
C LEU C 141 27.99 6.24 18.20
N LEU C 142 26.87 6.29 17.45
CA LEU C 142 26.07 5.09 17.28
C LEU C 142 26.82 4.01 16.50
N GLU C 143 27.58 4.37 15.48
CA GLU C 143 28.33 3.35 14.77
C GLU C 143 29.25 2.61 15.74
N LEU C 144 29.93 3.35 16.60
CA LEU C 144 30.78 2.74 17.63
C LEU C 144 29.98 1.88 18.60
N THR C 145 28.89 2.41 19.15
CA THR C 145 28.17 1.68 20.18
C THR C 145 27.50 0.43 19.61
N LYS C 146 26.97 0.53 18.38
CA LYS C 146 26.39 -0.63 17.73
C LYS C 146 27.44 -1.69 17.47
N GLU C 147 28.60 -1.29 16.95
CA GLU C 147 29.68 -2.24 16.70
C GLU C 147 30.14 -2.90 17.99
N LEU C 148 30.37 -2.11 19.04
CA LEU C 148 30.80 -2.66 20.32
C LEU C 148 29.79 -3.67 20.85
N THR C 149 28.51 -3.30 20.86
CA THR C 149 27.52 -4.21 21.44
C THR C 149 27.35 -5.47 20.60
N ILE C 150 27.41 -5.36 19.26
CA ILE C 150 27.26 -6.57 18.45
C ILE C 150 28.44 -7.51 18.67
N TYR C 151 29.67 -6.97 18.66
CA TYR C 151 30.84 -7.83 18.89
C TYR C 151 30.77 -8.48 20.26
N THR C 152 30.53 -7.67 21.30
CA THR C 152 30.59 -8.17 22.67
C THR C 152 29.46 -9.15 22.96
N SER C 153 28.24 -8.89 22.46
CA SER C 153 27.13 -9.80 22.70
C SER C 153 27.22 -11.06 21.87
N SER C 154 27.75 -10.99 20.64
CA SER C 154 27.97 -12.22 19.89
C SER C 154 29.00 -13.09 20.61
N HIS C 155 30.05 -12.47 21.17
CA HIS C 155 31.03 -13.24 21.92
C HIS C 155 30.41 -13.86 23.17
N CYS C 156 29.63 -13.07 23.94
CA CYS C 156 29.06 -13.56 25.19
C CYS C 156 28.00 -14.64 24.95
N LEU C 157 27.11 -14.43 23.98
CA LEU C 157 25.91 -15.23 23.83
C LEU C 157 26.07 -16.40 22.87
N LEU C 158 26.80 -16.22 21.77
CA LEU C 158 26.97 -17.30 20.81
C LEU C 158 28.18 -18.16 21.10
N GLY C 159 29.31 -17.53 21.43
CA GLY C 159 30.55 -18.24 21.69
C GLY C 159 31.70 -17.61 20.94
N ALA C 160 32.92 -18.02 21.35
CA ALA C 160 34.12 -17.45 20.77
C ALA C 160 34.29 -17.80 19.29
N GLU C 161 33.70 -18.90 18.83
CA GLU C 161 33.83 -19.30 17.44
C GLU C 161 33.30 -18.21 16.51
N PHE C 162 32.22 -17.55 16.92
CA PHE C 162 31.61 -16.52 16.08
C PHE C 162 32.39 -15.22 16.12
N ARG C 163 33.01 -14.89 17.25
CA ARG C 163 33.79 -13.67 17.34
C ARG C 163 35.17 -13.82 16.70
N HIS C 164 35.66 -15.05 16.54
CA HIS C 164 36.99 -15.27 15.98
C HIS C 164 36.94 -16.03 14.66
N GLU C 165 36.65 -17.33 14.68
CA GLU C 165 36.79 -18.15 13.47
C GLU C 165 35.77 -17.76 12.42
N LEU C 166 34.50 -17.73 12.79
CA LEU C 166 33.40 -17.44 11.89
C LEU C 166 33.09 -15.95 11.82
N ASN C 167 34.05 -15.10 12.17
CA ASN C 167 33.77 -13.67 12.35
C ASN C 167 33.17 -13.05 11.08
N THR C 168 33.84 -13.23 9.94
CA THR C 168 33.37 -12.65 8.68
C THR C 168 32.04 -13.26 8.26
N GLU C 169 31.99 -14.60 8.28
CA GLU C 169 30.80 -15.33 7.84
C GLU C 169 29.57 -14.90 8.63
N PHE C 170 29.73 -14.76 9.96
CA PHE C 170 28.61 -14.36 10.80
C PHE C 170 28.27 -12.89 10.63
N ALA C 171 29.26 -12.00 10.50
CA ALA C 171 28.94 -10.61 10.24
C ALA C 171 28.09 -10.46 8.98
N GLY C 172 28.47 -11.19 7.92
CA GLY C 172 27.69 -11.15 6.70
C GLY C 172 26.28 -11.68 6.88
N ILE C 173 26.14 -12.86 7.49
CA ILE C 173 24.80 -13.42 7.65
C ILE C 173 23.94 -12.55 8.55
N TYR C 174 24.53 -11.91 9.57
CA TYR C 174 23.77 -11.00 10.42
C TYR C 174 23.28 -9.80 9.63
N ARG C 175 24.15 -9.22 8.79
CA ARG C 175 23.70 -8.08 7.99
C ARG C 175 22.59 -8.48 7.02
N ASP C 176 22.70 -9.69 6.46
CA ASP C 176 21.67 -10.18 5.54
C ASP C 176 20.35 -10.41 6.26
N LEU C 177 20.40 -11.00 7.46
CA LEU C 177 19.18 -11.17 8.26
C LEU C 177 18.57 -9.82 8.62
N GLU C 178 19.42 -8.86 8.98
CA GLU C 178 18.93 -7.55 9.39
C GLU C 178 18.25 -6.83 8.24
N MET C 179 18.83 -6.88 7.04
CA MET C 179 18.16 -6.29 5.88
C MET C 179 16.83 -6.96 5.56
N GLY C 180 16.60 -8.18 6.05
CA GLY C 180 15.33 -8.84 5.81
C GLY C 180 14.18 -8.31 6.63
N ILE C 181 14.43 -7.41 7.57
CA ILE C 181 13.36 -6.90 8.45
C ILE C 181 12.80 -5.66 7.77
N GLN C 182 11.94 -5.89 6.78
CA GLN C 182 11.32 -4.79 6.06
C GLN C 182 9.81 -4.77 6.35
N PRO C 183 9.19 -3.60 6.34
CA PRO C 183 7.76 -3.53 6.73
C PRO C 183 6.86 -4.43 5.90
N ILE C 184 7.14 -4.57 4.60
CA ILE C 184 6.33 -5.42 3.72
C ILE C 184 6.21 -6.84 4.26
N ALA C 185 7.16 -7.27 5.09
CA ALA C 185 7.14 -8.62 5.63
C ALA C 185 5.95 -8.87 6.57
N TYR C 186 5.33 -7.82 7.11
CA TYR C 186 4.05 -8.02 7.79
C TYR C 186 3.00 -8.63 6.86
N VAL C 187 2.90 -8.14 5.64
CA VAL C 187 1.81 -8.57 4.76
C VAL C 187 2.25 -9.73 3.87
N PHE C 188 3.42 -9.64 3.26
CA PHE C 188 3.95 -10.67 2.38
C PHE C 188 5.32 -11.07 2.86
N PRO C 189 5.39 -11.93 3.90
CA PRO C 189 6.71 -12.33 4.43
C PRO C 189 7.54 -13.12 3.44
N ASN C 190 6.97 -13.55 2.31
CA ASN C 190 7.66 -14.46 1.40
C ASN C 190 7.58 -13.95 -0.04
N LEU C 191 7.54 -12.63 -0.20
CA LEU C 191 7.74 -12.02 -1.50
C LEU C 191 9.06 -12.51 -2.10
N PRO C 192 9.12 -12.80 -3.40
CA PRO C 192 10.39 -13.22 -4.01
C PRO C 192 11.40 -12.08 -4.10
N LEU C 193 11.41 -11.20 -3.11
CA LEU C 193 12.37 -10.10 -3.08
C LEU C 193 13.78 -10.65 -2.89
N PRO C 194 14.77 -10.10 -3.59
CA PRO C 194 16.15 -10.53 -3.34
C PRO C 194 16.58 -10.35 -1.90
N VAL C 195 16.15 -9.28 -1.22
CA VAL C 195 16.53 -9.09 0.17
C VAL C 195 15.94 -10.19 1.05
N PHE C 196 14.72 -10.65 0.72
CA PHE C 196 14.10 -11.73 1.49
C PHE C 196 14.75 -13.08 1.17
N LYS C 197 15.05 -13.33 -0.10
CA LYS C 197 15.79 -14.53 -0.46
C LYS C 197 17.12 -14.56 0.28
N ARG C 198 17.78 -13.41 0.38
CA ARG C 198 19.09 -13.33 0.99
C ARG C 198 19.02 -13.51 2.50
N ARG C 199 17.96 -13.01 3.16
CA ARG C 199 17.80 -13.36 4.58
C ARG C 199 17.56 -14.85 4.75
N ASP C 200 16.70 -15.44 3.91
CA ASP C 200 16.42 -16.87 4.02
C ASP C 200 17.71 -17.69 3.91
N GLN C 201 18.54 -17.35 2.93
CA GLN C 201 19.82 -18.03 2.78
C GLN C 201 20.72 -17.81 3.98
N ALA C 202 20.72 -16.59 4.53
CA ALA C 202 21.52 -16.33 5.72
C ALA C 202 21.08 -17.19 6.91
N ARG C 203 19.76 -17.34 7.08
CA ARG C 203 19.23 -18.16 8.17
C ARG C 203 19.60 -19.62 8.00
N VAL C 204 19.48 -20.13 6.76
CA VAL C 204 19.90 -21.50 6.46
C VAL C 204 21.38 -21.69 6.81
N ARG C 205 22.22 -20.74 6.38
CA ARG C 205 23.66 -20.90 6.60
C ARG C 205 23.98 -20.83 8.10
N LEU C 206 23.28 -19.97 8.83
CA LEU C 206 23.58 -19.85 10.26
C LEU C 206 23.17 -21.13 10.97
N GLN C 207 22.07 -21.75 10.53
CA GLN C 207 21.70 -23.05 11.10
C GLN C 207 22.76 -24.12 10.79
N GLU C 208 23.33 -24.06 9.58
CA GLU C 208 24.41 -25.00 9.26
C GLU C 208 25.60 -24.80 10.19
N LEU C 209 25.97 -23.55 10.45
CA LEU C 209 27.07 -23.28 11.38
C LEU C 209 26.74 -23.73 12.80
N VAL C 210 25.52 -23.46 13.26
CA VAL C 210 25.12 -23.92 14.59
C VAL C 210 25.23 -25.43 14.71
N THR C 211 24.75 -26.15 13.69
CA THR C 211 24.86 -27.62 13.70
C THR C 211 26.32 -28.06 13.77
N GLN C 212 27.17 -27.45 12.93
CA GLN C 212 28.58 -27.79 12.93
C GLN C 212 29.21 -27.58 14.30
N ILE C 213 28.99 -26.40 14.89
CA ILE C 213 29.61 -26.09 16.18
C ILE C 213 29.06 -26.99 17.27
N MET C 214 27.79 -27.35 17.20
CA MET C 214 27.21 -28.29 18.15
C MET C 214 27.96 -29.61 18.10
N GLU C 215 28.14 -30.15 16.89
CA GLU C 215 28.89 -31.40 16.74
C GLU C 215 30.32 -31.26 17.25
N ARG C 216 30.96 -30.13 16.95
CA ARG C 216 32.35 -29.92 17.35
C ARG C 216 32.49 -29.81 18.87
N ARG C 217 31.51 -29.19 19.53
CA ARG C 217 31.56 -29.07 20.99
C ARG C 217 31.22 -30.37 21.69
N ALA C 218 30.40 -31.22 21.06
CA ALA C 218 30.16 -32.54 21.63
C ALA C 218 31.43 -33.39 21.66
N ARG C 219 32.41 -33.10 20.81
CA ARG C 219 33.66 -33.85 20.76
C ARG C 219 34.60 -33.52 21.89
N SER C 220 34.17 -32.73 22.87
CA SER C 220 35.04 -32.32 23.96
C SER C 220 34.27 -32.30 25.26
N GLN C 221 35.03 -32.25 26.36
CA GLN C 221 34.53 -32.18 27.72
C GLN C 221 34.69 -30.79 28.33
N GLU C 222 35.37 -29.88 27.63
CA GLU C 222 35.33 -28.47 28.00
C GLU C 222 33.96 -27.90 27.65
N ARG C 223 33.38 -27.13 28.58
CA ARG C 223 32.12 -26.45 28.37
C ARG C 223 32.35 -24.95 28.38
N SER C 224 32.06 -24.29 27.27
CA SER C 224 32.10 -22.84 27.22
C SER C 224 30.86 -22.26 27.87
N THR C 225 31.02 -21.09 28.49
CA THR C 225 29.92 -20.43 29.16
C THR C 225 29.30 -19.42 28.19
N ASN C 226 28.10 -19.73 27.71
CA ASN C 226 27.40 -18.88 26.74
C ASN C 226 25.99 -19.43 26.52
N VAL C 227 25.11 -18.54 26.05
CA VAL C 227 23.71 -18.89 25.85
C VAL C 227 23.59 -20.07 24.89
N PHE C 228 24.43 -20.11 23.86
CA PHE C 228 24.40 -21.22 22.90
C PHE C 228 24.68 -22.55 23.58
N GLN C 229 25.71 -22.60 24.44
CA GLN C 229 26.04 -23.86 25.11
C GLN C 229 24.95 -24.25 26.11
N MET C 230 24.42 -23.28 26.86
CA MET C 230 23.35 -23.60 27.79
C MET C 230 22.09 -24.07 27.06
N LEU C 231 21.86 -23.57 25.83
CA LEU C 231 20.75 -24.08 25.03
C LEU C 231 21.06 -25.47 24.50
N ILE C 232 22.33 -25.78 24.26
CA ILE C 232 22.72 -27.14 23.91
C ILE C 232 22.35 -28.08 25.06
N ASP C 233 22.63 -27.66 26.28
CA ASP C 233 22.40 -28.50 27.46
C ASP C 233 20.98 -28.43 28.00
N ALA C 234 20.10 -27.61 27.42
CA ALA C 234 18.75 -27.46 27.92
C ALA C 234 17.83 -28.59 27.44
N SER C 235 16.72 -28.77 28.16
CA SER C 235 15.73 -29.79 27.83
C SER C 235 14.31 -29.26 28.05
N TYR C 236 13.36 -29.82 27.30
CA TYR C 236 11.95 -29.40 27.31
C TYR C 236 11.14 -29.97 28.46
N ASP C 237 11.70 -30.11 29.66
CA ASP C 237 10.96 -30.57 30.83
C ASP C 237 10.49 -32.02 30.68
N ASP C 238 9.97 -32.40 29.51
CA ASP C 238 9.83 -33.81 29.16
C ASP C 238 11.14 -34.41 28.65
N GLY C 239 12.26 -33.73 28.85
CA GLY C 239 13.57 -34.22 28.45
C GLY C 239 13.87 -34.07 26.98
N SER C 240 12.93 -33.55 26.18
CA SER C 240 13.19 -33.35 24.76
C SER C 240 14.32 -32.35 24.55
N LYS C 241 15.12 -32.59 23.53
CA LYS C 241 16.26 -31.71 23.26
C LYS C 241 15.87 -30.72 22.16
N LEU C 242 16.58 -29.60 22.12
CA LEU C 242 16.29 -28.58 21.13
C LEU C 242 16.90 -28.96 19.79
N THR C 243 16.13 -28.78 18.73
CA THR C 243 16.65 -29.01 17.40
C THR C 243 17.59 -27.86 17.02
N PRO C 244 18.46 -28.07 16.03
CA PRO C 244 19.30 -26.96 15.55
C PRO C 244 18.47 -25.80 15.01
N HIS C 245 17.33 -26.08 14.40
CA HIS C 245 16.40 -25.02 14.01
C HIS C 245 16.02 -24.15 15.20
N GLU C 246 15.59 -24.80 16.30
CA GLU C 246 15.17 -24.07 17.48
C GLU C 246 16.32 -23.29 18.11
N ILE C 247 17.49 -23.92 18.19
CA ILE C 247 18.64 -23.26 18.81
C ILE C 247 19.08 -22.04 17.99
N THR C 248 19.16 -22.21 16.67
CA THR C 248 19.49 -21.10 15.78
C THR C 248 18.51 -19.95 15.95
N GLY C 249 17.21 -20.29 15.99
CA GLY C 249 16.21 -19.24 16.14
C GLY C 249 16.34 -18.50 17.45
N MET C 250 16.49 -19.23 18.55
CA MET C 250 16.56 -18.60 19.86
C MET C 250 17.82 -17.73 20.00
N LEU C 251 18.95 -18.21 19.49
CA LEU C 251 20.18 -17.43 19.57
C LEU C 251 20.08 -16.15 18.75
N ILE C 252 19.63 -16.26 17.50
CA ILE C 252 19.57 -15.05 16.69
C ILE C 252 18.52 -14.10 17.26
N ALA C 253 17.48 -14.65 17.91
CA ALA C 253 16.47 -13.80 18.54
C ALA C 253 17.05 -13.02 19.70
N THR C 254 17.89 -13.66 20.51
CA THR C 254 18.51 -12.91 21.61
C THR C 254 19.47 -11.86 21.10
N ILE C 255 20.27 -12.20 20.07
CA ILE C 255 21.19 -11.22 19.49
C ILE C 255 20.41 -10.01 18.99
N PHE C 256 19.30 -10.26 18.26
CA PHE C 256 18.49 -9.14 17.77
C PHE C 256 17.84 -8.38 18.91
N ALA C 257 17.40 -9.08 19.95
CA ALA C 257 16.77 -8.42 21.09
C ALA C 257 17.73 -7.45 21.76
N GLY C 258 19.01 -7.82 21.84
CA GLY C 258 19.93 -7.04 22.64
C GLY C 258 20.78 -6.02 21.93
N HIS C 259 20.80 -6.03 20.60
CA HIS C 259 21.75 -5.21 19.86
C HIS C 259 21.39 -3.72 19.90
N HIS C 260 20.32 -3.35 19.19
CA HIS C 260 20.03 -1.93 18.97
C HIS C 260 19.53 -1.25 20.25
N THR C 261 18.77 -1.97 21.07
CA THR C 261 18.31 -1.38 22.33
C THR C 261 19.49 -0.94 23.18
N SER C 262 20.41 -1.86 23.46
CA SER C 262 21.56 -1.55 24.28
C SER C 262 22.45 -0.51 23.62
N SER C 263 22.62 -0.60 22.29
CA SER C 263 23.47 0.38 21.61
C SER C 263 22.91 1.79 21.75
N GLY C 264 21.62 1.96 21.47
CA GLY C 264 21.02 3.28 21.57
C GLY C 264 21.09 3.84 22.98
N THR C 265 20.85 2.99 23.99
CA THR C 265 20.86 3.52 25.35
C THR C 265 22.28 3.82 25.83
N THR C 266 23.28 3.04 25.42
CA THR C 266 24.66 3.41 25.70
C THR C 266 25.01 4.76 25.09
N ALA C 267 24.62 4.94 23.83
CA ALA C 267 24.82 6.22 23.15
C ALA C 267 24.20 7.36 23.94
N TRP C 268 22.96 7.16 24.38
CA TRP C 268 22.26 8.23 25.09
C TRP C 268 22.89 8.50 26.45
N VAL C 269 23.41 7.48 27.13
CA VAL C 269 24.13 7.70 28.37
C VAL C 269 25.29 8.65 28.13
N LEU C 270 26.11 8.36 27.12
CA LEU C 270 27.24 9.25 26.84
C LEU C 270 26.78 10.65 26.44
N ILE C 271 25.75 10.75 25.60
CA ILE C 271 25.28 12.06 25.15
C ILE C 271 24.80 12.91 26.33
N GLU C 272 23.97 12.31 27.20
CA GLU C 272 23.42 13.08 28.31
C GLU C 272 24.50 13.47 29.31
N LEU C 273 25.47 12.59 29.55
CA LEU C 273 26.58 12.97 30.42
C LEU C 273 27.38 14.13 29.83
N LEU C 274 27.70 14.05 28.54
CA LEU C 274 28.43 15.13 27.89
C LEU C 274 27.62 16.43 27.89
N ARG C 275 26.30 16.33 27.82
CA ARG C 275 25.45 17.51 27.93
C ARG C 275 25.53 18.13 29.32
N ARG C 276 25.54 17.29 30.36
CA ARG C 276 25.53 17.77 31.74
C ARG C 276 26.86 17.40 32.40
N PRO C 277 27.87 18.29 32.31
CA PRO C 277 29.21 17.95 32.79
C PRO C 277 29.29 17.74 34.29
N GLU C 278 28.35 18.23 35.09
CA GLU C 278 28.41 17.93 36.52
C GLU C 278 28.05 16.48 36.80
N TYR C 279 27.00 15.97 36.14
CA TYR C 279 26.72 14.54 36.26
C TYR C 279 27.83 13.71 35.66
N LEU C 280 28.47 14.19 34.58
CA LEU C 280 29.63 13.49 34.06
C LEU C 280 30.77 13.47 35.06
N ARG C 281 30.98 14.59 35.76
CA ARG C 281 31.98 14.67 36.83
C ARG C 281 31.70 13.62 37.90
N ARG C 282 30.44 13.52 38.33
CA ARG C 282 30.08 12.50 39.33
C ARG C 282 30.37 11.09 38.82
N VAL C 283 29.97 10.80 37.58
CA VAL C 283 30.15 9.45 37.06
C VAL C 283 31.62 9.11 36.94
N ARG C 284 32.45 10.07 36.51
CA ARG C 284 33.89 9.83 36.46
C ARG C 284 34.47 9.66 37.86
N ALA C 285 33.93 10.36 38.86
CA ALA C 285 34.40 10.17 40.23
C ALA C 285 34.10 8.75 40.71
N GLU C 286 32.88 8.27 40.46
CA GLU C 286 32.53 6.90 40.85
C GLU C 286 33.41 5.90 40.12
N ILE C 287 33.70 6.16 38.84
CA ILE C 287 34.52 5.25 38.05
C ILE C 287 35.93 5.20 38.59
N ASP C 288 36.53 6.36 38.88
CA ASP C 288 37.91 6.38 39.36
C ASP C 288 38.02 5.84 40.78
N ALA C 289 37.00 6.02 41.62
CA ALA C 289 37.07 5.46 42.97
C ALA C 289 37.01 3.94 42.92
N LEU C 290 36.09 3.38 42.14
CA LEU C 290 36.06 1.93 42.01
C LEU C 290 37.28 1.41 41.28
N PHE C 291 37.87 2.23 40.40
CA PHE C 291 39.07 1.81 39.69
C PHE C 291 40.28 1.82 40.61
N GLU C 292 40.25 2.64 41.65
CA GLU C 292 41.29 2.64 42.67
C GLU C 292 41.16 1.44 43.60
N THR C 293 39.95 1.21 44.14
CA THR C 293 39.76 0.12 45.09
C THR C 293 40.00 -1.25 44.46
N HIS C 294 39.48 -1.48 43.24
CA HIS C 294 39.62 -2.78 42.58
C HIS C 294 40.72 -2.83 41.53
N GLY C 295 41.32 -1.71 41.16
CA GLY C 295 42.42 -1.72 40.21
C GLY C 295 42.09 -2.11 38.79
N ARG C 296 40.86 -2.51 38.50
CA ARG C 296 40.49 -2.92 37.15
C ARG C 296 38.97 -2.88 37.04
N VAL C 297 38.48 -2.79 35.81
CA VAL C 297 37.05 -2.82 35.55
C VAL C 297 36.63 -4.28 35.60
N THR C 298 36.31 -4.78 36.78
CA THR C 298 35.92 -6.18 36.91
C THR C 298 34.40 -6.27 37.06
N PHE C 299 33.92 -7.48 37.36
CA PHE C 299 32.49 -7.68 37.58
C PHE C 299 32.06 -7.13 38.93
N GLU C 300 32.89 -7.32 39.95
CA GLU C 300 32.60 -6.75 41.25
C GLU C 300 32.61 -5.23 41.19
N SER C 301 33.52 -4.66 40.39
CA SER C 301 33.54 -3.21 40.19
C SER C 301 32.30 -2.73 39.45
N LEU C 302 31.88 -3.45 38.40
CA LEU C 302 30.71 -3.03 37.64
C LEU C 302 29.45 -3.07 38.48
N ARG C 303 29.32 -4.07 39.35
CA ARG C 303 28.25 -3.99 40.32
C ARG C 303 28.61 -2.97 41.40
N GLN C 304 27.58 -2.47 42.10
CA GLN C 304 27.72 -1.36 43.04
C GLN C 304 28.28 -0.11 42.34
N MET C 305 27.56 0.32 41.31
CA MET C 305 27.82 1.58 40.62
C MET C 305 26.58 2.47 40.62
N PRO C 306 26.05 2.80 41.80
CA PRO C 306 24.71 3.43 41.86
C PRO C 306 24.59 4.71 41.05
N GLN C 307 25.64 5.52 40.96
CA GLN C 307 25.54 6.81 40.29
C GLN C 307 25.31 6.61 38.78
N LEU C 308 26.15 5.79 38.16
CA LEU C 308 25.99 5.46 36.76
C LEU C 308 24.72 4.64 36.51
N GLU C 309 24.38 3.76 37.45
CA GLU C 309 23.14 2.99 37.32
C GLU C 309 21.93 3.91 37.24
N ASN C 310 21.86 4.90 38.13
CA ASN C 310 20.74 5.84 38.12
C ASN C 310 20.76 6.70 36.86
N VAL C 311 21.96 7.05 36.36
CA VAL C 311 22.05 7.74 35.07
C VAL C 311 21.43 6.87 33.96
N ILE C 312 21.78 5.59 33.93
CA ILE C 312 21.25 4.67 32.93
C ILE C 312 19.74 4.55 33.07
N LYS C 313 19.25 4.54 34.32
CA LYS C 313 17.82 4.44 34.56
C LYS C 313 17.08 5.66 34.01
N GLU C 314 17.64 6.85 34.19
CA GLU C 314 17.00 8.05 33.66
C GLU C 314 17.10 8.11 32.14
N VAL C 315 18.22 7.63 31.58
CA VAL C 315 18.34 7.46 30.14
C VAL C 315 17.25 6.55 29.61
N LEU C 316 16.97 5.44 30.31
CA LEU C 316 15.90 4.56 29.87
C LEU C 316 14.52 5.19 30.05
N ARG C 317 14.35 6.04 31.07
CA ARG C 317 13.06 6.70 31.24
C ARG C 317 12.77 7.64 30.07
N LEU C 318 13.74 8.51 29.73
CA LEU C 318 13.50 9.50 28.68
C LEU C 318 13.78 8.98 27.27
N HIS C 319 14.49 7.86 27.14
CA HIS C 319 14.82 7.29 25.84
C HIS C 319 14.57 5.78 25.84
N PRO C 320 13.33 5.35 26.06
CA PRO C 320 13.03 3.92 25.96
C PRO C 320 13.11 3.46 24.52
N PRO C 321 13.94 2.46 24.22
CA PRO C 321 14.12 2.05 22.82
C PRO C 321 12.90 1.39 22.22
N LEU C 322 12.07 0.72 23.01
CA LEU C 322 10.83 0.11 22.54
C LEU C 322 9.66 1.03 22.89
N ILE C 323 8.98 1.55 21.87
CA ILE C 323 8.01 2.62 22.12
C ILE C 323 6.59 2.11 22.30
N LEU C 324 6.22 1.00 21.66
CA LEU C 324 4.91 0.40 21.90
C LEU C 324 5.04 -1.12 21.85
N LEU C 325 4.56 -1.75 22.91
CA LEU C 325 4.56 -3.20 23.04
C LEU C 325 3.14 -3.67 22.72
N MET C 326 3.01 -4.43 21.64
CA MET C 326 1.74 -4.76 21.00
C MET C 326 1.35 -6.20 21.29
N ARG C 327 0.06 -6.42 21.57
CA ARG C 327 -0.48 -7.75 21.82
C ARG C 327 -1.93 -7.78 21.36
N LYS C 328 -2.32 -8.86 20.70
CA LYS C 328 -3.70 -9.03 20.25
C LYS C 328 -4.55 -9.60 21.39
N VAL C 329 -5.78 -9.12 21.51
CA VAL C 329 -6.67 -9.51 22.59
C VAL C 329 -7.45 -10.75 22.15
N MET C 330 -7.15 -11.91 22.75
CA MET C 330 -7.84 -13.14 22.39
C MET C 330 -9.12 -13.37 23.19
N LYS C 331 -9.15 -12.95 24.45
CA LYS C 331 -10.35 -13.04 25.28
C LYS C 331 -10.65 -11.66 25.85
N ASP C 332 -11.93 -11.31 25.92
CA ASP C 332 -12.32 -10.00 26.41
C ASP C 332 -11.80 -9.75 27.82
N PHE C 333 -11.09 -8.64 28.01
CA PHE C 333 -10.70 -8.24 29.36
C PHE C 333 -11.16 -6.81 29.57
N GLU C 334 -11.17 -6.42 30.84
CA GLU C 334 -11.56 -5.10 31.29
C GLU C 334 -10.34 -4.38 31.83
N VAL C 335 -10.14 -3.14 31.41
CA VAL C 335 -9.14 -2.26 31.98
C VAL C 335 -9.83 -0.98 32.43
N GLN C 336 -9.76 -0.71 33.73
CA GLN C 336 -10.15 0.59 34.28
C GLN C 336 -11.57 0.98 33.84
N GLY C 337 -12.49 0.03 34.01
CA GLY C 337 -13.90 0.19 33.72
C GLY C 337 -14.31 0.05 32.26
N MET C 338 -13.36 -0.11 31.33
CA MET C 338 -13.69 -0.24 29.92
C MET C 338 -13.30 -1.62 29.42
N ARG C 339 -14.17 -2.25 28.64
CA ARG C 339 -13.90 -3.59 28.15
C ARG C 339 -13.32 -3.48 26.74
N ILE C 340 -12.23 -4.20 26.49
CA ILE C 340 -11.63 -4.26 25.17
C ILE C 340 -11.99 -5.62 24.58
N GLU C 341 -12.91 -5.61 23.61
CA GLU C 341 -13.41 -6.86 23.06
C GLU C 341 -12.32 -7.58 22.27
N ALA C 342 -12.43 -8.91 22.25
CA ALA C 342 -11.43 -9.75 21.59
C ALA C 342 -11.38 -9.45 20.10
N GLY C 343 -10.18 -9.53 19.52
CA GLY C 343 -9.93 -9.16 18.16
C GLY C 343 -9.30 -7.80 17.99
N LYS C 344 -9.45 -6.92 18.98
CA LYS C 344 -8.71 -5.67 19.02
C LYS C 344 -7.29 -5.94 19.51
N PHE C 345 -6.41 -4.98 19.26
CA PHE C 345 -5.06 -5.04 19.78
C PHE C 345 -4.91 -4.03 20.91
N VAL C 346 -4.08 -4.38 21.89
CA VAL C 346 -3.73 -3.51 22.99
C VAL C 346 -2.22 -3.31 22.99
N CYS C 347 -1.78 -2.13 23.42
CA CYS C 347 -0.36 -1.82 23.40
C CYS C 347 -0.01 -0.90 24.55
N ALA C 348 1.20 -1.08 25.07
CA ALA C 348 1.75 -0.22 26.11
C ALA C 348 2.82 0.69 25.52
N ALA C 349 2.81 1.96 25.93
CA ALA C 349 3.76 2.96 25.43
C ALA C 349 4.61 3.48 26.58
N PRO C 350 5.77 2.87 26.83
CA PRO C 350 6.65 3.37 27.89
C PRO C 350 7.09 4.81 27.68
N SER C 351 7.31 5.24 26.43
CA SER C 351 7.70 6.62 26.20
C SER C 351 6.63 7.60 26.68
N VAL C 352 5.36 7.21 26.60
CA VAL C 352 4.28 8.09 27.03
C VAL C 352 4.08 7.99 28.54
N THR C 353 4.02 6.76 29.08
CA THR C 353 3.83 6.61 30.52
C THR C 353 4.99 7.21 31.31
N HIS C 354 6.20 7.16 30.74
CA HIS C 354 7.39 7.68 31.41
C HIS C 354 7.35 9.19 31.60
N ARG C 355 6.50 9.89 30.87
CA ARG C 355 6.43 11.36 30.92
C ARG C 355 5.16 11.84 31.59
N ILE C 356 4.53 11.00 32.39
CA ILE C 356 3.35 11.39 33.16
C ILE C 356 3.80 12.15 34.39
N PRO C 357 3.33 13.40 34.59
CA PRO C 357 3.84 14.20 35.71
C PRO C 357 3.48 13.63 37.07
N GLU C 358 2.33 12.96 37.20
CA GLU C 358 2.00 12.32 38.47
C GLU C 358 3.05 11.28 38.87
N LEU C 359 3.51 10.47 37.92
CA LEU C 359 4.50 9.46 38.24
C LEU C 359 5.91 10.03 38.30
N PHE C 360 6.21 11.05 37.50
CA PHE C 360 7.54 11.63 37.43
C PHE C 360 7.43 13.15 37.40
N PRO C 361 7.56 13.81 38.56
CA PRO C 361 7.44 15.27 38.60
C PRO C 361 8.46 15.95 37.69
N ASN C 362 8.01 16.98 36.99
CA ASN C 362 8.79 17.68 35.96
C ASN C 362 9.27 16.64 34.95
N PRO C 363 8.37 16.04 34.19
CA PRO C 363 8.70 14.79 33.47
C PRO C 363 9.79 14.92 32.43
N GLU C 364 9.93 16.07 31.78
CA GLU C 364 10.93 16.22 30.73
C GLU C 364 12.32 16.53 31.27
N LEU C 365 12.49 16.61 32.58
CA LEU C 365 13.79 16.90 33.19
C LEU C 365 14.59 15.62 33.38
N PHE C 366 15.91 15.75 33.20
CA PHE C 366 16.84 14.62 33.35
C PHE C 366 17.42 14.72 34.74
N ASP C 367 16.85 13.96 35.68
CA ASP C 367 17.36 13.90 37.04
C ASP C 367 17.59 12.44 37.44
N PRO C 368 18.83 11.94 37.34
CA PRO C 368 19.08 10.55 37.77
C PRO C 368 18.77 10.31 39.24
N ASP C 369 18.85 11.35 40.06
CA ASP C 369 18.54 11.19 41.47
C ASP C 369 17.06 10.94 41.73
N ARG C 370 16.23 10.81 40.68
CA ARG C 370 14.90 10.26 40.91
C ARG C 370 14.96 8.84 41.46
N TYR C 371 16.05 8.11 41.19
CA TYR C 371 16.11 6.70 41.53
C TYR C 371 16.92 6.42 42.80
N THR C 372 17.24 7.45 43.58
CA THR C 372 17.84 7.22 44.88
C THR C 372 16.85 6.51 45.78
N PRO C 373 17.32 5.75 46.77
CA PRO C 373 16.40 5.01 47.65
C PRO C 373 15.32 5.87 48.32
N GLU C 374 15.61 7.15 48.56
CA GLU C 374 14.65 8.00 49.26
C GLU C 374 13.48 8.43 48.37
N ARG C 375 13.71 8.61 47.08
CA ARG C 375 12.66 9.09 46.18
C ARG C 375 12.03 7.97 45.37
N ALA C 376 12.85 7.10 44.80
CA ALA C 376 12.45 5.82 44.22
C ALA C 376 11.19 5.94 43.38
N GLU C 377 11.28 6.70 42.30
CA GLU C 377 10.14 6.79 41.39
C GLU C 377 10.04 5.58 40.48
N ASP C 378 11.10 4.77 40.39
CA ASP C 378 11.05 3.48 39.72
C ASP C 378 10.54 2.37 40.63
N LYS C 379 9.99 2.70 41.80
CA LYS C 379 9.55 1.66 42.72
C LYS C 379 8.29 0.99 42.21
N ASP C 380 7.37 1.77 41.65
CA ASP C 380 6.15 1.20 41.10
C ASP C 380 6.52 0.41 39.84
N LEU C 381 6.27 -0.91 39.87
CA LEU C 381 6.66 -1.78 38.77
C LEU C 381 5.91 -1.50 37.48
N TYR C 382 4.87 -0.67 37.52
CA TYR C 382 4.06 -0.39 36.34
C TYR C 382 4.04 1.09 35.98
N GLY C 383 4.99 1.86 36.50
CA GLY C 383 5.22 3.21 36.01
C GLY C 383 6.42 3.21 35.07
N TRP C 384 7.61 3.05 35.63
CA TRP C 384 8.84 2.90 34.86
C TRP C 384 8.84 1.52 34.20
N GLN C 385 8.72 1.49 32.86
CA GLN C 385 8.48 0.26 32.12
C GLN C 385 9.50 0.04 31.01
N ALA C 386 10.72 0.53 31.16
CA ALA C 386 11.66 0.48 30.04
C ALA C 386 11.99 -0.96 29.66
N PHE C 387 12.02 -1.87 30.64
CA PHE C 387 12.22 -3.29 30.38
C PHE C 387 10.91 -4.06 30.37
N GLY C 388 9.78 -3.37 30.21
CA GLY C 388 8.50 -4.06 30.22
C GLY C 388 8.04 -4.39 31.63
N GLY C 389 7.22 -5.43 31.73
CA GLY C 389 6.69 -5.83 33.02
C GLY C 389 5.95 -7.13 32.88
N GLY C 390 5.56 -7.68 34.03
CA GLY C 390 4.80 -8.90 34.07
C GLY C 390 5.70 -10.12 33.94
N ARG C 391 5.08 -11.24 33.58
CA ARG C 391 5.83 -12.47 33.37
C ARG C 391 6.80 -12.32 32.20
N HIS C 392 6.50 -11.45 31.23
CA HIS C 392 7.30 -11.28 30.03
C HIS C 392 8.16 -10.02 30.10
N LYS C 393 8.54 -9.60 31.30
CA LYS C 393 9.55 -8.55 31.43
C LYS C 393 10.86 -9.04 30.81
N CYS C 394 11.71 -8.09 30.42
CA CYS C 394 12.98 -8.39 29.78
C CYS C 394 13.78 -9.42 30.56
N SER C 395 14.14 -10.52 29.88
CA SER C 395 15.03 -11.49 30.50
C SER C 395 16.48 -11.04 30.44
N GLY C 396 16.83 -10.17 29.50
CA GLY C 396 18.20 -9.70 29.35
C GLY C 396 18.47 -8.35 29.97
N ASN C 397 17.61 -7.93 30.90
CA ASN C 397 17.80 -6.64 31.56
C ASN C 397 19.14 -6.58 32.29
N ALA C 398 19.47 -7.62 33.07
CA ALA C 398 20.72 -7.60 33.82
C ALA C 398 21.91 -7.61 32.88
N PHE C 399 21.84 -8.40 31.79
CA PHE C 399 22.93 -8.42 30.83
C PHE C 399 23.10 -7.07 30.16
N ALA C 400 21.99 -6.42 29.81
CA ALA C 400 22.06 -5.08 29.23
C ALA C 400 22.71 -4.12 30.21
N MET C 401 22.29 -4.17 31.48
CA MET C 401 22.89 -3.29 32.49
C MET C 401 24.40 -3.48 32.56
N PHE C 402 24.87 -4.74 32.56
CA PHE C 402 26.30 -4.96 32.67
C PHE C 402 27.04 -4.54 31.40
N GLN C 403 26.49 -4.87 30.24
CA GLN C 403 27.11 -4.48 28.97
C GLN C 403 27.27 -2.96 28.89
N ILE C 404 26.19 -2.25 29.18
CA ILE C 404 26.21 -0.78 29.15
C ILE C 404 27.23 -0.25 30.16
N LYS C 405 27.12 -0.71 31.42
CA LYS C 405 28.00 -0.19 32.46
C LYS C 405 29.47 -0.40 32.10
N ALA C 406 29.79 -1.56 31.51
CA ALA C 406 31.18 -1.86 31.20
C ALA C 406 31.69 -1.01 30.06
N ILE C 407 30.91 -0.90 28.98
CA ILE C 407 31.35 -0.08 27.86
C ILE C 407 31.54 1.36 28.32
N VAL C 408 30.59 1.89 29.09
CA VAL C 408 30.67 3.27 29.52
C VAL C 408 31.86 3.48 30.47
N CYS C 409 32.11 2.51 31.36
CA CYS C 409 33.23 2.65 32.28
C CYS C 409 34.56 2.67 31.54
N VAL C 410 34.78 1.70 30.66
CA VAL C 410 36.08 1.65 29.99
C VAL C 410 36.28 2.89 29.14
N LEU C 411 35.25 3.30 28.38
CA LEU C 411 35.38 4.48 27.54
C LEU C 411 35.63 5.74 28.37
N LEU C 412 34.82 5.97 29.41
CA LEU C 412 34.96 7.19 30.20
C LEU C 412 36.26 7.24 30.98
N ARG C 413 36.77 6.07 31.41
CA ARG C 413 38.06 6.08 32.08
C ARG C 413 39.18 6.40 31.11
N ASN C 414 39.13 5.83 29.90
CA ASN C 414 40.27 5.99 29.00
C ASN C 414 40.22 7.25 28.14
N TYR C 415 39.07 7.87 27.95
CA TYR C 415 38.96 8.99 27.02
C TYR C 415 38.23 10.19 27.60
N GLU C 416 38.49 11.33 26.96
CA GLU C 416 37.73 12.56 27.11
C GLU C 416 36.94 12.76 25.83
N PHE C 417 35.68 13.16 25.95
CA PHE C 417 34.80 13.27 24.78
C PHE C 417 34.23 14.66 24.64
N GLU C 418 33.97 15.06 23.41
CA GLU C 418 33.18 16.25 23.10
C GLU C 418 32.10 15.92 22.09
N LEU C 419 30.90 16.45 22.32
CA LEU C 419 29.87 16.36 21.31
C LEU C 419 30.27 17.21 20.12
N ALA C 420 30.31 16.60 18.93
CA ALA C 420 30.83 17.26 17.74
C ALA C 420 29.82 18.17 17.07
N ALA C 421 28.60 18.25 17.61
CA ALA C 421 27.59 19.15 17.07
C ALA C 421 26.95 19.91 18.23
N ALA C 422 25.90 20.68 17.95
CA ALA C 422 25.22 21.41 19.00
C ALA C 422 24.63 20.42 20.00
N PRO C 423 24.71 20.70 21.31
CA PRO C 423 24.11 19.79 22.29
C PRO C 423 22.63 19.54 22.06
N GLU C 424 21.92 20.48 21.43
CA GLU C 424 20.50 20.35 21.17
C GLU C 424 20.19 19.55 19.91
N SER C 425 21.21 19.26 19.09
CA SER C 425 20.99 18.57 17.83
C SER C 425 20.75 17.08 18.01
N TYR C 426 21.21 16.50 19.11
CA TYR C 426 21.07 15.07 19.34
C TYR C 426 19.65 14.79 19.79
N ARG C 427 18.88 14.08 18.96
CA ARG C 427 17.48 13.80 19.25
C ARG C 427 17.19 12.37 18.87
N ASP C 428 16.00 11.89 19.26
CA ASP C 428 15.61 10.52 18.98
C ASP C 428 15.08 10.39 17.56
N ASP C 429 15.35 9.26 16.93
CA ASP C 429 14.74 8.93 15.65
C ASP C 429 13.62 7.94 15.93
N TYR C 430 12.42 8.47 16.12
CA TYR C 430 11.27 7.64 16.45
C TYR C 430 10.75 6.86 15.24
N ARG C 431 11.23 7.17 14.04
CA ARG C 431 10.79 6.46 12.85
CA ARG C 431 10.80 6.47 12.84
C ARG C 431 11.48 5.11 12.68
N LYS C 432 12.48 4.81 13.51
CA LYS C 432 13.17 3.54 13.50
C LYS C 432 12.34 2.48 14.21
N MET C 433 12.54 1.21 13.83
CA MET C 433 11.84 0.12 14.50
C MET C 433 12.30 -0.05 15.94
N VAL C 434 13.56 0.26 16.23
CA VAL C 434 14.07 0.37 17.59
C VAL C 434 14.66 1.76 17.72
N VAL C 435 14.06 2.58 18.59
CA VAL C 435 14.44 3.98 18.66
C VAL C 435 15.86 4.13 19.19
N GLU C 436 16.66 4.88 18.46
CA GLU C 436 18.05 5.17 18.72
C GLU C 436 18.24 6.65 18.50
N PRO C 437 19.35 7.25 18.92
CA PRO C 437 19.63 8.63 18.52
C PRO C 437 19.64 8.76 17.01
N ALA C 438 19.46 9.99 16.53
CA ALA C 438 19.42 10.16 15.08
C ALA C 438 20.80 9.85 14.51
N SER C 439 20.82 9.41 13.25
CA SER C 439 22.00 8.72 12.72
C SER C 439 23.28 9.54 12.77
N PRO C 440 23.32 10.81 12.29
CA PRO C 440 24.59 11.55 12.33
C PRO C 440 24.98 11.98 13.75
N CYS C 441 25.17 11.00 14.63
CA CYS C 441 25.58 11.22 16.02
C CYS C 441 27.11 11.19 16.08
N LEU C 442 27.73 12.36 16.11
CA LEU C 442 29.18 12.47 16.01
C LEU C 442 29.80 12.97 17.32
N ILE C 443 30.98 12.44 17.65
CA ILE C 443 31.73 12.83 18.85
C ILE C 443 33.23 12.84 18.56
N ARG C 444 33.98 13.47 19.47
CA ARG C 444 35.44 13.51 19.45
C ARG C 444 35.99 12.89 20.73
N TYR C 445 37.16 12.24 20.60
CA TYR C 445 37.82 11.59 21.74
C TYR C 445 39.29 11.97 21.82
N ARG C 446 39.82 11.94 23.05
CA ARG C 446 41.25 12.09 23.32
C ARG C 446 41.62 11.17 24.48
N ARG C 447 42.91 10.84 24.57
CA ARG C 447 43.39 9.96 25.65
C ARG C 447 43.46 10.72 26.97
N ARG C 448 43.06 10.04 28.04
CA ARG C 448 43.08 10.63 29.38
C ARG C 448 44.50 10.62 29.96
#